data_6BJY
#
_entry.id   6BJY
#
_cell.length_a   75.480
_cell.length_b   165.480
_cell.length_c   234.460
_cell.angle_alpha   90.00
_cell.angle_beta   90.00
_cell.angle_gamma   90.00
#
_symmetry.space_group_name_H-M   'P 2 21 21'
#
loop_
_entity.id
_entity.type
_entity.pdbx_description
1 polymer 'RNA (45-MER)'
2 polymer Nucleoprotein
3 non-polymer 4-{[4-(acetylamino)-1-methyl-1H-pyrrole-2-carbonyl]amino}-1-methyl-N-{4-[(1-methyl-1H-pyrrol-3-yl)amino]-4-oxobutyl}-1H-imidazole-2-carboxamide
4 non-polymer 'URANYL (VI) ION'
#
loop_
_entity_poly.entity_id
_entity_poly.type
_entity_poly.pdbx_seq_one_letter_code
_entity_poly.pdbx_strand_id
1 'polyribonucleotide' UUUUUUUUUUUUUUUUUUUUUUUUUUUUUUUUUUUUUUUUUUUUU R
2 'polypeptide(L)'
;SVTVKRIIDNTVIVPKLPANEDPVEYPADYFRKSKEIPLYINTTKSLSDLRGYVYQGLKSGNVSIIHVNSYLYGALKDIR
GKLDKDWSSFGINIGKAGDTIGIFDLVSLKALDGVLPDGVSDASRTSADDKWLPLYLLGLYRVGRTQMPEYRKKLMDGLT
NQCKMINEQFEPLVPEGRDIFDVWGNDSNYTKIVAAVDMFFHMFKKHECASFRYGTIVSRFKDCAALATFGHLCKITGMS
TEDVTTWILNREVADEMVQMMLPGQEIDKADSYMPYLIDFGLSSKSPYSSVKNPAFHFWGQLTALLLRSTRARNARQPDD
IEYTSLTTAGLLYAYAVGSSADLAQQFCVGDNKYTPDDSTGGLTTNAPPQGRDVVEWLGWFEDQNRKPTPDMMQYAKRAV
MSLQGLREKTIGKYAKSEFDK
;
A,B,C,D,E
#
loop_
_chem_comp.id
_chem_comp.type
_chem_comp.name
_chem_comp.formula
DV4 non-polymer 4-{[4-(acetylamino)-1-methyl-1H-pyrrole-2-carbonyl]amino}-1-methyl-N-{4-[(1-methyl-1H-pyrrol-3-yl)amino]-4-oxobutyl}-1H-imidazole-2-carboxamide 'C22 H28 N8 O4'
IUM non-polymer 'URANYL (VI) ION' 'O2 U 2'
U RNA linking URIDINE-5'-MONOPHOSPHATE 'C9 H13 N2 O9 P'
#
# COMPACT_ATOMS: atom_id res chain seq x y z
N SER B 1 -11.67 -26.47 26.09
CA SER B 1 -11.25 -25.14 25.67
C SER B 1 -12.44 -24.21 25.45
N VAL B 2 -13.44 -24.34 26.34
CA VAL B 2 -14.65 -23.54 26.25
C VAL B 2 -14.50 -22.20 26.94
N THR B 3 -13.99 -22.21 28.16
CA THR B 3 -13.90 -21.02 29.01
C THR B 3 -12.50 -20.44 28.98
N VAL B 4 -12.40 -19.13 28.73
CA VAL B 4 -11.15 -18.39 28.75
C VAL B 4 -11.27 -17.28 29.77
N LYS B 5 -10.23 -17.08 30.57
CA LYS B 5 -10.28 -16.11 31.65
C LYS B 5 -9.02 -15.26 31.70
N ARG B 6 -9.23 -13.95 31.84
CA ARG B 6 -8.18 -13.01 32.19
C ARG B 6 -7.65 -13.31 33.59
N ILE B 7 -6.34 -13.53 33.68
CA ILE B 7 -5.72 -14.04 34.91
C ILE B 7 -5.34 -12.95 35.90
N ILE B 8 -5.16 -11.71 35.47
CA ILE B 8 -4.70 -10.68 36.39
C ILE B 8 -5.78 -10.29 37.38
N ASP B 9 -7.05 -10.41 36.98
CA ASP B 9 -8.17 -10.10 37.86
C ASP B 9 -9.18 -11.23 37.95
N ASN B 10 -8.88 -12.38 37.31
CA ASN B 10 -9.69 -13.59 37.46
C ASN B 10 -11.08 -13.42 36.86
N THR B 11 -11.14 -12.80 35.68
CA THR B 11 -12.42 -12.53 35.03
C THR B 11 -12.59 -13.42 33.80
N VAL B 12 -13.84 -13.59 33.37
CA VAL B 12 -14.17 -14.46 32.24
C VAL B 12 -14.33 -13.61 30.99
N ILE B 13 -13.67 -14.02 29.90
CA ILE B 13 -13.85 -13.39 28.60
C ILE B 13 -14.39 -14.45 27.65
N VAL B 14 -15.29 -14.03 26.76
CA VAL B 14 -15.95 -14.91 25.81
C VAL B 14 -15.55 -14.47 24.40
N PRO B 15 -14.54 -15.11 23.80
CA PRO B 15 -14.15 -14.74 22.45
C PRO B 15 -15.24 -15.07 21.44
N LYS B 16 -15.55 -14.11 20.58
CA LYS B 16 -16.59 -14.29 19.57
C LYS B 16 -16.29 -13.35 18.42
N LEU B 17 -16.63 -13.78 17.21
CA LEU B 17 -16.38 -13.01 16.00
C LEU B 17 -17.64 -12.95 15.16
N PRO B 18 -17.76 -11.95 14.28
CA PRO B 18 -18.98 -11.83 13.47
C PRO B 18 -19.27 -13.12 12.72
N ALA B 19 -20.56 -13.39 12.53
CA ALA B 19 -20.96 -14.61 11.86
C ALA B 19 -20.76 -14.51 10.35
N ASN B 20 -20.66 -15.67 9.71
CA ASN B 20 -20.54 -15.76 8.25
C ASN B 20 -21.35 -16.99 7.84
N GLU B 21 -22.58 -16.75 7.37
CA GLU B 21 -23.46 -17.85 7.00
C GLU B 21 -23.23 -18.29 5.57
N ASP B 22 -23.90 -17.62 4.63
CA ASP B 22 -23.86 -17.91 3.20
C ASP B 22 -23.53 -19.38 2.93
N PRO B 23 -24.40 -20.31 3.33
CA PRO B 23 -24.10 -21.72 3.13
C PRO B 23 -24.12 -22.08 1.64
N VAL B 24 -23.42 -23.15 1.31
CA VAL B 24 -23.35 -23.57 -0.08
C VAL B 24 -24.67 -24.20 -0.48
N GLU B 25 -24.97 -24.16 -1.77
CA GLU B 25 -26.23 -24.67 -2.29
C GLU B 25 -25.92 -25.68 -3.39
N TYR B 26 -26.34 -26.92 -3.17
CA TYR B 26 -26.02 -27.99 -4.09
C TYR B 26 -27.09 -28.11 -5.17
N PRO B 27 -26.69 -28.50 -6.38
CA PRO B 27 -27.69 -28.71 -7.44
C PRO B 27 -28.73 -29.74 -7.06
N ALA B 28 -28.32 -30.79 -6.34
CA ALA B 28 -29.28 -31.80 -5.91
C ALA B 28 -30.33 -31.21 -4.98
N ASP B 29 -29.91 -30.36 -4.05
CA ASP B 29 -30.83 -29.72 -3.10
C ASP B 29 -31.70 -28.64 -3.75
N TYR B 30 -31.74 -28.62 -5.09
CA TYR B 30 -32.64 -27.76 -5.85
C TYR B 30 -33.80 -28.51 -6.47
N PHE B 31 -33.56 -29.70 -7.03
CA PHE B 31 -34.63 -30.51 -7.59
C PHE B 31 -35.51 -31.16 -6.54
N ARG B 32 -35.20 -31.00 -5.26
CA ARG B 32 -36.12 -31.42 -4.20
C ARG B 32 -37.25 -30.41 -3.99
N LYS B 33 -37.09 -29.18 -4.49
CA LYS B 33 -38.16 -28.18 -4.48
C LYS B 33 -38.90 -28.16 -5.80
N SER B 34 -38.19 -27.91 -6.90
CA SER B 34 -38.79 -27.84 -8.22
C SER B 34 -38.33 -29.01 -9.09
N LYS B 35 -39.17 -29.32 -10.09
CA LYS B 35 -38.89 -30.38 -11.05
C LYS B 35 -38.67 -29.83 -12.45
N GLU B 36 -38.47 -28.53 -12.59
CA GLU B 36 -38.33 -27.91 -13.89
C GLU B 36 -37.41 -26.70 -13.78
N ILE B 37 -36.83 -26.32 -14.91
CA ILE B 37 -36.03 -25.11 -15.02
C ILE B 37 -36.87 -24.10 -15.81
N PRO B 38 -37.36 -23.04 -15.18
CA PRO B 38 -38.25 -22.09 -15.88
C PRO B 38 -37.46 -21.16 -16.78
N LEU B 39 -37.85 -21.09 -18.04
CA LEU B 39 -37.26 -20.17 -19.01
C LEU B 39 -38.34 -19.18 -19.42
N TYR B 40 -38.29 -17.96 -18.87
CA TYR B 40 -39.30 -16.95 -19.15
C TYR B 40 -38.80 -16.20 -20.39
N ILE B 41 -39.39 -16.48 -21.55
CA ILE B 41 -38.99 -15.80 -22.78
C ILE B 41 -40.03 -15.96 -23.88
N ASN B 42 -40.85 -14.93 -24.09
CA ASN B 42 -41.88 -14.99 -25.11
C ASN B 42 -42.19 -13.63 -25.72
N THR B 43 -43.42 -13.16 -25.59
CA THR B 43 -43.87 -11.99 -26.35
C THR B 43 -43.69 -12.29 -27.83
N THR B 44 -43.89 -13.57 -28.16
CA THR B 44 -43.68 -14.19 -29.46
C THR B 44 -44.50 -13.61 -30.61
N LYS B 45 -43.99 -12.58 -31.27
CA LYS B 45 -44.64 -12.04 -32.46
C LYS B 45 -43.65 -12.08 -33.62
N SER B 46 -43.87 -12.99 -34.56
CA SER B 46 -43.16 -12.97 -35.84
C SER B 46 -41.65 -13.13 -35.66
N LEU B 47 -41.11 -14.32 -35.96
CA LEU B 47 -39.67 -14.53 -35.81
C LEU B 47 -38.90 -13.65 -36.78
N SER B 48 -39.45 -13.47 -37.98
CA SER B 48 -38.78 -12.65 -38.98
C SER B 48 -38.61 -11.22 -38.47
N ASP B 49 -39.59 -10.71 -37.73
CA ASP B 49 -39.47 -9.37 -37.15
C ASP B 49 -38.37 -9.33 -36.10
N LEU B 50 -38.22 -10.40 -35.30
CA LEU B 50 -37.17 -10.44 -34.30
C LEU B 50 -35.79 -10.40 -34.94
N ARG B 51 -35.63 -11.05 -36.09
CA ARG B 51 -34.34 -10.99 -36.79
C ARG B 51 -33.93 -9.54 -37.02
N GLY B 52 -34.82 -8.75 -37.64
CA GLY B 52 -34.52 -7.35 -37.89
C GLY B 52 -34.40 -6.54 -36.61
N TYR B 53 -35.24 -6.83 -35.62
CA TYR B 53 -35.14 -6.15 -34.34
C TYR B 53 -33.72 -6.21 -33.81
N VAL B 54 -33.18 -7.43 -33.68
CA VAL B 54 -31.87 -7.60 -33.08
C VAL B 54 -30.78 -7.05 -34.00
N TYR B 55 -30.93 -7.23 -35.31
CA TYR B 55 -29.94 -6.68 -36.24
C TYR B 55 -29.82 -5.18 -36.09
N GLN B 56 -30.95 -4.47 -36.13
CA GLN B 56 -30.89 -3.01 -36.05
C GLN B 56 -30.50 -2.54 -34.65
N GLY B 57 -30.91 -3.25 -33.61
CA GLY B 57 -30.53 -2.87 -32.26
C GLY B 57 -29.06 -3.04 -31.97
N LEU B 58 -28.42 -4.04 -32.58
CA LEU B 58 -26.99 -4.23 -32.34
C LEU B 58 -26.17 -3.16 -33.04
N LYS B 59 -26.57 -2.76 -34.25
CA LYS B 59 -25.87 -1.71 -34.97
C LYS B 59 -26.09 -0.33 -34.38
N SER B 60 -26.74 -0.21 -33.23
CA SER B 60 -26.99 1.08 -32.60
C SER B 60 -26.54 1.10 -31.16
N GLY B 61 -26.57 -0.07 -30.51
CA GLY B 61 -26.22 -0.18 -29.11
C GLY B 61 -27.44 0.09 -28.25
N ASN B 62 -28.60 -0.36 -28.72
CA ASN B 62 -29.87 -0.10 -28.06
C ASN B 62 -30.65 -1.38 -27.75
N VAL B 63 -30.45 -2.41 -28.58
CA VAL B 63 -31.15 -3.68 -28.52
C VAL B 63 -31.46 -4.18 -27.11
N SER B 64 -32.71 -4.59 -26.88
CA SER B 64 -33.17 -5.12 -25.62
C SER B 64 -32.73 -6.57 -25.45
N ILE B 65 -32.45 -6.96 -24.20
CA ILE B 65 -32.07 -8.35 -23.93
C ILE B 65 -33.26 -9.29 -24.16
N ILE B 66 -34.48 -8.84 -23.88
CA ILE B 66 -35.66 -9.66 -24.15
C ILE B 66 -35.74 -9.98 -25.62
N HIS B 67 -35.42 -9.00 -26.48
CA HIS B 67 -35.50 -9.21 -27.92
C HIS B 67 -34.55 -10.31 -28.37
N VAL B 68 -33.30 -10.27 -27.89
CA VAL B 68 -32.33 -11.28 -28.29
C VAL B 68 -32.69 -12.64 -27.71
N ASN B 69 -33.28 -12.67 -26.51
CA ASN B 69 -33.71 -13.95 -25.95
C ASN B 69 -34.80 -14.57 -26.81
N SER B 70 -35.79 -13.77 -27.21
CA SER B 70 -36.86 -14.29 -28.06
C SER B 70 -36.30 -14.74 -29.42
N TYR B 71 -35.39 -13.96 -30.01
CA TYR B 71 -34.83 -14.34 -31.29
C TYR B 71 -34.04 -15.63 -31.19
N LEU B 72 -33.24 -15.77 -30.12
CA LEU B 72 -32.48 -17.01 -29.94
C LEU B 72 -33.42 -18.20 -29.81
N TYR B 73 -34.50 -18.05 -29.04
CA TYR B 73 -35.46 -19.15 -28.94
C TYR B 73 -36.04 -19.49 -30.31
N GLY B 74 -36.42 -18.47 -31.07
CA GLY B 74 -37.04 -18.72 -32.37
C GLY B 74 -36.10 -19.38 -33.36
N ALA B 75 -34.86 -18.89 -33.43
CA ALA B 75 -33.90 -19.42 -34.40
C ALA B 75 -33.34 -20.76 -33.97
N LEU B 76 -33.30 -21.03 -32.67
CA LEU B 76 -32.77 -22.29 -32.14
C LEU B 76 -33.88 -23.27 -31.80
N LYS B 77 -34.85 -23.40 -32.70
CA LYS B 77 -35.84 -24.46 -32.61
C LYS B 77 -35.37 -25.75 -33.27
N ASP B 78 -34.04 -25.94 -33.33
CA ASP B 78 -33.46 -27.13 -33.91
C ASP B 78 -33.87 -28.35 -33.08
N ILE B 79 -34.81 -29.13 -33.61
CA ILE B 79 -35.30 -30.31 -32.92
C ILE B 79 -34.55 -31.55 -33.40
N ARG B 80 -33.34 -31.36 -33.92
CA ARG B 80 -32.50 -32.44 -34.42
C ARG B 80 -31.73 -33.09 -33.27
N GLY B 81 -31.93 -34.39 -33.06
CA GLY B 81 -31.11 -35.09 -32.09
C GLY B 81 -31.62 -36.44 -31.60
N LYS B 82 -31.28 -37.50 -32.33
CA LYS B 82 -31.67 -38.86 -31.94
C LYS B 82 -30.72 -39.40 -30.87
N LEU B 83 -31.27 -39.69 -29.69
CA LEU B 83 -30.49 -40.21 -28.57
C LEU B 83 -30.10 -41.67 -28.78
N ASP B 84 -28.85 -42.00 -28.45
CA ASP B 84 -28.41 -43.39 -28.59
C ASP B 84 -29.01 -44.27 -27.49
N LYS B 85 -28.92 -43.83 -26.24
CA LYS B 85 -29.56 -44.57 -25.16
C LYS B 85 -30.60 -43.70 -24.47
N ASP B 86 -30.54 -43.63 -23.14
CA ASP B 86 -31.46 -42.80 -22.37
C ASP B 86 -30.72 -41.62 -21.76
N TRP B 87 -31.49 -40.58 -21.43
CA TRP B 87 -30.95 -39.36 -20.85
C TRP B 87 -31.83 -38.96 -19.67
N SER B 88 -31.28 -39.10 -18.46
CA SER B 88 -31.96 -38.73 -17.23
C SER B 88 -30.93 -38.13 -16.28
N SER B 89 -31.32 -37.07 -15.58
CA SER B 89 -30.43 -36.40 -14.65
C SER B 89 -31.24 -35.82 -13.49
N PHE B 90 -30.76 -36.04 -12.27
CA PHE B 90 -31.40 -35.52 -11.07
C PHE B 90 -32.88 -35.89 -11.02
N GLY B 91 -33.19 -37.09 -11.51
CA GLY B 91 -34.54 -37.60 -11.53
C GLY B 91 -35.35 -37.19 -12.74
N ILE B 92 -35.01 -36.07 -13.37
CA ILE B 92 -35.71 -35.61 -14.55
C ILE B 92 -35.31 -36.47 -15.74
N ASN B 93 -36.30 -37.10 -16.38
CA ASN B 93 -36.08 -37.90 -17.58
C ASN B 93 -36.34 -37.03 -18.79
N ILE B 94 -35.27 -36.69 -19.53
CA ILE B 94 -35.37 -35.83 -20.70
C ILE B 94 -35.09 -36.60 -21.98
N GLY B 95 -34.99 -37.92 -21.93
CA GLY B 95 -34.76 -38.68 -23.13
C GLY B 95 -34.82 -40.18 -22.95
N LYS B 96 -35.38 -40.87 -23.94
CA LYS B 96 -35.56 -42.31 -23.93
C LYS B 96 -35.01 -42.89 -25.21
N ALA B 97 -34.85 -44.22 -25.22
CA ALA B 97 -34.58 -45.02 -26.41
C ALA B 97 -34.03 -44.19 -27.57
N GLY B 98 -34.78 -44.16 -28.67
CA GLY B 98 -34.39 -43.41 -29.85
C GLY B 98 -35.30 -42.22 -30.11
N ASP B 99 -35.45 -41.36 -29.11
CA ASP B 99 -36.30 -40.18 -29.20
C ASP B 99 -35.64 -39.09 -30.01
N THR B 100 -36.48 -38.21 -30.57
CA THR B 100 -36.05 -37.07 -31.38
C THR B 100 -36.13 -35.83 -30.48
N ILE B 101 -35.11 -35.68 -29.63
CA ILE B 101 -35.09 -34.60 -28.64
C ILE B 101 -34.62 -33.31 -29.29
N GLY B 102 -34.84 -32.19 -28.60
CA GLY B 102 -34.44 -30.88 -29.09
C GLY B 102 -33.64 -30.12 -28.04
N ILE B 103 -33.36 -28.86 -28.32
CA ILE B 103 -32.60 -28.02 -27.39
C ILE B 103 -33.48 -27.72 -26.19
N PHE B 104 -34.34 -26.71 -26.34
CA PHE B 104 -35.22 -26.20 -25.29
C PHE B 104 -36.16 -27.24 -24.68
N ASP B 105 -35.76 -28.51 -24.63
CA ASP B 105 -36.55 -29.50 -23.89
C ASP B 105 -36.29 -29.40 -22.39
N LEU B 106 -36.01 -28.19 -21.89
CA LEU B 106 -35.84 -27.94 -20.47
C LEU B 106 -36.94 -27.02 -19.93
N VAL B 107 -38.16 -27.22 -20.44
CA VAL B 107 -39.33 -26.44 -20.07
C VAL B 107 -39.13 -25.00 -20.52
N SER B 108 -40.08 -24.48 -21.28
CA SER B 108 -40.07 -23.10 -21.75
C SER B 108 -41.41 -22.49 -21.42
N LEU B 109 -41.39 -21.24 -20.96
CA LEU B 109 -42.61 -20.56 -20.57
C LEU B 109 -42.53 -19.11 -21.07
N LYS B 110 -43.64 -18.39 -20.90
CA LYS B 110 -43.87 -17.16 -21.64
C LYS B 110 -43.78 -15.91 -20.77
N ALA B 111 -43.09 -14.90 -21.30
CA ALA B 111 -42.83 -13.64 -20.63
C ALA B 111 -44.06 -12.74 -20.63
N LEU B 112 -44.12 -11.85 -19.63
CA LEU B 112 -45.18 -10.85 -19.45
C LEU B 112 -45.63 -10.10 -20.71
N ASP B 113 -45.26 -8.82 -20.85
CA ASP B 113 -46.02 -8.01 -21.81
C ASP B 113 -45.26 -6.98 -22.65
N GLY B 114 -44.25 -6.33 -22.08
CA GLY B 114 -43.66 -5.15 -22.71
C GLY B 114 -42.58 -5.43 -23.74
N VAL B 115 -42.69 -4.78 -24.90
CA VAL B 115 -41.66 -4.82 -25.93
C VAL B 115 -41.47 -3.41 -26.48
N LEU B 116 -40.34 -3.20 -27.17
CA LEU B 116 -39.96 -1.86 -27.55
C LEU B 116 -40.73 -1.37 -28.78
N PRO B 117 -40.28 -1.67 -30.02
CA PRO B 117 -40.85 -0.95 -31.17
C PRO B 117 -42.14 -1.55 -31.72
N ASP B 118 -42.42 -1.22 -32.99
CA ASP B 118 -43.62 -1.66 -33.70
C ASP B 118 -43.26 -2.86 -34.58
N GLY B 119 -44.01 -3.95 -34.41
CA GLY B 119 -43.95 -5.05 -35.35
C GLY B 119 -43.62 -4.65 -36.77
N VAL B 120 -42.87 -5.51 -37.47
CA VAL B 120 -42.39 -5.24 -38.82
C VAL B 120 -41.49 -4.01 -38.80
N SER B 121 -40.20 -4.22 -38.53
CA SER B 121 -39.21 -3.15 -38.44
C SER B 121 -38.58 -2.91 -39.81
N ASP B 122 -37.38 -3.43 -40.02
CA ASP B 122 -36.67 -3.31 -41.28
C ASP B 122 -36.59 -4.70 -41.91
N ALA B 123 -37.28 -4.86 -43.04
CA ALA B 123 -37.22 -6.11 -43.82
C ALA B 123 -35.94 -6.21 -44.62
N SER B 124 -34.82 -5.75 -44.06
CA SER B 124 -33.56 -5.74 -44.79
C SER B 124 -32.86 -7.09 -44.78
N ARG B 125 -32.81 -7.76 -43.62
CA ARG B 125 -32.09 -9.01 -43.51
C ARG B 125 -32.90 -10.16 -44.07
N THR B 126 -32.20 -11.17 -44.57
CA THR B 126 -32.83 -12.31 -45.21
C THR B 126 -32.65 -13.56 -44.34
N SER B 127 -32.84 -14.73 -44.94
CA SER B 127 -32.78 -16.00 -44.20
C SER B 127 -31.35 -16.38 -43.84
N ALA B 128 -30.52 -15.38 -43.55
CA ALA B 128 -29.18 -15.56 -43.04
C ALA B 128 -29.13 -15.71 -41.53
N ASP B 129 -30.26 -15.98 -40.89
CA ASP B 129 -30.36 -15.94 -39.43
C ASP B 129 -29.62 -17.09 -38.76
N ASP B 130 -30.21 -18.29 -38.76
CA ASP B 130 -29.59 -19.44 -38.08
C ASP B 130 -28.26 -19.87 -38.70
N LYS B 131 -27.69 -19.05 -39.59
CA LYS B 131 -26.39 -19.32 -40.19
C LYS B 131 -25.27 -18.70 -39.39
N TRP B 132 -25.44 -17.49 -38.87
CA TRP B 132 -24.37 -16.87 -38.09
C TRP B 132 -24.88 -16.11 -36.87
N LEU B 133 -26.03 -15.45 -36.99
CA LEU B 133 -26.52 -14.55 -35.94
C LEU B 133 -26.59 -15.21 -34.56
N PRO B 134 -27.17 -16.41 -34.39
CA PRO B 134 -27.18 -17.01 -33.04
C PRO B 134 -25.78 -17.25 -32.50
N LEU B 135 -24.85 -17.66 -33.36
CA LEU B 135 -23.47 -17.84 -32.94
C LEU B 135 -22.90 -16.55 -32.37
N TYR B 136 -23.18 -15.43 -33.03
CA TYR B 136 -22.73 -14.12 -32.56
C TYR B 136 -23.35 -13.79 -31.21
N LEU B 137 -24.68 -13.92 -31.11
CA LEU B 137 -25.36 -13.57 -29.87
C LEU B 137 -24.83 -14.40 -28.70
N LEU B 138 -24.50 -15.67 -28.95
CA LEU B 138 -24.02 -16.50 -27.85
C LEU B 138 -22.55 -16.22 -27.52
N GLY B 139 -21.72 -15.92 -28.52
CA GLY B 139 -20.32 -15.59 -28.24
C GLY B 139 -20.14 -14.27 -27.52
N LEU B 140 -21.08 -13.36 -27.70
CA LEU B 140 -20.98 -12.09 -26.98
C LEU B 140 -20.97 -12.30 -25.47
N TYR B 141 -21.48 -13.45 -25.00
CA TYR B 141 -21.44 -13.75 -23.57
C TYR B 141 -20.00 -13.91 -23.07
N ARG B 142 -19.21 -14.76 -23.74
CA ARG B 142 -17.82 -14.89 -23.33
C ARG B 142 -17.06 -13.59 -23.55
N VAL B 143 -17.42 -12.81 -24.59
CA VAL B 143 -16.69 -11.56 -24.74
C VAL B 143 -17.03 -10.58 -23.61
N GLY B 144 -18.27 -10.60 -23.11
CA GLY B 144 -18.67 -9.70 -22.05
C GLY B 144 -18.27 -10.14 -20.66
N ARG B 145 -17.90 -11.40 -20.45
CA ARG B 145 -17.61 -11.85 -19.10
C ARG B 145 -16.24 -11.41 -18.57
N THR B 146 -15.45 -10.67 -19.34
CA THR B 146 -14.10 -10.26 -18.96
C THR B 146 -13.99 -8.73 -18.89
N GLN B 147 -12.81 -8.25 -18.47
CA GLN B 147 -12.53 -6.83 -18.34
C GLN B 147 -11.17 -6.39 -18.87
N MET B 148 -10.21 -7.27 -19.05
CA MET B 148 -8.88 -6.89 -19.54
C MET B 148 -8.83 -6.93 -21.06
N PRO B 149 -7.80 -6.33 -21.66
CA PRO B 149 -7.71 -6.29 -23.13
C PRO B 149 -7.77 -7.65 -23.81
N GLU B 150 -8.18 -8.68 -23.06
CA GLU B 150 -8.47 -9.97 -23.67
C GLU B 150 -9.77 -9.92 -24.47
N TYR B 151 -10.64 -8.94 -24.23
CA TYR B 151 -11.90 -8.89 -24.94
C TYR B 151 -11.65 -8.74 -26.44
N ARG B 152 -10.68 -7.89 -26.80
CA ARG B 152 -10.31 -7.71 -28.20
C ARG B 152 -9.51 -8.87 -28.76
N LYS B 153 -8.97 -9.74 -27.92
CA LYS B 153 -8.38 -10.98 -28.40
C LYS B 153 -9.40 -12.09 -28.58
N LYS B 154 -10.57 -11.98 -27.93
CA LYS B 154 -11.63 -12.96 -28.10
C LYS B 154 -12.72 -12.54 -29.08
N LEU B 155 -12.91 -11.24 -29.30
CA LEU B 155 -13.85 -10.83 -30.34
C LEU B 155 -13.27 -11.05 -31.73
N MET B 156 -11.95 -11.04 -31.85
CA MET B 156 -11.34 -11.49 -33.11
C MET B 156 -11.66 -12.96 -33.34
N ASP B 157 -11.58 -13.79 -32.29
CA ASP B 157 -11.96 -15.19 -32.39
C ASP B 157 -13.41 -15.30 -32.87
N GLY B 158 -14.30 -14.51 -32.27
CA GLY B 158 -15.69 -14.50 -32.68
C GLY B 158 -15.87 -14.13 -34.13
N LEU B 159 -15.38 -12.94 -34.53
CA LEU B 159 -15.57 -12.49 -35.90
C LEU B 159 -14.94 -13.44 -36.90
N THR B 160 -13.85 -14.11 -36.52
CA THR B 160 -13.21 -15.05 -37.44
C THR B 160 -14.02 -16.34 -37.55
N ASN B 161 -14.78 -16.68 -36.51
CA ASN B 161 -15.62 -17.86 -36.63
C ASN B 161 -16.95 -17.57 -37.31
N GLN B 162 -17.44 -16.33 -37.25
CA GLN B 162 -18.64 -15.97 -38.01
C GLN B 162 -18.32 -15.53 -39.43
N CYS B 163 -17.05 -15.51 -39.81
CA CYS B 163 -16.66 -15.22 -41.19
C CYS B 163 -16.45 -16.49 -41.99
N LYS B 164 -16.35 -17.63 -41.31
CA LYS B 164 -16.20 -18.92 -41.96
C LYS B 164 -17.57 -19.44 -42.38
N MET B 165 -17.70 -19.79 -43.65
CA MET B 165 -18.91 -20.29 -44.27
C MET B 165 -20.03 -19.25 -44.31
N ILE B 166 -19.77 -18.03 -43.87
CA ILE B 166 -20.78 -16.98 -43.80
C ILE B 166 -20.21 -15.69 -44.39
N ASN B 167 -19.05 -15.27 -43.90
CA ASN B 167 -18.36 -14.06 -44.34
C ASN B 167 -19.18 -12.81 -44.02
N GLU B 168 -19.16 -12.37 -42.77
CA GLU B 168 -19.79 -11.11 -42.38
C GLU B 168 -18.78 -10.22 -41.67
N GLN B 169 -19.24 -9.33 -40.78
CA GLN B 169 -18.31 -8.42 -40.12
C GLN B 169 -18.72 -8.12 -38.69
N PHE B 170 -18.34 -6.94 -38.19
CA PHE B 170 -18.67 -6.45 -36.86
C PHE B 170 -20.02 -5.74 -36.83
N GLU B 171 -20.56 -5.57 -35.62
CA GLU B 171 -21.84 -4.89 -35.45
C GLU B 171 -21.64 -3.60 -34.65
N PRO B 172 -21.49 -3.65 -33.31
CA PRO B 172 -21.30 -2.40 -32.56
C PRO B 172 -19.91 -1.84 -32.77
N LEU B 173 -19.63 -0.67 -32.19
CA LEU B 173 -18.35 -0.02 -32.37
C LEU B 173 -17.57 0.11 -31.08
N VAL B 174 -18.25 0.30 -29.96
CA VAL B 174 -17.49 0.46 -28.71
C VAL B 174 -16.86 -0.88 -28.36
N PRO B 175 -15.63 -0.90 -27.85
CA PRO B 175 -15.01 -2.18 -27.50
C PRO B 175 -15.77 -2.93 -26.42
N GLU B 176 -15.49 -2.62 -25.16
CA GLU B 176 -16.06 -3.37 -24.05
C GLU B 176 -15.81 -2.62 -22.76
N GLY B 177 -15.56 -3.33 -21.66
CA GLY B 177 -15.43 -2.73 -20.36
C GLY B 177 -16.62 -2.83 -19.43
N ARG B 178 -17.47 -3.83 -19.61
CA ARG B 178 -18.65 -4.06 -18.77
C ARG B 178 -19.55 -2.82 -18.72
N ASP B 179 -20.24 -2.60 -19.84
CA ASP B 179 -21.17 -1.48 -19.95
C ASP B 179 -22.21 -1.70 -21.04
N ILE B 180 -21.80 -2.26 -22.17
CA ILE B 180 -22.67 -2.29 -23.35
C ILE B 180 -23.52 -3.56 -23.37
N PHE B 181 -23.04 -4.61 -24.03
CA PHE B 181 -23.78 -5.86 -24.08
C PHE B 181 -23.34 -6.81 -22.98
N ASP B 182 -22.28 -6.46 -22.25
CA ASP B 182 -21.74 -7.30 -21.20
C ASP B 182 -22.68 -7.43 -20.01
N VAL B 183 -23.75 -6.65 -20.00
CA VAL B 183 -24.80 -6.77 -18.99
C VAL B 183 -25.64 -8.03 -19.19
N TRP B 184 -25.69 -8.58 -20.41
CA TRP B 184 -26.58 -9.70 -20.69
C TRP B 184 -26.36 -10.85 -19.73
N GLY B 185 -25.16 -10.97 -19.17
CA GLY B 185 -24.91 -12.02 -18.19
C GLY B 185 -25.86 -11.96 -17.02
N ASN B 186 -26.35 -10.77 -16.70
CA ASN B 186 -27.23 -10.56 -15.56
C ASN B 186 -28.67 -10.95 -15.84
N ASP B 187 -28.97 -11.45 -17.04
CA ASP B 187 -30.30 -11.93 -17.39
C ASP B 187 -30.36 -13.43 -17.17
N SER B 188 -31.24 -13.87 -16.27
CA SER B 188 -31.33 -15.30 -15.96
C SER B 188 -31.69 -16.11 -17.21
N ASN B 189 -32.60 -15.59 -18.03
CA ASN B 189 -33.08 -16.35 -19.18
C ASN B 189 -32.02 -16.47 -20.26
N TYR B 190 -31.22 -15.43 -20.46
CA TYR B 190 -30.13 -15.51 -21.44
C TYR B 190 -29.10 -16.56 -21.04
N THR B 191 -28.67 -16.52 -19.77
CA THR B 191 -27.74 -17.53 -19.30
C THR B 191 -28.36 -18.93 -19.39
N LYS B 192 -29.65 -19.04 -19.13
CA LYS B 192 -30.32 -20.33 -19.26
C LYS B 192 -30.28 -20.82 -20.70
N ILE B 193 -30.48 -19.91 -21.66
CA ILE B 193 -30.42 -20.29 -23.07
C ILE B 193 -29.02 -20.79 -23.41
N VAL B 194 -28.00 -20.05 -22.97
CA VAL B 194 -26.62 -20.45 -23.28
C VAL B 194 -26.32 -21.80 -22.68
N ALA B 195 -26.76 -22.04 -21.43
CA ALA B 195 -26.49 -23.31 -20.78
C ALA B 195 -27.23 -24.45 -21.46
N ALA B 196 -28.47 -24.23 -21.88
CA ALA B 196 -29.20 -25.26 -22.59
C ALA B 196 -28.52 -25.62 -23.90
N VAL B 197 -28.08 -24.61 -24.65
CA VAL B 197 -27.38 -24.87 -25.91
C VAL B 197 -26.10 -25.67 -25.65
N ASP B 198 -25.33 -25.24 -24.64
CA ASP B 198 -24.06 -25.91 -24.35
C ASP B 198 -24.28 -27.37 -23.97
N MET B 199 -25.26 -27.63 -23.10
CA MET B 199 -25.54 -29.01 -22.70
C MET B 199 -26.00 -29.84 -23.90
N PHE B 200 -26.93 -29.29 -24.70
CA PHE B 200 -27.45 -30.02 -25.85
C PHE B 200 -26.31 -30.41 -26.80
N PHE B 201 -25.44 -29.46 -27.13
CA PHE B 201 -24.36 -29.77 -28.06
C PHE B 201 -23.20 -30.49 -27.40
N HIS B 202 -23.19 -30.58 -26.07
CA HIS B 202 -22.28 -31.51 -25.40
C HIS B 202 -22.76 -32.94 -25.56
N MET B 203 -24.08 -33.14 -25.63
CA MET B 203 -24.59 -34.46 -25.96
C MET B 203 -24.35 -34.79 -27.44
N PHE B 204 -24.73 -33.87 -28.33
CA PHE B 204 -24.62 -34.11 -29.76
C PHE B 204 -23.41 -33.34 -30.32
N LYS B 205 -22.23 -33.86 -30.01
CA LYS B 205 -21.00 -33.23 -30.47
C LYS B 205 -20.84 -33.33 -31.98
N LYS B 206 -21.28 -34.45 -32.57
CA LYS B 206 -21.15 -34.64 -34.01
C LYS B 206 -22.33 -34.01 -34.74
N HIS B 207 -22.64 -32.74 -34.43
CA HIS B 207 -23.74 -32.04 -35.04
C HIS B 207 -23.21 -30.86 -35.85
N GLU B 208 -23.88 -30.56 -36.95
CA GLU B 208 -23.45 -29.46 -37.82
C GLU B 208 -23.31 -28.16 -37.05
N CYS B 209 -24.25 -27.89 -36.14
CA CYS B 209 -24.31 -26.61 -35.44
C CYS B 209 -23.57 -26.64 -34.11
N ALA B 210 -22.59 -27.54 -33.95
CA ALA B 210 -21.80 -27.55 -32.73
C ALA B 210 -20.96 -26.30 -32.56
N SER B 211 -20.79 -25.51 -33.63
CA SER B 211 -19.99 -24.29 -33.52
C SER B 211 -20.60 -23.33 -32.49
N PHE B 212 -21.91 -23.43 -32.26
CA PHE B 212 -22.55 -22.59 -31.25
C PHE B 212 -21.92 -22.76 -29.88
N ARG B 213 -21.15 -23.83 -29.65
CA ARG B 213 -20.50 -24.00 -28.37
C ARG B 213 -19.51 -22.89 -28.10
N TYR B 214 -18.95 -22.30 -29.17
CA TYR B 214 -17.92 -21.29 -29.03
C TYR B 214 -18.50 -20.11 -28.27
N GLY B 215 -17.88 -19.75 -27.14
CA GLY B 215 -18.35 -18.67 -26.33
C GLY B 215 -19.36 -19.08 -25.28
N THR B 216 -20.12 -20.14 -25.51
CA THR B 216 -21.04 -20.66 -24.52
C THR B 216 -20.41 -21.74 -23.66
N ILE B 217 -19.27 -22.28 -24.08
CA ILE B 217 -18.60 -23.34 -23.32
C ILE B 217 -18.13 -22.83 -21.97
N VAL B 218 -17.93 -21.52 -21.83
CA VAL B 218 -17.52 -20.95 -20.55
C VAL B 218 -18.65 -21.04 -19.53
N SER B 219 -19.82 -21.50 -19.96
CA SER B 219 -20.92 -21.75 -19.02
C SER B 219 -20.77 -23.10 -18.33
N ARG B 220 -20.11 -24.05 -19.00
CA ARG B 220 -19.92 -25.38 -18.44
C ARG B 220 -18.97 -25.33 -17.26
N PHE B 221 -19.41 -25.90 -16.13
CA PHE B 221 -18.64 -25.90 -14.89
C PHE B 221 -18.27 -24.49 -14.44
N LYS B 222 -19.15 -23.52 -14.70
CA LYS B 222 -18.94 -22.17 -14.17
C LYS B 222 -18.91 -22.23 -12.65
N ASP B 223 -17.97 -21.50 -12.06
CA ASP B 223 -17.83 -21.47 -10.61
C ASP B 223 -17.63 -22.88 -10.04
N CYS B 224 -16.86 -23.69 -10.75
CA CYS B 224 -16.44 -25.01 -10.29
C CYS B 224 -14.92 -25.11 -10.35
N ALA B 225 -14.24 -24.02 -10.01
CA ALA B 225 -12.79 -23.98 -10.17
C ALA B 225 -12.09 -25.00 -9.29
N ALA B 226 -12.60 -25.19 -8.07
CA ALA B 226 -11.95 -26.13 -7.16
C ALA B 226 -11.92 -27.54 -7.74
N LEU B 227 -13.02 -27.97 -8.36
CA LEU B 227 -13.02 -29.27 -9.05
C LEU B 227 -11.98 -29.30 -10.15
N ALA B 228 -11.84 -28.21 -10.90
CA ALA B 228 -10.86 -28.18 -11.98
C ALA B 228 -9.44 -28.29 -11.44
N THR B 229 -9.17 -27.64 -10.30
CA THR B 229 -7.83 -27.75 -9.72
C THR B 229 -7.59 -29.13 -9.11
N PHE B 230 -8.63 -29.77 -8.58
CA PHE B 230 -8.49 -31.13 -8.10
C PHE B 230 -8.12 -32.08 -9.25
N GLY B 231 -8.84 -31.96 -10.37
CA GLY B 231 -8.50 -32.75 -11.53
C GLY B 231 -7.11 -32.44 -12.06
N HIS B 232 -6.75 -31.16 -12.10
CA HIS B 232 -5.43 -30.76 -12.54
C HIS B 232 -4.34 -31.32 -11.63
N LEU B 233 -4.58 -31.34 -10.33
CA LEU B 233 -3.61 -31.91 -9.40
C LEU B 233 -3.46 -33.41 -9.62
N CYS B 234 -4.58 -34.10 -9.85
CA CYS B 234 -4.49 -35.51 -10.20
C CYS B 234 -3.67 -35.72 -11.47
N LYS B 235 -3.88 -34.86 -12.48
CA LYS B 235 -3.12 -34.97 -13.73
C LYS B 235 -1.64 -34.68 -13.51
N ILE B 236 -1.33 -33.72 -12.63
CA ILE B 236 0.04 -33.26 -12.47
C ILE B 236 0.86 -34.23 -11.63
N THR B 237 0.26 -34.80 -10.58
CA THR B 237 0.98 -35.77 -9.76
C THR B 237 0.98 -37.17 -10.35
N GLY B 238 0.06 -37.47 -11.26
CA GLY B 238 -0.05 -38.81 -11.77
C GLY B 238 -0.56 -39.83 -10.78
N MET B 239 -0.99 -39.38 -9.60
CA MET B 239 -1.50 -40.25 -8.55
C MET B 239 -2.99 -40.51 -8.75
N SER B 240 -3.49 -41.54 -8.06
CA SER B 240 -4.91 -41.80 -8.10
C SER B 240 -5.67 -40.69 -7.36
N THR B 241 -6.97 -40.60 -7.64
CA THR B 241 -7.78 -39.61 -6.94
C THR B 241 -7.79 -39.87 -5.44
N GLU B 242 -7.82 -41.14 -5.04
CA GLU B 242 -7.84 -41.49 -3.63
C GLU B 242 -6.50 -41.18 -2.96
N ASP B 243 -5.40 -41.43 -3.66
CA ASP B 243 -4.08 -41.11 -3.10
C ASP B 243 -3.94 -39.60 -2.89
N VAL B 244 -4.31 -38.80 -3.89
CA VAL B 244 -4.31 -37.35 -3.73
C VAL B 244 -5.17 -36.96 -2.54
N THR B 245 -6.32 -37.61 -2.36
CA THR B 245 -7.13 -37.35 -1.18
C THR B 245 -6.35 -37.66 0.09
N THR B 246 -5.62 -38.78 0.10
CA THR B 246 -4.85 -39.17 1.27
C THR B 246 -3.71 -38.21 1.57
N TRP B 247 -3.25 -37.45 0.60
CA TRP B 247 -2.17 -36.49 0.83
C TRP B 247 -2.67 -35.15 1.36
N ILE B 248 -3.96 -34.99 1.62
CA ILE B 248 -4.46 -33.78 2.24
C ILE B 248 -4.04 -33.76 3.70
N LEU B 249 -3.45 -32.63 4.14
CA LEU B 249 -2.80 -32.58 5.44
C LEU B 249 -3.29 -31.45 6.34
N ASN B 250 -4.34 -30.74 5.97
CA ASN B 250 -4.89 -29.67 6.80
C ASN B 250 -6.37 -29.90 7.05
N ARG B 251 -6.80 -29.59 8.28
CA ARG B 251 -8.19 -29.85 8.68
C ARG B 251 -9.18 -29.18 7.73
N GLU B 252 -8.92 -27.91 7.40
CA GLU B 252 -9.86 -27.16 6.59
C GLU B 252 -9.87 -27.64 5.14
N VAL B 253 -8.73 -28.11 4.65
CA VAL B 253 -8.70 -28.69 3.30
C VAL B 253 -9.52 -29.98 3.28
N ALA B 254 -9.45 -30.77 4.35
CA ALA B 254 -10.29 -31.95 4.46
C ALA B 254 -11.76 -31.57 4.51
N ASP B 255 -12.09 -30.51 5.26
CA ASP B 255 -13.48 -30.03 5.30
C ASP B 255 -13.96 -29.67 3.91
N GLU B 256 -13.17 -28.90 3.17
CA GLU B 256 -13.57 -28.47 1.84
C GLU B 256 -13.66 -29.66 0.87
N MET B 257 -12.78 -30.65 1.03
CA MET B 257 -12.88 -31.84 0.19
C MET B 257 -14.17 -32.60 0.48
N VAL B 258 -14.49 -32.80 1.75
CA VAL B 258 -15.76 -33.43 2.11
C VAL B 258 -16.92 -32.65 1.53
N GLN B 259 -16.84 -31.31 1.57
CA GLN B 259 -17.88 -30.47 1.00
C GLN B 259 -18.01 -30.70 -0.50
N MET B 260 -16.88 -30.83 -1.19
CA MET B 260 -16.91 -31.00 -2.65
C MET B 260 -17.32 -32.40 -3.06
N MET B 261 -17.11 -33.39 -2.20
CA MET B 261 -17.38 -34.79 -2.54
C MET B 261 -18.74 -35.27 -2.05
N LEU B 262 -19.66 -34.35 -1.75
CA LEU B 262 -21.00 -34.75 -1.35
C LEU B 262 -21.55 -35.70 -2.42
N PRO B 263 -22.14 -36.83 -2.02
CA PRO B 263 -22.32 -37.94 -2.97
C PRO B 263 -23.29 -37.66 -4.12
N GLY B 264 -24.57 -37.47 -3.80
CA GLY B 264 -25.60 -37.33 -4.82
C GLY B 264 -25.55 -36.07 -5.66
N GLN B 265 -24.42 -35.75 -6.27
CA GLN B 265 -24.30 -34.52 -7.04
C GLN B 265 -23.95 -34.71 -8.51
N GLU B 266 -23.75 -35.95 -8.97
CA GLU B 266 -23.52 -36.23 -10.40
C GLU B 266 -22.35 -35.43 -10.98
N ILE B 267 -21.31 -35.18 -10.19
CA ILE B 267 -20.20 -34.40 -10.70
C ILE B 267 -19.36 -35.20 -11.70
N ASP B 268 -19.40 -36.53 -11.61
CA ASP B 268 -18.67 -37.38 -12.54
C ASP B 268 -19.57 -37.93 -13.65
N LYS B 269 -20.84 -37.54 -13.70
CA LYS B 269 -21.74 -38.03 -14.73
C LYS B 269 -21.43 -37.38 -16.07
N ALA B 270 -21.64 -38.14 -17.14
CA ALA B 270 -21.28 -37.68 -18.47
C ALA B 270 -22.07 -36.44 -18.86
N ASP B 271 -23.40 -36.56 -18.89
CA ASP B 271 -24.29 -35.51 -19.36
C ASP B 271 -25.24 -35.17 -18.22
N SER B 272 -24.84 -34.22 -17.37
CA SER B 272 -25.63 -33.83 -16.21
C SER B 272 -25.89 -32.33 -16.22
N TYR B 273 -26.84 -31.93 -15.36
CA TYR B 273 -27.11 -30.51 -15.13
C TYR B 273 -26.06 -29.87 -14.22
N MET B 274 -25.30 -30.67 -13.47
CA MET B 274 -24.36 -30.14 -12.49
C MET B 274 -23.42 -29.09 -13.06
N PRO B 275 -22.78 -29.29 -14.21
CA PRO B 275 -21.84 -28.28 -14.71
C PRO B 275 -22.47 -26.92 -14.93
N TYR B 276 -23.79 -26.84 -15.02
CA TYR B 276 -24.49 -25.58 -15.26
C TYR B 276 -25.35 -25.17 -14.08
N LEU B 277 -24.93 -25.53 -12.86
CA LEU B 277 -25.74 -25.21 -11.68
C LEU B 277 -25.92 -23.71 -11.53
N ILE B 278 -24.96 -22.92 -12.02
CA ILE B 278 -25.03 -21.48 -11.87
C ILE B 278 -25.94 -20.85 -12.93
N ASP B 279 -25.66 -21.14 -14.20
CA ASP B 279 -26.41 -20.50 -15.28
C ASP B 279 -27.85 -20.98 -15.35
N PHE B 280 -28.10 -22.22 -14.95
CA PHE B 280 -29.47 -22.73 -14.85
C PHE B 280 -30.18 -22.25 -13.58
N GLY B 281 -29.51 -21.44 -12.76
CA GLY B 281 -30.11 -21.00 -11.51
C GLY B 281 -30.35 -22.13 -10.52
N LEU B 282 -29.57 -23.21 -10.61
CA LEU B 282 -29.70 -24.30 -9.66
C LEU B 282 -29.08 -23.95 -8.30
N SER B 283 -28.08 -23.08 -8.29
CA SER B 283 -27.40 -22.69 -7.06
C SER B 283 -27.04 -21.21 -7.14
N SER B 284 -27.11 -20.53 -6.00
CA SER B 284 -26.69 -19.14 -5.90
C SER B 284 -25.28 -18.98 -5.36
N LYS B 285 -24.73 -20.03 -4.74
CA LYS B 285 -23.37 -20.02 -4.22
C LYS B 285 -22.80 -21.41 -4.46
N SER B 286 -21.92 -21.53 -5.45
CA SER B 286 -21.44 -22.83 -5.85
C SER B 286 -20.59 -23.44 -4.74
N PRO B 287 -20.88 -24.68 -4.31
CA PRO B 287 -20.01 -25.35 -3.35
C PRO B 287 -18.68 -25.78 -3.94
N TYR B 288 -18.55 -25.77 -5.26
CA TYR B 288 -17.33 -26.19 -5.93
C TYR B 288 -16.49 -25.00 -6.38
N SER B 289 -16.89 -23.79 -6.00
CA SER B 289 -16.15 -22.59 -6.37
C SER B 289 -14.87 -22.48 -5.54
N SER B 290 -13.96 -21.63 -6.01
CA SER B 290 -12.73 -21.39 -5.28
C SER B 290 -12.91 -20.44 -4.10
N VAL B 291 -13.97 -19.62 -4.12
CA VAL B 291 -14.23 -18.76 -2.97
C VAL B 291 -14.69 -19.57 -1.77
N LYS B 292 -15.38 -20.68 -2.00
CA LYS B 292 -15.81 -21.56 -0.92
C LYS B 292 -14.81 -22.67 -0.61
N ASN B 293 -13.74 -22.78 -1.39
CA ASN B 293 -12.67 -23.73 -1.12
C ASN B 293 -11.33 -23.00 -1.23
N PRO B 294 -11.11 -21.97 -0.42
CA PRO B 294 -9.91 -21.15 -0.60
C PRO B 294 -8.66 -21.94 -0.24
N ALA B 295 -8.64 -22.50 0.97
CA ALA B 295 -7.46 -23.23 1.41
C ALA B 295 -7.12 -24.33 0.42
N PHE B 296 -8.09 -25.18 0.10
CA PHE B 296 -7.81 -26.27 -0.83
C PHE B 296 -7.28 -25.70 -2.13
N HIS B 297 -7.94 -24.67 -2.67
CA HIS B 297 -7.46 -24.07 -3.90
C HIS B 297 -6.00 -23.70 -3.73
N PHE B 298 -5.72 -22.89 -2.72
CA PHE B 298 -4.34 -22.45 -2.47
C PHE B 298 -3.44 -23.66 -2.34
N TRP B 299 -3.84 -24.63 -1.54
CA TRP B 299 -3.01 -25.81 -1.35
C TRP B 299 -2.74 -26.51 -2.68
N GLY B 300 -3.80 -26.77 -3.45
CA GLY B 300 -3.61 -27.54 -4.67
C GLY B 300 -2.75 -26.81 -5.70
N GLN B 301 -3.13 -25.57 -6.02
CA GLN B 301 -2.44 -24.86 -7.09
C GLN B 301 -0.97 -24.65 -6.74
N LEU B 302 -0.68 -24.33 -5.47
CA LEU B 302 0.70 -24.18 -5.06
C LEU B 302 1.47 -25.47 -5.32
N THR B 303 0.92 -26.60 -4.90
CA THR B 303 1.55 -27.87 -5.21
C THR B 303 1.76 -27.98 -6.72
N ALA B 304 0.71 -27.69 -7.49
CA ALA B 304 0.82 -27.74 -8.94
C ALA B 304 1.97 -26.88 -9.43
N LEU B 305 2.13 -25.69 -8.85
CA LEU B 305 3.22 -24.83 -9.27
C LEU B 305 4.57 -25.47 -9.01
N LEU B 306 4.76 -26.04 -7.81
CA LEU B 306 6.02 -26.70 -7.50
C LEU B 306 6.29 -27.87 -8.42
N LEU B 307 5.24 -28.47 -8.99
CA LEU B 307 5.39 -29.56 -9.95
C LEU B 307 5.45 -29.09 -11.39
N ARG B 308 5.83 -27.83 -11.61
CA ARG B 308 6.11 -27.30 -12.94
C ARG B 308 4.84 -27.05 -13.76
N SER B 309 3.74 -26.74 -13.09
CA SER B 309 2.52 -26.37 -13.80
C SER B 309 2.64 -24.95 -14.35
N THR B 310 2.14 -24.76 -15.58
CA THR B 310 2.14 -23.44 -16.19
C THR B 310 0.86 -22.66 -15.93
N ARG B 311 -0.27 -23.35 -15.74
CA ARG B 311 -1.51 -22.64 -15.42
C ARG B 311 -1.48 -22.08 -14.01
N ALA B 312 -0.91 -22.82 -13.06
CA ALA B 312 -0.85 -22.36 -11.68
C ALA B 312 -0.09 -21.04 -11.56
N ARG B 313 0.70 -20.69 -12.58
CA ARG B 313 1.51 -19.47 -12.52
C ARG B 313 0.67 -18.25 -12.13
N ASN B 314 -0.50 -18.10 -12.73
CA ASN B 314 -1.32 -16.91 -12.56
C ASN B 314 -2.59 -17.13 -11.74
N ALA B 315 -2.69 -18.22 -10.99
CA ALA B 315 -3.87 -18.45 -10.18
C ALA B 315 -3.93 -17.44 -9.03
N ARG B 316 -5.14 -16.94 -8.75
CA ARG B 316 -5.29 -15.91 -7.72
C ARG B 316 -5.02 -16.49 -6.34
N GLN B 317 -4.43 -15.67 -5.47
CA GLN B 317 -4.11 -16.07 -4.12
C GLN B 317 -5.24 -15.67 -3.18
N PRO B 318 -5.99 -16.62 -2.63
CA PRO B 318 -7.08 -16.26 -1.71
C PRO B 318 -6.52 -15.69 -0.41
N ASP B 319 -7.44 -15.13 0.38
CA ASP B 319 -7.17 -14.54 1.68
C ASP B 319 -7.78 -15.32 2.82
N ASP B 320 -7.32 -14.96 4.01
CA ASP B 320 -7.93 -15.42 5.25
C ASP B 320 -7.81 -16.94 5.31
N ILE B 321 -6.59 -17.42 5.05
CA ILE B 321 -6.24 -18.82 5.16
C ILE B 321 -4.86 -18.93 5.77
N GLU B 322 -4.53 -20.12 6.25
CA GLU B 322 -3.24 -20.39 6.88
C GLU B 322 -2.19 -20.54 5.79
N TYR B 323 -1.62 -19.41 5.37
CA TYR B 323 -0.61 -19.45 4.31
C TYR B 323 0.55 -20.35 4.71
N THR B 324 1.09 -20.16 5.92
CA THR B 324 2.28 -20.91 6.31
C THR B 324 2.03 -22.41 6.31
N SER B 325 0.95 -22.84 6.97
CA SER B 325 0.68 -24.28 7.08
C SER B 325 0.36 -24.90 5.73
N LEU B 326 -0.49 -24.23 4.94
CA LEU B 326 -0.80 -24.74 3.61
C LEU B 326 0.44 -24.82 2.75
N THR B 327 1.35 -23.84 2.86
CA THR B 327 2.55 -23.87 2.05
C THR B 327 3.51 -24.97 2.50
N THR B 328 3.60 -25.21 3.81
CA THR B 328 4.44 -26.31 4.28
C THR B 328 3.89 -27.64 3.77
N ALA B 329 2.57 -27.81 3.81
CA ALA B 329 1.97 -29.04 3.30
C ALA B 329 2.21 -29.20 1.80
N GLY B 330 1.96 -28.15 1.03
CA GLY B 330 2.21 -28.21 -0.40
C GLY B 330 3.66 -28.44 -0.75
N LEU B 331 4.57 -27.82 0.02
CA LEU B 331 6.00 -28.03 -0.21
C LEU B 331 6.37 -29.49 0.03
N LEU B 332 5.90 -30.05 1.14
CA LEU B 332 6.17 -31.46 1.41
C LEU B 332 5.63 -32.35 0.30
N TYR B 333 4.38 -32.11 -0.11
CA TYR B 333 3.75 -32.92 -1.15
C TYR B 333 4.53 -32.83 -2.46
N ALA B 334 4.84 -31.61 -2.90
CA ALA B 334 5.54 -31.43 -4.16
C ALA B 334 6.94 -32.03 -4.10
N TYR B 335 7.63 -31.87 -2.97
CA TYR B 335 8.96 -32.46 -2.84
C TYR B 335 8.89 -33.97 -2.91
N ALA B 336 7.87 -34.57 -2.28
CA ALA B 336 7.70 -36.01 -2.37
C ALA B 336 7.48 -36.45 -3.81
N VAL B 337 6.60 -35.75 -4.53
CA VAL B 337 6.29 -36.14 -5.90
C VAL B 337 7.50 -35.97 -6.79
N GLY B 338 8.21 -34.85 -6.67
CA GLY B 338 9.34 -34.55 -7.53
C GLY B 338 10.63 -35.25 -7.16
N SER B 339 10.69 -35.83 -5.96
CA SER B 339 11.85 -36.61 -5.54
C SER B 339 11.67 -38.10 -5.77
N SER B 340 10.44 -38.59 -5.74
CA SER B 340 10.12 -40.00 -5.98
C SER B 340 9.60 -40.13 -7.40
N ALA B 341 10.50 -40.33 -8.36
CA ALA B 341 10.08 -40.54 -9.73
C ALA B 341 9.36 -41.88 -9.88
N ASP B 342 8.37 -41.90 -10.76
CA ASP B 342 7.65 -43.14 -11.06
C ASP B 342 8.62 -44.18 -11.57
N LEU B 343 9.08 -44.04 -12.81
CA LEU B 343 10.18 -44.81 -13.36
C LEU B 343 10.04 -46.31 -13.15
N ALA B 344 9.50 -47.00 -14.15
CA ALA B 344 9.44 -48.46 -14.15
C ALA B 344 9.47 -48.94 -15.59
N GLN B 345 10.20 -50.01 -15.84
CA GLN B 345 10.27 -50.53 -17.20
C GLN B 345 8.90 -51.00 -17.65
N GLN B 346 8.55 -50.66 -18.89
CA GLN B 346 7.23 -50.97 -19.44
C GLN B 346 7.27 -52.04 -20.51
N PHE B 347 8.27 -52.01 -21.39
CA PHE B 347 8.40 -52.98 -22.46
C PHE B 347 9.77 -53.66 -22.36
N CYS B 348 9.87 -54.83 -22.98
CA CYS B 348 11.09 -55.63 -22.90
C CYS B 348 11.16 -56.55 -24.11
N VAL B 349 12.26 -57.30 -24.20
CA VAL B 349 12.45 -58.31 -25.23
C VAL B 349 12.78 -59.63 -24.55
N GLY B 350 12.01 -59.99 -23.53
CA GLY B 350 12.33 -61.13 -22.69
C GLY B 350 13.38 -60.85 -21.65
N ASP B 351 13.78 -59.58 -21.48
CA ASP B 351 14.82 -59.17 -20.56
C ASP B 351 14.27 -58.01 -19.75
N ASN B 352 13.71 -58.32 -18.58
CA ASN B 352 13.09 -57.34 -17.70
C ASN B 352 14.06 -56.98 -16.59
N LYS B 353 13.71 -55.94 -15.85
CA LYS B 353 14.46 -55.55 -14.66
C LYS B 353 13.60 -55.83 -13.44
N TYR B 354 14.06 -56.77 -12.60
CA TYR B 354 13.42 -56.99 -11.31
C TYR B 354 14.02 -55.98 -10.34
N THR B 355 13.17 -55.33 -9.56
CA THR B 355 13.62 -54.15 -8.83
C THR B 355 14.05 -54.39 -7.39
N PRO B 356 13.53 -55.43 -6.70
CA PRO B 356 14.04 -55.69 -5.34
C PRO B 356 15.29 -56.55 -5.33
N ASP B 357 16.45 -55.90 -5.37
CA ASP B 357 17.74 -56.60 -5.34
C ASP B 357 18.71 -55.79 -4.49
N ASP B 358 19.02 -56.29 -3.30
CA ASP B 358 20.00 -55.67 -2.41
C ASP B 358 19.71 -54.17 -2.25
N SER B 359 18.43 -53.84 -2.12
CA SER B 359 18.00 -52.44 -2.06
C SER B 359 18.43 -51.78 -0.74
N THR B 360 19.65 -51.25 -0.71
CA THR B 360 20.13 -50.47 0.41
C THR B 360 21.09 -49.40 -0.10
N GLY B 361 21.12 -48.27 0.59
CA GLY B 361 21.93 -47.16 0.18
C GLY B 361 22.80 -46.65 1.32
N GLY B 362 23.86 -45.93 0.93
CA GLY B 362 24.76 -45.35 1.92
C GLY B 362 24.10 -44.33 2.83
N LEU B 363 22.95 -43.79 2.42
CA LEU B 363 22.20 -42.84 3.23
C LEU B 363 21.43 -43.62 4.30
N THR B 364 22.15 -44.02 5.34
CA THR B 364 21.56 -44.78 6.45
C THR B 364 20.98 -43.88 7.54
N THR B 365 20.98 -42.56 7.33
CA THR B 365 20.41 -41.60 8.26
C THR B 365 19.16 -40.98 7.63
N ASN B 366 18.85 -39.74 8.02
CA ASN B 366 17.66 -39.05 7.53
C ASN B 366 17.66 -38.95 6.01
N ALA B 367 17.05 -39.92 5.33
CA ALA B 367 16.95 -39.87 3.88
C ALA B 367 15.49 -39.96 3.45
N PRO B 368 15.11 -39.26 2.39
CA PRO B 368 13.71 -39.24 2.00
C PRO B 368 13.20 -40.65 1.70
N PRO B 369 11.94 -40.93 2.02
CA PRO B 369 11.43 -42.29 1.83
C PRO B 369 11.46 -42.72 0.36
N GLN B 370 11.19 -44.01 0.16
CA GLN B 370 11.32 -44.60 -1.17
C GLN B 370 10.25 -44.09 -2.13
N GLY B 371 8.99 -44.34 -1.80
CA GLY B 371 7.88 -44.10 -2.71
C GLY B 371 7.15 -42.81 -2.42
N ARG B 372 5.83 -42.87 -2.56
CA ARG B 372 4.95 -41.70 -2.40
C ARG B 372 3.85 -41.98 -1.39
N ASP B 373 4.18 -42.69 -0.31
CA ASP B 373 3.19 -43.02 0.71
C ASP B 373 3.16 -41.95 1.79
N VAL B 374 1.95 -41.56 2.19
CA VAL B 374 1.79 -40.44 3.11
C VAL B 374 2.37 -40.76 4.48
N VAL B 375 2.17 -41.98 4.96
CA VAL B 375 2.60 -42.34 6.31
C VAL B 375 4.11 -42.26 6.43
N GLU B 376 4.81 -42.84 5.45
CA GLU B 376 6.27 -42.83 5.49
C GLU B 376 6.81 -41.41 5.49
N TRP B 377 6.25 -40.55 4.63
CA TRP B 377 6.74 -39.18 4.54
C TRP B 377 6.42 -38.38 5.80
N LEU B 378 5.25 -38.64 6.42
CA LEU B 378 4.94 -37.97 7.66
C LEU B 378 5.90 -38.40 8.78
N GLY B 379 6.24 -39.68 8.83
CA GLY B 379 7.24 -40.12 9.79
C GLY B 379 8.59 -39.48 9.56
N TRP B 380 8.99 -39.36 8.28
CA TRP B 380 10.25 -38.70 7.96
C TRP B 380 10.23 -37.23 8.37
N PHE B 381 9.10 -36.55 8.15
CA PHE B 381 8.97 -35.16 8.53
C PHE B 381 9.04 -35.01 10.05
N GLU B 382 8.45 -35.96 10.78
CA GLU B 382 8.69 -36.04 12.22
C GLU B 382 10.18 -36.16 12.52
N ASP B 383 10.87 -37.02 11.78
CA ASP B 383 12.30 -37.18 12.00
C ASP B 383 13.08 -35.89 11.77
N GLN B 384 12.53 -34.95 10.99
CA GLN B 384 13.16 -33.64 10.83
C GLN B 384 12.50 -32.56 11.68
N ASN B 385 12.00 -32.92 12.86
CA ASN B 385 11.26 -32.02 13.75
C ASN B 385 10.33 -31.09 12.98
N ARG B 386 9.65 -31.62 11.96
CA ARG B 386 8.58 -30.90 11.27
C ARG B 386 9.05 -29.57 10.66
N LYS B 387 10.32 -29.48 10.30
CA LYS B 387 10.85 -28.28 9.64
C LYS B 387 11.49 -28.67 8.32
N PRO B 388 11.23 -27.94 7.24
CA PRO B 388 11.76 -28.34 5.93
C PRO B 388 13.28 -28.34 5.89
N THR B 389 13.84 -29.37 5.25
CA THR B 389 15.28 -29.54 5.15
C THR B 389 15.86 -28.58 4.11
N PRO B 390 17.19 -28.38 4.14
CA PRO B 390 17.82 -27.56 3.10
C PRO B 390 17.55 -28.06 1.69
N ASP B 391 17.47 -29.38 1.48
CA ASP B 391 17.21 -29.89 0.15
C ASP B 391 15.80 -29.53 -0.31
N MET B 392 14.82 -29.60 0.59
CA MET B 392 13.46 -29.22 0.22
C MET B 392 13.38 -27.74 -0.12
N MET B 393 14.11 -26.91 0.64
CA MET B 393 14.13 -25.48 0.37
C MET B 393 14.79 -25.19 -0.97
N GLN B 394 15.89 -25.89 -1.27
CA GLN B 394 16.56 -25.72 -2.55
C GLN B 394 15.70 -26.21 -3.70
N TYR B 395 14.94 -27.29 -3.49
CA TYR B 395 14.01 -27.75 -4.51
C TYR B 395 12.96 -26.70 -4.81
N ALA B 396 12.35 -26.14 -3.76
CA ALA B 396 11.35 -25.09 -3.98
C ALA B 396 11.96 -23.88 -4.67
N LYS B 397 13.16 -23.47 -4.25
CA LYS B 397 13.83 -22.35 -4.92
C LYS B 397 14.05 -22.63 -6.40
N ARG B 398 14.68 -23.76 -6.71
CA ARG B 398 14.90 -24.16 -8.10
C ARG B 398 13.61 -24.19 -8.88
N ALA B 399 12.50 -24.55 -8.23
CA ALA B 399 11.23 -24.64 -8.91
C ALA B 399 10.67 -23.25 -9.22
N VAL B 400 10.81 -22.30 -8.30
CA VAL B 400 10.16 -21.01 -8.46
C VAL B 400 11.03 -20.00 -9.20
N MET B 401 12.36 -20.11 -9.08
CA MET B 401 13.23 -19.17 -9.76
C MET B 401 13.05 -19.27 -11.27
N SER B 402 13.47 -18.21 -11.96
CA SER B 402 13.36 -18.08 -13.41
C SER B 402 11.92 -18.02 -13.89
N LEU B 403 10.97 -17.61 -13.03
CA LEU B 403 9.62 -17.29 -13.45
C LEU B 403 9.51 -15.78 -13.62
N GLN B 404 9.38 -15.32 -14.86
CA GLN B 404 9.25 -13.90 -15.19
C GLN B 404 7.78 -13.48 -15.28
N GLY B 405 7.56 -12.17 -15.24
CA GLY B 405 6.25 -11.60 -15.51
C GLY B 405 5.09 -12.16 -14.70
N LEU B 406 5.18 -12.08 -13.38
CA LEU B 406 4.15 -12.57 -12.49
C LEU B 406 3.21 -11.44 -12.08
N ARG B 407 1.90 -11.74 -12.07
CA ARG B 407 0.88 -10.79 -11.70
C ARG B 407 0.83 -10.66 -10.18
N GLU B 408 0.28 -9.55 -9.71
CA GLU B 408 0.16 -9.36 -8.27
C GLU B 408 -1.00 -10.18 -7.73
N LYS B 409 -0.87 -10.58 -6.47
CA LYS B 409 -1.89 -11.36 -5.76
C LYS B 409 -2.08 -12.76 -6.34
N THR B 410 -1.12 -13.27 -7.10
CA THR B 410 -1.18 -14.64 -7.59
C THR B 410 -0.30 -15.55 -6.75
N ILE B 411 -0.61 -16.85 -6.80
CA ILE B 411 0.18 -17.82 -6.05
C ILE B 411 1.57 -17.96 -6.64
N GLY B 412 1.74 -17.63 -7.92
CA GLY B 412 3.08 -17.61 -8.50
C GLY B 412 3.95 -16.54 -7.84
N LYS B 413 3.40 -15.32 -7.73
CA LYS B 413 4.12 -14.25 -7.05
C LYS B 413 4.41 -14.62 -5.60
N TYR B 414 3.43 -15.23 -4.92
CA TYR B 414 3.64 -15.66 -3.55
C TYR B 414 4.80 -16.65 -3.46
N ALA B 415 4.81 -17.66 -4.33
CA ALA B 415 5.86 -18.67 -4.27
C ALA B 415 7.22 -18.07 -4.58
N LYS B 416 7.27 -17.16 -5.56
CA LYS B 416 8.53 -16.50 -5.90
C LYS B 416 9.06 -15.70 -4.72
N SER B 417 8.18 -14.95 -4.05
CA SER B 417 8.60 -14.20 -2.87
C SER B 417 8.99 -15.12 -1.72
N GLU B 418 8.38 -16.30 -1.64
CA GLU B 418 8.58 -17.19 -0.50
C GLU B 418 9.88 -17.98 -0.61
N PHE B 419 10.18 -18.53 -1.79
CA PHE B 419 11.25 -19.50 -1.92
C PHE B 419 12.49 -18.99 -2.67
N ASP B 420 12.42 -17.83 -3.29
CA ASP B 420 13.54 -17.26 -4.04
C ASP B 420 14.05 -16.02 -3.32
N LYS B 421 15.37 -15.87 -3.27
CA LYS B 421 15.99 -14.74 -2.57
C LYS B 421 17.31 -14.36 -3.23
N SER C 1 3.60 2.72 43.59
CA SER C 1 3.87 3.75 42.59
C SER C 1 3.04 4.99 42.87
N VAL C 2 2.78 5.24 44.15
CA VAL C 2 1.97 6.39 44.54
C VAL C 2 2.84 7.61 44.79
N THR C 3 3.87 7.45 45.62
CA THR C 3 4.73 8.55 46.02
C THR C 3 6.04 8.48 45.25
N VAL C 4 6.41 9.59 44.61
CA VAL C 4 7.69 9.74 43.93
C VAL C 4 8.39 10.94 44.54
N LYS C 5 9.68 10.79 44.82
CA LYS C 5 10.39 11.86 45.50
C LYS C 5 11.75 12.13 44.86
N ARG C 6 12.02 13.41 44.64
CA ARG C 6 13.35 13.90 44.30
C ARG C 6 14.30 13.64 45.47
N ILE C 7 15.40 12.95 45.18
CA ILE C 7 16.30 12.43 46.19
C ILE C 7 17.36 13.43 46.64
N ILE C 8 17.66 14.45 45.83
CA ILE C 8 18.74 15.36 46.19
C ILE C 8 18.33 16.25 47.36
N ASP C 9 17.04 16.55 47.49
CA ASP C 9 16.54 17.38 48.59
C ASP C 9 15.37 16.72 49.31
N ASN C 10 15.02 15.49 48.94
CA ASN C 10 14.03 14.71 49.68
C ASN C 10 12.63 15.32 49.56
N THR C 11 12.26 15.75 48.36
CA THR C 11 10.98 16.40 48.15
C THR C 11 10.05 15.49 47.33
N VAL C 12 8.75 15.75 47.42
CA VAL C 12 7.75 14.92 46.76
C VAL C 12 7.32 15.58 45.45
N ILE C 13 7.35 14.82 44.36
CA ILE C 13 6.86 15.27 43.06
C ILE C 13 5.72 14.35 42.64
N VAL C 14 4.72 14.92 41.96
CA VAL C 14 3.54 14.19 41.52
C VAL C 14 3.49 14.20 40.00
N PRO C 15 3.97 13.15 39.35
CA PRO C 15 3.90 13.08 37.88
C PRO C 15 2.45 12.90 37.43
N LYS C 16 2.04 13.68 36.44
CA LYS C 16 0.67 13.65 35.93
C LYS C 16 0.65 14.16 34.49
N LEU C 17 -0.32 13.66 33.73
CA LEU C 17 -0.47 14.01 32.32
C LEU C 17 -1.88 14.48 32.04
N PRO C 18 -2.08 15.26 30.98
CA PRO C 18 -3.43 15.74 30.65
C PRO C 18 -4.40 14.58 30.49
N ALA C 19 -5.66 14.85 30.83
CA ALA C 19 -6.68 13.81 30.77
C ALA C 19 -7.11 13.54 29.33
N ASN C 20 -7.70 12.37 29.12
CA ASN C 20 -8.22 11.96 27.81
C ASN C 20 -9.53 11.22 28.06
N GLU C 21 -10.65 11.90 27.86
CA GLU C 21 -11.94 11.27 28.08
C GLU C 21 -12.34 10.51 26.82
N ASP C 22 -13.01 11.20 25.89
CA ASP C 22 -13.54 10.64 24.65
C ASP C 22 -13.81 9.15 24.84
N PRO C 23 -14.69 8.79 25.76
CA PRO C 23 -14.96 7.38 26.04
C PRO C 23 -15.76 6.70 24.95
N VAL C 24 -15.62 5.38 24.89
CA VAL C 24 -16.36 4.57 23.93
C VAL C 24 -17.80 4.42 24.43
N GLU C 25 -18.71 4.23 23.48
CA GLU C 25 -20.14 4.08 23.78
C GLU C 25 -20.65 2.82 23.10
N TYR C 26 -21.19 1.88 23.91
CA TYR C 26 -21.59 0.60 23.33
C TYR C 26 -23.00 0.67 22.79
N PRO C 27 -23.27 -0.06 21.69
CA PRO C 27 -24.62 -0.07 21.13
C PRO C 27 -25.67 -0.55 22.11
N ALA C 28 -25.35 -1.54 22.95
CA ALA C 28 -26.32 -2.02 23.93
C ALA C 28 -26.71 -0.90 24.90
N ASP C 29 -25.72 -0.15 25.37
CA ASP C 29 -25.97 0.96 26.30
C ASP C 29 -26.62 2.17 25.64
N TYR C 30 -27.17 2.02 24.43
CA TYR C 30 -27.97 3.05 23.77
C TYR C 30 -29.46 2.76 23.77
N PHE C 31 -29.85 1.52 23.50
CA PHE C 31 -31.26 1.14 23.56
C PHE C 31 -31.76 1.01 24.98
N ARG C 32 -30.88 1.18 25.96
CA ARG C 32 -31.27 1.20 27.36
C ARG C 32 -31.86 2.54 27.77
N LYS C 33 -31.62 3.59 26.99
CA LYS C 33 -32.27 4.90 27.16
C LYS C 33 -33.45 5.08 26.19
N SER C 34 -33.22 4.93 24.89
CA SER C 34 -34.28 5.07 23.90
C SER C 34 -34.59 3.71 23.28
N LYS C 35 -35.81 3.59 22.76
CA LYS C 35 -36.27 2.35 22.15
C LYS C 35 -36.46 2.46 20.65
N GLU C 36 -35.99 3.56 20.03
CA GLU C 36 -36.18 3.77 18.61
C GLU C 36 -35.03 4.61 18.08
N ILE C 37 -34.79 4.49 16.77
CA ILE C 37 -33.81 5.29 16.07
C ILE C 37 -34.57 6.29 15.20
N PRO C 38 -34.51 7.59 15.50
CA PRO C 38 -35.31 8.56 14.71
C PRO C 38 -34.66 8.81 13.36
N LEU C 39 -35.43 8.63 12.30
CA LEU C 39 -34.99 8.93 10.94
C LEU C 39 -35.88 10.08 10.46
N TYR C 40 -35.33 11.28 10.45
CA TYR C 40 -36.09 12.48 10.12
C TYR C 40 -36.12 12.69 8.61
N ILE C 41 -37.28 12.49 8.02
CA ILE C 41 -37.53 12.72 6.60
C ILE C 41 -38.42 13.96 6.55
N ASN C 42 -37.81 15.10 6.22
CA ASN C 42 -38.44 16.41 6.35
C ASN C 42 -39.68 16.59 5.48
N THR C 43 -39.50 16.66 4.18
CA THR C 43 -40.56 17.02 3.24
C THR C 43 -41.15 15.77 2.59
N THR C 44 -42.38 15.43 2.97
CA THR C 44 -43.05 14.28 2.37
C THR C 44 -44.13 14.85 1.47
N LYS C 45 -43.69 15.58 0.45
CA LYS C 45 -44.57 16.25 -0.51
C LYS C 45 -44.17 15.84 -1.92
N SER C 46 -45.05 15.10 -2.60
CA SER C 46 -44.89 14.86 -4.03
C SER C 46 -43.65 13.99 -4.31
N LEU C 47 -43.86 12.69 -4.52
CA LEU C 47 -42.73 11.81 -4.80
C LEU C 47 -42.19 12.02 -6.22
N SER C 48 -43.09 12.24 -7.19
CA SER C 48 -42.67 12.38 -8.58
C SER C 48 -41.84 13.64 -8.80
N ASP C 49 -42.20 14.74 -8.14
CA ASP C 49 -41.47 15.99 -8.31
C ASP C 49 -40.04 15.88 -7.78
N LEU C 50 -39.84 15.12 -6.70
CA LEU C 50 -38.51 14.94 -6.14
C LEU C 50 -37.56 14.29 -7.14
N ARG C 51 -38.07 13.37 -7.97
CA ARG C 51 -37.24 12.75 -8.99
C ARG C 51 -36.57 13.81 -9.86
N GLY C 52 -37.37 14.70 -10.45
CA GLY C 52 -36.80 15.75 -11.28
C GLY C 52 -35.96 16.73 -10.49
N TYR C 53 -36.40 17.05 -9.27
CA TYR C 53 -35.59 17.90 -8.40
C TYR C 53 -34.17 17.38 -8.28
N VAL C 54 -34.02 16.12 -7.88
CA VAL C 54 -32.70 15.57 -7.65
C VAL C 54 -31.96 15.39 -8.97
N TYR C 55 -32.68 15.01 -10.04
CA TYR C 55 -32.02 14.83 -11.33
C TYR C 55 -31.35 16.12 -11.79
N GLN C 56 -32.11 17.24 -11.79
CA GLN C 56 -31.53 18.50 -12.22
C GLN C 56 -30.52 19.04 -11.22
N GLY C 57 -30.72 18.83 -9.92
CA GLY C 57 -29.76 19.30 -8.94
C GLY C 57 -28.43 18.61 -9.03
N LEU C 58 -28.43 17.32 -9.38
CA LEU C 58 -27.17 16.58 -9.49
C LEU C 58 -26.38 16.99 -10.72
N LYS C 59 -27.06 17.31 -11.82
CA LYS C 59 -26.38 17.73 -13.04
C LYS C 59 -25.70 19.07 -12.85
N SER C 60 -24.58 19.09 -12.11
CA SER C 60 -23.83 20.30 -11.86
C SER C 60 -24.64 21.30 -11.03
N GLY C 61 -24.25 21.52 -9.79
CA GLY C 61 -24.95 22.41 -8.90
C GLY C 61 -24.83 21.93 -7.47
N ASN C 62 -25.75 22.40 -6.63
CA ASN C 62 -25.77 22.08 -5.22
C ASN C 62 -27.13 21.47 -4.90
N VAL C 63 -27.22 20.14 -4.98
CA VAL C 63 -28.46 19.43 -4.73
C VAL C 63 -28.61 19.25 -3.23
N SER C 64 -29.80 19.53 -2.71
CA SER C 64 -30.02 19.47 -1.27
C SER C 64 -30.04 18.03 -0.77
N ILE C 65 -29.45 17.83 0.41
CA ILE C 65 -29.48 16.50 1.02
C ILE C 65 -30.90 16.16 1.47
N ILE C 66 -31.68 17.17 1.88
CA ILE C 66 -33.07 16.93 2.24
C ILE C 66 -33.84 16.37 1.06
N HIS C 67 -33.61 16.92 -0.14
CA HIS C 67 -34.30 16.44 -1.33
C HIS C 67 -33.97 14.98 -1.60
N VAL C 68 -32.69 14.62 -1.54
CA VAL C 68 -32.30 13.25 -1.84
C VAL C 68 -32.80 12.30 -0.75
N ASN C 69 -32.84 12.75 0.50
CA ASN C 69 -33.39 11.90 1.56
C ASN C 69 -34.87 11.63 1.34
N SER C 70 -35.64 12.67 1.02
CA SER C 70 -37.05 12.48 0.74
C SER C 70 -37.26 11.58 -0.47
N TYR C 71 -36.47 11.79 -1.52
CA TYR C 71 -36.60 10.97 -2.72
C TYR C 71 -36.25 9.52 -2.43
N LEU C 72 -35.18 9.28 -1.67
CA LEU C 72 -34.81 7.91 -1.33
C LEU C 72 -35.91 7.24 -0.52
N TYR C 73 -36.48 7.95 0.46
CA TYR C 73 -37.57 7.36 1.23
C TYR C 73 -38.74 7.00 0.31
N GLY C 74 -39.10 7.92 -0.59
CA GLY C 74 -40.23 7.66 -1.47
C GLY C 74 -39.98 6.51 -2.43
N ALA C 75 -38.80 6.47 -3.04
CA ALA C 75 -38.50 5.46 -4.05
C ALA C 75 -38.20 4.11 -3.44
N LEU C 76 -37.67 4.09 -2.22
CA LEU C 76 -37.38 2.83 -1.52
C LEU C 76 -38.47 2.52 -0.51
N LYS C 77 -39.73 2.83 -0.84
CA LYS C 77 -40.87 2.48 -0.03
C LYS C 77 -41.46 1.12 -0.42
N ASP C 78 -40.66 0.28 -1.07
CA ASP C 78 -41.07 -1.08 -1.42
C ASP C 78 -41.22 -1.90 -0.14
N ILE C 79 -42.44 -2.33 0.16
CA ILE C 79 -42.69 -3.10 1.37
C ILE C 79 -42.46 -4.57 1.05
N ARG C 80 -41.56 -4.84 0.10
CA ARG C 80 -41.19 -6.20 -0.28
C ARG C 80 -40.23 -6.79 0.74
N GLY C 81 -40.61 -7.91 1.35
CA GLY C 81 -39.71 -8.63 2.21
C GLY C 81 -40.39 -9.72 3.02
N LYS C 82 -40.48 -10.93 2.45
CA LYS C 82 -41.07 -12.04 3.18
C LYS C 82 -40.06 -12.56 4.20
N LEU C 83 -40.41 -12.45 5.48
CA LEU C 83 -39.51 -12.85 6.54
C LEU C 83 -39.42 -14.37 6.61
N ASP C 84 -38.19 -14.89 6.68
CA ASP C 84 -37.97 -16.33 6.72
C ASP C 84 -38.30 -16.92 8.09
N LYS C 85 -37.66 -16.40 9.14
CA LYS C 85 -37.92 -16.83 10.51
C LYS C 85 -38.29 -15.63 11.37
N ASP C 86 -37.58 -15.43 12.46
CA ASP C 86 -37.79 -14.29 13.35
C ASP C 86 -36.64 -13.31 13.22
N TRP C 87 -36.92 -12.05 13.53
CA TRP C 87 -35.92 -10.98 13.47
C TRP C 87 -36.09 -10.09 14.70
N SER C 88 -35.15 -10.18 15.63
CA SER C 88 -35.13 -9.39 16.85
C SER C 88 -33.69 -9.03 17.20
N SER C 89 -33.46 -7.80 17.64
CA SER C 89 -32.12 -7.35 17.99
C SER C 89 -32.19 -6.33 19.11
N PHE C 90 -31.34 -6.49 20.12
CA PHE C 90 -31.25 -5.56 21.24
C PHE C 90 -32.62 -5.31 21.87
N GLY C 91 -33.46 -6.35 21.90
CA GLY C 91 -34.78 -6.26 22.45
C GLY C 91 -35.83 -5.75 21.48
N ILE C 92 -35.42 -4.98 20.48
CA ILE C 92 -36.34 -4.46 19.48
C ILE C 92 -36.73 -5.59 18.53
N ASN C 93 -38.04 -5.84 18.41
CA ASN C 93 -38.58 -6.87 17.53
C ASN C 93 -39.00 -6.26 16.20
N ILE C 94 -38.32 -6.65 15.11
CA ILE C 94 -38.64 -6.15 13.79
C ILE C 94 -39.26 -7.21 12.89
N GLY C 95 -39.52 -8.42 13.41
CA GLY C 95 -40.15 -9.40 12.55
C GLY C 95 -40.46 -10.77 13.15
N LYS C 96 -41.60 -11.34 12.78
CA LYS C 96 -41.99 -12.67 13.22
C LYS C 96 -42.43 -13.50 12.01
N ALA C 97 -42.55 -14.81 12.25
CA ALA C 97 -43.16 -15.76 11.32
C ALA C 97 -42.87 -15.45 9.87
N GLY C 98 -43.92 -15.22 9.08
CA GLY C 98 -43.79 -14.90 7.69
C GLY C 98 -44.26 -13.49 7.40
N ASP C 99 -43.68 -12.52 8.09
CA ASP C 99 -44.09 -11.13 7.94
C ASP C 99 -43.55 -10.55 6.64
N THR C 100 -44.30 -9.61 6.08
CA THR C 100 -43.88 -8.89 4.88
C THR C 100 -43.50 -7.47 5.29
N ILE C 101 -42.36 -7.36 5.97
CA ILE C 101 -41.87 -6.08 6.46
C ILE C 101 -41.07 -5.40 5.35
N GLY C 102 -40.72 -4.13 5.56
CA GLY C 102 -40.01 -3.41 4.52
C GLY C 102 -38.68 -2.83 4.98
N ILE C 103 -38.05 -2.03 4.11
CA ILE C 103 -36.74 -1.49 4.41
C ILE C 103 -36.81 -0.45 5.53
N PHE C 104 -37.88 0.35 5.54
CA PHE C 104 -38.04 1.42 6.53
C PHE C 104 -38.90 0.98 7.71
N ASP C 105 -38.86 -0.29 8.08
CA ASP C 105 -39.53 -0.70 9.31
C ASP C 105 -38.73 -0.25 10.52
N LEU C 106 -38.04 0.88 10.36
CA LEU C 106 -37.36 1.60 11.43
C LEU C 106 -38.08 2.93 11.59
N VAL C 107 -38.02 3.50 12.79
CA VAL C 107 -38.75 4.73 13.10
C VAL C 107 -38.53 5.80 12.04
N SER C 108 -39.63 6.44 11.64
CA SER C 108 -39.63 7.57 10.72
C SER C 108 -40.42 8.69 11.35
N LEU C 109 -39.92 9.93 11.22
CA LEU C 109 -40.57 11.10 11.79
C LEU C 109 -40.42 12.26 10.81
N LYS C 110 -41.11 13.36 11.11
CA LYS C 110 -41.22 14.49 10.18
C LYS C 110 -40.47 15.69 10.73
N ALA C 111 -39.59 16.25 9.92
CA ALA C 111 -38.77 17.40 10.29
C ALA C 111 -39.09 18.61 9.42
N LEU C 112 -38.90 19.80 9.98
CA LEU C 112 -38.95 21.07 9.26
C LEU C 112 -40.04 21.16 8.20
N ASP C 113 -39.85 22.06 7.24
CA ASP C 113 -40.85 22.44 6.26
C ASP C 113 -40.24 23.24 5.12
N GLY C 114 -38.92 23.44 5.16
CA GLY C 114 -38.26 24.30 4.19
C GLY C 114 -37.95 23.51 2.93
N VAL C 115 -38.30 24.09 1.79
CA VAL C 115 -38.00 23.50 0.49
C VAL C 115 -37.52 24.58 -0.46
N LEU C 116 -36.90 24.15 -1.57
CA LEU C 116 -36.17 25.06 -2.45
C LEU C 116 -37.00 25.56 -3.64
N PRO C 117 -37.23 24.73 -4.67
CA PRO C 117 -37.75 25.29 -5.93
C PRO C 117 -39.25 25.51 -5.97
N ASP C 118 -40.01 24.82 -5.11
CA ASP C 118 -41.46 24.93 -5.02
C ASP C 118 -42.16 24.17 -6.15
N GLY C 119 -42.90 23.12 -5.80
CA GLY C 119 -43.84 22.51 -6.72
C GLY C 119 -43.24 21.55 -7.72
N VAL C 120 -43.93 21.45 -8.86
CA VAL C 120 -43.58 20.54 -9.94
C VAL C 120 -42.41 21.11 -10.72
N SER C 121 -41.31 20.36 -10.80
CA SER C 121 -40.11 20.85 -11.46
C SER C 121 -40.17 20.64 -12.96
N ASP C 122 -39.38 19.69 -13.46
CA ASP C 122 -39.38 19.34 -14.87
C ASP C 122 -39.88 17.91 -15.00
N ALA C 123 -41.05 17.74 -15.64
CA ALA C 123 -41.57 16.42 -15.91
C ALA C 123 -40.78 15.80 -17.06
N SER C 124 -39.47 16.06 -17.07
CA SER C 124 -38.59 15.56 -18.12
C SER C 124 -38.27 14.10 -17.90
N ARG C 125 -38.02 13.72 -16.64
CA ARG C 125 -37.65 12.36 -16.33
C ARG C 125 -38.89 11.48 -16.33
N THR C 126 -38.67 10.21 -16.63
CA THR C 126 -39.70 9.20 -16.74
C THR C 126 -39.59 8.31 -15.51
N SER C 127 -40.07 7.08 -15.59
CA SER C 127 -40.02 6.25 -14.39
C SER C 127 -38.55 5.96 -14.11
N ALA C 128 -38.04 4.79 -14.48
CA ALA C 128 -36.60 4.56 -14.38
C ALA C 128 -36.08 4.90 -12.99
N ASP C 129 -36.99 5.05 -12.02
CA ASP C 129 -36.69 5.56 -10.70
C ASP C 129 -35.93 4.54 -9.86
N ASP C 130 -36.69 3.66 -9.20
CA ASP C 130 -36.22 2.59 -8.34
C ASP C 130 -35.38 1.60 -9.13
N LYS C 131 -35.04 1.94 -10.36
CA LYS C 131 -34.25 1.06 -11.22
C LYS C 131 -32.77 1.37 -11.11
N TRP C 132 -32.41 2.65 -11.06
CA TRP C 132 -31.00 3.03 -10.96
C TRP C 132 -30.80 4.24 -10.03
N LEU C 133 -31.73 5.20 -10.02
CA LEU C 133 -31.45 6.44 -9.30
C LEU C 133 -31.06 6.21 -7.85
N PRO C 134 -31.80 5.42 -7.06
CA PRO C 134 -31.36 5.17 -5.68
C PRO C 134 -30.00 4.51 -5.59
N LEU C 135 -29.68 3.61 -6.53
CA LEU C 135 -28.36 2.99 -6.55
C LEU C 135 -27.28 4.05 -6.68
N TYR C 136 -27.49 5.02 -7.56
CA TYR C 136 -26.51 6.10 -7.72
C TYR C 136 -26.37 6.90 -6.43
N LEU C 137 -27.52 7.32 -5.87
CA LEU C 137 -27.49 8.13 -4.66
C LEU C 137 -26.77 7.41 -3.53
N LEU C 138 -26.95 6.10 -3.42
CA LEU C 138 -26.32 5.34 -2.35
C LEU C 138 -24.83 5.10 -2.63
N GLY C 139 -24.47 4.89 -3.90
CA GLY C 139 -23.08 4.69 -4.25
C GLY C 139 -22.24 5.93 -4.06
N LEU C 140 -22.86 7.11 -4.15
CA LEU C 140 -22.08 8.32 -3.91
C LEU C 140 -21.51 8.35 -2.49
N TYR C 141 -22.13 7.65 -1.53
CA TYR C 141 -21.56 7.56 -0.19
C TYR C 141 -20.25 6.78 -0.21
N ARG C 142 -20.25 5.61 -0.88
CA ARG C 142 -19.04 4.82 -1.01
C ARG C 142 -17.96 5.60 -1.74
N VAL C 143 -18.34 6.41 -2.73
CA VAL C 143 -17.35 7.23 -3.41
C VAL C 143 -16.85 8.34 -2.49
N GLY C 144 -17.71 8.84 -1.61
CA GLY C 144 -17.34 9.89 -0.68
C GLY C 144 -16.51 9.46 0.50
N ARG C 145 -16.42 8.15 0.76
CA ARG C 145 -15.63 7.73 1.92
C ARG C 145 -14.12 7.82 1.71
N THR C 146 -13.66 8.17 0.52
CA THR C 146 -12.23 8.18 0.25
C THR C 146 -11.77 9.57 -0.15
N GLN C 147 -10.45 9.72 -0.28
CA GLN C 147 -9.85 11.00 -0.67
C GLN C 147 -8.73 10.90 -1.67
N MET C 148 -8.10 9.73 -1.86
CA MET C 148 -7.01 9.60 -2.81
C MET C 148 -7.55 9.23 -4.18
N PRO C 149 -6.73 9.38 -5.23
CA PRO C 149 -7.21 9.13 -6.60
C PRO C 149 -7.89 7.79 -6.83
N GLU C 150 -8.26 7.09 -5.76
CA GLU C 150 -9.12 5.92 -5.89
C GLU C 150 -10.55 6.31 -6.23
N TYR C 151 -10.93 7.57 -5.98
CA TYR C 151 -12.30 7.99 -6.23
C TYR C 151 -12.68 7.86 -7.69
N ARG C 152 -11.79 8.26 -8.60
CA ARG C 152 -12.10 8.15 -10.02
C ARG C 152 -12.01 6.71 -10.52
N LYS C 153 -11.34 5.84 -9.77
CA LYS C 153 -11.36 4.41 -10.05
C LYS C 153 -12.55 3.70 -9.40
N LYS C 154 -13.18 4.32 -8.40
CA LYS C 154 -14.35 3.74 -7.76
C LYS C 154 -15.67 4.31 -8.28
N LEU C 155 -15.65 5.49 -8.89
CA LEU C 155 -16.85 6.02 -9.54
C LEU C 155 -17.10 5.39 -10.91
N MET C 156 -16.05 4.91 -11.57
CA MET C 156 -16.22 4.19 -12.83
C MET C 156 -17.03 2.90 -12.63
N ASP C 157 -16.70 2.15 -11.59
CA ASP C 157 -17.48 0.96 -11.25
C ASP C 157 -18.94 1.31 -11.02
N GLY C 158 -19.21 2.42 -10.34
CA GLY C 158 -20.56 2.84 -10.09
C GLY C 158 -21.36 3.01 -11.36
N LEU C 159 -20.88 3.83 -12.29
CA LEU C 159 -21.61 4.03 -13.53
C LEU C 159 -21.77 2.72 -14.29
N THR C 160 -20.81 1.80 -14.14
CA THR C 160 -20.95 0.52 -14.83
C THR C 160 -21.98 -0.39 -14.18
N ASN C 161 -22.27 -0.18 -12.89
CA ASN C 161 -23.23 -1.03 -12.19
C ASN C 161 -24.69 -0.61 -12.39
N GLN C 162 -24.94 0.60 -12.85
CA GLN C 162 -26.31 1.05 -13.10
C GLN C 162 -26.85 0.60 -14.45
N CYS C 163 -26.11 -0.24 -15.17
CA CYS C 163 -26.55 -0.76 -16.46
C CYS C 163 -27.24 -2.11 -16.36
N LYS C 164 -27.75 -2.48 -15.19
CA LYS C 164 -28.44 -3.75 -15.05
C LYS C 164 -29.84 -3.57 -15.62
N MET C 165 -29.98 -3.91 -16.90
CA MET C 165 -31.23 -3.72 -17.62
C MET C 165 -31.62 -2.26 -17.73
N ILE C 166 -30.66 -1.35 -17.57
CA ILE C 166 -30.95 0.08 -17.55
C ILE C 166 -30.09 0.82 -18.56
N ASN C 167 -28.77 0.73 -18.42
CA ASN C 167 -27.81 1.31 -19.36
C ASN C 167 -28.12 2.78 -19.58
N GLU C 168 -27.61 3.65 -18.71
CA GLU C 168 -27.81 5.08 -18.85
C GLU C 168 -26.44 5.74 -19.02
N GLN C 169 -26.16 6.80 -18.26
CA GLN C 169 -24.88 7.49 -18.38
C GLN C 169 -24.42 7.98 -17.01
N PHE C 170 -23.75 9.14 -16.97
CA PHE C 170 -23.25 9.70 -15.72
C PHE C 170 -24.12 10.91 -15.36
N GLU C 171 -23.56 11.81 -14.53
CA GLU C 171 -24.35 12.97 -14.11
C GLU C 171 -23.45 14.16 -13.76
N PRO C 172 -22.80 14.18 -12.61
CA PRO C 172 -21.95 15.33 -12.26
C PRO C 172 -20.65 15.31 -13.04
N LEU C 173 -19.86 16.38 -12.86
CA LEU C 173 -18.60 16.50 -13.61
C LEU C 173 -17.45 17.09 -12.79
N VAL C 174 -17.60 17.31 -11.49
CA VAL C 174 -16.53 18.00 -10.78
C VAL C 174 -15.78 17.02 -9.89
N PRO C 175 -14.46 17.17 -9.76
CA PRO C 175 -13.70 16.24 -8.92
C PRO C 175 -14.17 16.26 -7.47
N GLU C 176 -13.79 15.21 -6.75
CA GLU C 176 -14.25 15.03 -5.38
C GLU C 176 -13.44 15.90 -4.42
N GLY C 177 -12.44 15.31 -3.78
CA GLY C 177 -11.70 16.05 -2.76
C GLY C 177 -12.55 16.54 -1.62
N ARG C 178 -13.68 15.89 -1.36
CA ARG C 178 -14.61 16.31 -0.31
C ARG C 178 -15.07 17.74 -0.52
N ASP C 179 -16.03 17.93 -1.44
CA ASP C 179 -16.57 19.25 -1.75
C ASP C 179 -17.99 19.15 -2.27
N ILE C 180 -18.26 18.15 -3.10
CA ILE C 180 -19.54 18.05 -3.80
C ILE C 180 -20.55 17.27 -2.97
N PHE C 181 -20.54 15.95 -3.13
CA PHE C 181 -21.46 15.05 -2.45
C PHE C 181 -20.97 14.56 -1.09
N ASP C 182 -19.73 14.88 -0.71
CA ASP C 182 -19.21 14.38 0.55
C ASP C 182 -19.88 15.00 1.77
N VAL C 183 -20.69 16.05 1.59
CA VAL C 183 -21.39 16.61 2.73
C VAL C 183 -22.37 15.60 3.28
N TRP C 184 -22.87 14.72 2.41
CA TRP C 184 -23.82 13.72 2.83
C TRP C 184 -23.26 12.83 3.93
N GLY C 185 -21.93 12.72 4.01
CA GLY C 185 -21.35 11.89 5.06
C GLY C 185 -21.71 12.36 6.46
N ASN C 186 -21.81 13.67 6.65
CA ASN C 186 -22.11 14.22 7.98
C ASN C 186 -23.60 14.34 8.27
N ASP C 187 -24.46 13.85 7.39
CA ASP C 187 -25.91 13.92 7.61
C ASP C 187 -26.39 12.65 8.30
N SER C 188 -26.98 12.81 9.49
CA SER C 188 -27.42 11.66 10.26
C SER C 188 -28.49 10.86 9.50
N ASN C 189 -29.43 11.55 8.86
CA ASN C 189 -30.54 10.85 8.22
C ASN C 189 -30.08 10.12 6.96
N TYR C 190 -29.17 10.72 6.20
CA TYR C 190 -28.65 10.04 5.00
C TYR C 190 -27.91 8.76 5.37
N THR C 191 -27.00 8.84 6.36
CA THR C 191 -26.30 7.66 6.81
C THR C 191 -27.27 6.63 7.37
N LYS C 192 -28.33 7.10 8.04
CA LYS C 192 -29.33 6.17 8.56
C LYS C 192 -30.04 5.45 7.41
N ILE C 193 -30.32 6.16 6.33
CA ILE C 193 -30.96 5.53 5.17
C ILE C 193 -30.03 4.47 4.57
N VAL C 194 -28.75 4.82 4.40
CA VAL C 194 -27.81 3.87 3.80
C VAL C 194 -27.67 2.63 4.69
N ALA C 195 -27.60 2.83 6.01
CA ALA C 195 -27.46 1.70 6.92
C ALA C 195 -28.71 0.83 6.90
N ALA C 196 -29.89 1.45 6.83
CA ALA C 196 -31.12 0.67 6.74
C ALA C 196 -31.14 -0.16 5.46
N VAL C 197 -30.72 0.42 4.34
CA VAL C 197 -30.68 -0.33 3.09
C VAL C 197 -29.74 -1.52 3.21
N ASP C 198 -28.54 -1.27 3.76
CA ASP C 198 -27.55 -2.34 3.86
C ASP C 198 -28.06 -3.47 4.76
N MET C 199 -28.63 -3.12 5.91
CA MET C 199 -29.14 -4.14 6.83
C MET C 199 -30.28 -4.92 6.18
N PHE C 200 -31.23 -4.22 5.57
CA PHE C 200 -32.38 -4.87 4.96
C PHE C 200 -31.93 -5.88 3.90
N PHE C 201 -31.03 -5.46 3.02
CA PHE C 201 -30.58 -6.39 1.98
C PHE C 201 -29.53 -7.38 2.48
N HIS C 202 -28.99 -7.19 3.68
CA HIS C 202 -28.21 -8.23 4.32
C HIS C 202 -29.10 -9.35 4.83
N MET C 203 -30.32 -9.02 5.27
CA MET C 203 -31.27 -10.08 5.58
C MET C 203 -31.80 -10.74 4.32
N PHE C 204 -32.23 -9.94 3.34
CA PHE C 204 -32.82 -10.45 2.10
C PHE C 204 -31.76 -10.39 1.00
N LYS C 205 -30.81 -11.32 1.07
CA LYS C 205 -29.74 -11.38 0.09
C LYS C 205 -30.25 -11.74 -1.30
N LYS C 206 -31.29 -12.57 -1.39
CA LYS C 206 -31.82 -13.02 -2.67
C LYS C 206 -32.81 -12.04 -3.29
N HIS C 207 -32.98 -10.84 -2.72
CA HIS C 207 -33.95 -9.89 -3.25
C HIS C 207 -33.42 -9.23 -4.53
N GLU C 208 -34.37 -8.87 -5.41
CA GLU C 208 -34.02 -8.29 -6.70
C GLU C 208 -33.08 -7.10 -6.55
N CYS C 209 -33.36 -6.21 -5.60
CA CYS C 209 -32.61 -4.96 -5.49
C CYS C 209 -31.46 -5.06 -4.51
N ALA C 210 -30.97 -6.27 -4.22
CA ALA C 210 -29.82 -6.40 -3.35
C ALA C 210 -28.59 -5.74 -3.95
N SER C 211 -28.62 -5.44 -5.25
CA SER C 211 -27.50 -4.75 -5.88
C SER C 211 -27.25 -3.41 -5.22
N PHE C 212 -28.29 -2.81 -4.62
CA PHE C 212 -28.09 -1.55 -3.91
C PHE C 212 -27.03 -1.66 -2.84
N ARG C 213 -26.69 -2.87 -2.41
CA ARG C 213 -25.66 -3.02 -1.39
C ARG C 213 -24.30 -2.57 -1.88
N TYR C 214 -23.99 -2.81 -3.16
CA TYR C 214 -22.64 -2.48 -3.64
C TYR C 214 -22.46 -0.97 -3.71
N GLY C 215 -22.34 -0.32 -2.56
CA GLY C 215 -22.14 1.10 -2.47
C GLY C 215 -22.51 1.57 -1.07
N THR C 216 -23.46 0.87 -0.48
CA THR C 216 -23.84 1.05 0.91
C THR C 216 -23.13 0.06 1.82
N ILE C 217 -22.48 -0.95 1.24
CA ILE C 217 -21.82 -2.01 2.00
C ILE C 217 -20.70 -1.46 2.86
N VAL C 218 -20.14 -0.30 2.52
CA VAL C 218 -19.09 0.28 3.33
C VAL C 218 -19.62 0.79 4.66
N SER C 219 -20.94 0.71 4.86
CA SER C 219 -21.53 1.08 6.15
C SER C 219 -21.48 -0.05 7.16
N ARG C 220 -21.47 -1.31 6.71
CA ARG C 220 -21.47 -2.44 7.64
C ARG C 220 -20.14 -2.51 8.37
N PHE C 221 -20.20 -2.58 9.70
CA PHE C 221 -19.02 -2.61 10.56
C PHE C 221 -18.12 -1.40 10.32
N LYS C 222 -18.72 -0.27 9.99
CA LYS C 222 -17.97 0.98 9.90
C LYS C 222 -17.34 1.30 11.24
N ASP C 223 -16.07 1.70 11.22
CA ASP C 223 -15.32 1.96 12.46
C ASP C 223 -15.34 0.73 13.39
N CYS C 224 -15.26 -0.46 12.79
CA CYS C 224 -15.11 -1.71 13.53
C CYS C 224 -13.92 -2.50 13.01
N ALA C 225 -12.84 -1.80 12.65
CA ALA C 225 -11.72 -2.46 11.98
C ALA C 225 -11.06 -3.49 12.89
N ALA C 226 -10.96 -3.20 14.19
CA ALA C 226 -10.28 -4.11 15.11
C ALA C 226 -10.94 -5.48 15.15
N LEU C 227 -12.27 -5.51 15.17
CA LEU C 227 -12.96 -6.80 15.12
C LEU C 227 -12.63 -7.57 13.86
N ALA C 228 -12.60 -6.87 12.71
CA ALA C 228 -12.26 -7.52 11.46
C ALA C 228 -10.83 -8.05 11.48
N THR C 229 -9.92 -7.32 12.12
CA THR C 229 -8.54 -7.79 12.23
C THR C 229 -8.42 -8.98 13.16
N PHE C 230 -9.24 -9.03 14.20
CA PHE C 230 -9.26 -10.20 15.07
C PHE C 230 -9.71 -11.43 14.28
N GLY C 231 -10.80 -11.29 13.51
CA GLY C 231 -11.24 -12.39 12.67
C GLY C 231 -10.20 -12.79 11.63
N HIS C 232 -9.56 -11.80 11.02
CA HIS C 232 -8.51 -12.07 10.03
C HIS C 232 -7.34 -12.81 10.65
N LEU C 233 -6.97 -12.43 11.88
CA LEU C 233 -5.88 -13.12 12.57
C LEU C 233 -6.27 -14.57 12.87
N CYS C 234 -7.51 -14.79 13.31
CA CYS C 234 -7.98 -16.16 13.52
C CYS C 234 -7.90 -16.97 12.22
N LYS C 235 -8.31 -16.37 11.10
CA LYS C 235 -8.25 -17.09 9.83
C LYS C 235 -6.82 -17.36 9.39
N ILE C 236 -5.92 -16.41 9.64
CA ILE C 236 -4.56 -16.52 9.11
C ILE C 236 -3.74 -17.50 9.94
N THR C 237 -3.93 -17.49 11.27
CA THR C 237 -3.23 -18.45 12.12
C THR C 237 -3.93 -19.80 12.15
N GLY C 238 -5.20 -19.86 11.76
CA GLY C 238 -5.96 -21.09 11.84
C GLY C 238 -6.29 -21.54 13.24
N MET C 239 -5.96 -20.74 14.25
CA MET C 239 -6.24 -21.11 15.63
C MET C 239 -7.65 -20.67 16.02
N SER C 240 -8.15 -21.26 17.09
CA SER C 240 -9.45 -20.84 17.61
C SER C 240 -9.36 -19.45 18.23
N THR C 241 -10.53 -18.83 18.41
CA THR C 241 -10.57 -17.53 19.06
C THR C 241 -9.99 -17.60 20.47
N GLU C 242 -10.19 -18.73 21.16
CA GLU C 242 -9.70 -18.87 22.51
C GLU C 242 -8.17 -18.96 22.55
N ASP C 243 -7.57 -19.72 21.63
CA ASP C 243 -6.12 -19.81 21.59
C ASP C 243 -5.50 -18.45 21.22
N VAL C 244 -6.04 -17.81 20.19
CA VAL C 244 -5.57 -16.48 19.82
C VAL C 244 -5.69 -15.53 21.00
N THR C 245 -6.79 -15.61 21.75
CA THR C 245 -6.94 -14.80 22.94
C THR C 245 -5.83 -15.10 23.94
N THR C 246 -5.51 -16.39 24.12
CA THR C 246 -4.45 -16.78 25.04
C THR C 246 -3.08 -16.30 24.57
N TRP C 247 -2.92 -16.01 23.28
CA TRP C 247 -1.63 -15.55 22.78
C TRP C 247 -1.41 -14.06 22.93
N ILE C 248 -2.33 -13.32 23.55
CA ILE C 248 -2.08 -11.92 23.86
C ILE C 248 -1.05 -11.83 24.98
N LEU C 249 -0.01 -11.03 24.77
CA LEU C 249 1.13 -11.02 25.67
C LEU C 249 1.46 -9.63 26.19
N ASN C 250 0.63 -8.64 25.92
CA ASN C 250 0.83 -7.29 26.42
C ASN C 250 -0.40 -6.83 27.19
N ARG C 251 -0.18 -6.13 28.30
CA ARG C 251 -1.27 -5.70 29.17
C ARG C 251 -2.30 -4.88 28.40
N GLU C 252 -1.83 -3.92 27.60
CA GLU C 252 -2.72 -2.99 26.93
C GLU C 252 -3.54 -3.67 25.83
N VAL C 253 -2.94 -4.66 25.15
CA VAL C 253 -3.70 -5.42 24.16
C VAL C 253 -4.78 -6.24 24.85
N ALA C 254 -4.48 -6.79 26.03
CA ALA C 254 -5.49 -7.49 26.81
C ALA C 254 -6.62 -6.56 27.23
N ASP C 255 -6.28 -5.35 27.66
CA ASP C 255 -7.31 -4.37 28.00
C ASP C 255 -8.22 -4.10 26.81
N GLU C 256 -7.62 -3.88 25.63
CA GLU C 256 -8.42 -3.58 24.45
C GLU C 256 -9.27 -4.78 24.04
N MET C 257 -8.74 -6.00 24.20
CA MET C 257 -9.54 -7.19 23.89
C MET C 257 -10.73 -7.30 24.83
N VAL C 258 -10.51 -7.12 26.14
CA VAL C 258 -11.61 -7.15 27.08
C VAL C 258 -12.65 -6.09 26.71
N GLN C 259 -12.19 -4.90 26.32
CA GLN C 259 -13.11 -3.85 25.93
C GLN C 259 -13.95 -4.26 24.72
N MET C 260 -13.33 -4.91 23.73
CA MET C 260 -14.05 -5.30 22.53
C MET C 260 -14.98 -6.49 22.76
N MET C 261 -14.68 -7.32 23.75
CA MET C 261 -15.42 -8.57 24.00
C MET C 261 -16.50 -8.42 25.06
N LEU C 262 -16.94 -7.19 25.33
CA LEU C 262 -18.00 -6.99 26.30
C LEU C 262 -19.19 -7.89 25.96
N PRO C 263 -19.75 -8.62 26.92
CA PRO C 263 -20.59 -9.78 26.58
C PRO C 263 -21.90 -9.45 25.91
N GLY C 264 -22.53 -8.32 26.25
CA GLY C 264 -23.86 -8.04 25.73
C GLY C 264 -23.91 -7.10 24.54
N GLN C 265 -23.17 -7.41 23.48
CA GLN C 265 -23.11 -6.52 22.33
C GLN C 265 -23.53 -7.15 21.00
N GLU C 266 -23.89 -8.43 20.99
CA GLU C 266 -24.41 -9.08 19.78
C GLU C 266 -23.46 -8.94 18.59
N ILE C 267 -22.15 -8.93 18.84
CA ILE C 267 -21.19 -8.78 17.76
C ILE C 267 -21.09 -10.04 16.91
N ASP C 268 -21.44 -11.19 17.45
CA ASP C 268 -21.43 -12.45 16.71
C ASP C 268 -22.80 -12.80 16.15
N LYS C 269 -23.80 -11.95 16.36
CA LYS C 269 -25.15 -12.22 15.88
C LYS C 269 -25.22 -12.01 14.37
N ALA C 270 -26.08 -12.80 13.72
CA ALA C 270 -26.13 -12.82 12.25
C ALA C 270 -26.57 -11.47 11.70
N ASP C 271 -27.78 -11.04 12.03
CA ASP C 271 -28.39 -9.83 11.48
C ASP C 271 -28.75 -8.92 12.64
N SER C 272 -27.81 -8.05 13.02
CA SER C 272 -27.99 -7.17 14.17
C SER C 272 -27.79 -5.71 13.76
N TYR C 273 -28.18 -4.82 14.67
CA TYR C 273 -27.91 -3.39 14.52
C TYR C 273 -26.46 -3.04 14.80
N MET C 274 -25.73 -3.91 15.50
CA MET C 274 -24.36 -3.62 15.91
C MET C 274 -23.45 -3.17 14.76
N PRO C 275 -23.43 -3.84 13.61
CA PRO C 275 -22.51 -3.43 12.55
C PRO C 275 -22.71 -2.00 12.08
N TYR C 276 -23.85 -1.39 12.37
CA TYR C 276 -24.15 -0.03 11.93
C TYR C 276 -24.28 0.94 13.10
N LEU C 277 -23.54 0.69 14.18
CA LEU C 277 -23.64 1.54 15.36
C LEU C 277 -23.28 2.98 15.06
N ILE C 278 -22.42 3.22 14.07
CA ILE C 278 -21.98 4.58 13.77
C ILE C 278 -22.99 5.30 12.91
N ASP C 279 -23.35 4.72 11.76
CA ASP C 279 -24.22 5.41 10.81
C ASP C 279 -25.64 5.53 11.33
N PHE C 280 -26.10 4.58 12.15
CA PHE C 280 -27.40 4.71 12.80
C PHE C 280 -27.36 5.65 14.00
N GLY C 281 -26.22 6.26 14.30
CA GLY C 281 -26.10 7.13 15.46
C GLY C 281 -26.27 6.43 16.79
N LEU C 282 -25.99 5.13 16.86
CA LEU C 282 -26.06 4.41 18.12
C LEU C 282 -24.88 4.74 19.03
N SER C 283 -23.74 5.10 18.46
CA SER C 283 -22.54 5.39 19.24
C SER C 283 -21.80 6.55 18.62
N SER C 284 -21.20 7.38 19.46
CA SER C 284 -20.37 8.49 19.03
C SER C 284 -18.88 8.16 19.05
N LYS C 285 -18.48 7.08 19.71
CA LYS C 285 -17.07 6.68 19.77
C LYS C 285 -17.04 5.16 19.72
N SER C 286 -16.67 4.61 18.57
CA SER C 286 -16.76 3.16 18.38
C SER C 286 -15.78 2.43 19.30
N PRO C 287 -16.23 1.48 20.10
CA PRO C 287 -15.30 0.66 20.89
C PRO C 287 -14.52 -0.35 20.07
N TYR C 288 -14.95 -0.63 18.84
CA TYR C 288 -14.31 -1.62 17.98
C TYR C 288 -13.43 -1.00 16.91
N SER C 289 -13.23 0.31 16.95
CA SER C 289 -12.39 0.99 15.98
C SER C 289 -10.92 0.72 16.24
N SER C 290 -10.09 1.01 15.24
CA SER C 290 -8.65 0.89 15.39
C SER C 290 -8.06 2.06 16.17
N VAL C 291 -8.77 3.20 16.23
CA VAL C 291 -8.30 4.32 17.02
C VAL C 291 -8.40 4.02 18.50
N LYS C 292 -9.41 3.24 18.91
CA LYS C 292 -9.57 2.85 20.31
C LYS C 292 -8.94 1.51 20.64
N ASN C 293 -8.38 0.81 19.65
CA ASN C 293 -7.66 -0.45 19.87
C ASN C 293 -6.31 -0.38 19.16
N PRO C 294 -5.47 0.60 19.49
CA PRO C 294 -4.22 0.79 18.75
C PRO C 294 -3.24 -0.35 18.96
N ALA C 295 -2.98 -0.68 20.23
CA ALA C 295 -2.05 -1.75 20.54
C ALA C 295 -2.48 -3.05 19.90
N PHE C 296 -3.74 -3.45 20.11
CA PHE C 296 -4.24 -4.68 19.51
C PHE C 296 -4.15 -4.65 18.00
N HIS C 297 -4.60 -3.54 17.39
CA HIS C 297 -4.55 -3.45 15.93
C HIS C 297 -3.12 -3.66 15.42
N PHE C 298 -2.17 -2.89 15.97
CA PHE C 298 -0.78 -3.02 15.54
C PHE C 298 -0.26 -4.44 15.73
N TRP C 299 -0.45 -4.99 16.93
CA TRP C 299 0.06 -6.33 17.23
C TRP C 299 -0.52 -7.35 16.25
N GLY C 300 -1.84 -7.38 16.12
CA GLY C 300 -2.47 -8.36 15.27
C GLY C 300 -2.05 -8.24 13.82
N GLN C 301 -2.08 -7.01 13.29
CA GLN C 301 -1.72 -6.83 11.88
C GLN C 301 -0.26 -7.16 11.62
N LEU C 302 0.63 -6.82 12.55
CA LEU C 302 2.03 -7.17 12.38
C LEU C 302 2.21 -8.69 12.36
N THR C 303 1.62 -9.38 13.34
CA THR C 303 1.67 -10.83 13.34
C THR C 303 1.14 -11.41 12.03
N ALA C 304 -0.02 -10.93 11.59
CA ALA C 304 -0.58 -11.40 10.33
C ALA C 304 0.39 -11.18 9.18
N LEU C 305 1.03 -10.02 9.12
CA LEU C 305 1.98 -9.74 8.04
C LEU C 305 3.13 -10.74 8.07
N LEU C 306 3.69 -10.99 9.25
CA LEU C 306 4.75 -11.99 9.35
C LEU C 306 4.28 -13.36 8.86
N LEU C 307 2.97 -13.62 8.91
CA LEU C 307 2.41 -14.84 8.34
C LEU C 307 1.96 -14.67 6.89
N ARG C 308 2.53 -13.70 6.17
CA ARG C 308 2.29 -13.51 4.74
C ARG C 308 0.89 -12.97 4.43
N SER C 309 0.33 -12.16 5.32
CA SER C 309 -0.94 -11.52 5.01
C SER C 309 -0.73 -10.42 3.98
N THR C 310 -1.66 -10.35 3.03
CA THR C 310 -1.62 -9.30 2.02
C THR C 310 -2.38 -8.06 2.44
N ARG C 311 -3.38 -8.21 3.32
CA ARG C 311 -4.08 -7.03 3.82
C ARG C 311 -3.18 -6.21 4.74
N ALA C 312 -2.42 -6.88 5.60
CA ALA C 312 -1.59 -6.17 6.56
C ALA C 312 -0.54 -5.30 5.89
N ARG C 313 -0.21 -5.58 4.62
CA ARG C 313 0.82 -4.82 3.93
C ARG C 313 0.56 -3.31 4.02
N ASN C 314 -0.69 -2.90 3.83
CA ASN C 314 -1.04 -1.48 3.75
C ASN C 314 -1.81 -0.98 4.97
N ALA C 315 -1.80 -1.72 6.08
CA ALA C 315 -2.49 -1.28 7.28
C ALA C 315 -1.76 -0.10 7.92
N ARG C 316 -2.53 0.86 8.42
CA ARG C 316 -1.94 2.06 9.02
C ARG C 316 -1.26 1.70 10.33
N GLN C 317 -0.16 2.41 10.62
CA GLN C 317 0.57 2.22 11.86
C GLN C 317 0.08 3.23 12.88
N PRO C 318 -0.57 2.79 13.96
CA PRO C 318 -1.08 3.76 14.96
C PRO C 318 0.05 4.46 15.69
N ASP C 319 -0.32 5.50 16.42
CA ASP C 319 0.61 6.29 17.21
C ASP C 319 0.41 6.01 18.69
N ASP C 320 1.42 6.37 19.48
CA ASP C 320 1.33 6.32 20.94
C ASP C 320 1.09 4.91 21.45
N ILE C 321 1.93 3.97 20.99
CA ILE C 321 1.87 2.59 21.44
C ILE C 321 3.29 2.07 21.67
N GLU C 322 3.37 0.94 22.37
CA GLU C 322 4.64 0.29 22.71
C GLU C 322 5.14 -0.48 21.49
N TYR C 323 5.83 0.23 20.59
CA TYR C 323 6.31 -0.38 19.36
C TYR C 323 7.26 -1.54 19.65
N THR C 324 8.27 -1.33 20.49
CA THR C 324 9.26 -2.37 20.71
C THR C 324 8.63 -3.62 21.32
N SER C 325 7.88 -3.45 22.41
CA SER C 325 7.29 -4.59 23.10
C SER C 325 6.26 -5.29 22.23
N LEU C 326 5.36 -4.51 21.61
CA LEU C 326 4.37 -5.11 20.72
C LEU C 326 5.03 -5.88 19.59
N THR C 327 6.11 -5.33 19.03
CA THR C 327 6.75 -6.00 17.89
C THR C 327 7.43 -7.28 18.33
N THR C 328 8.09 -7.28 19.50
CA THR C 328 8.69 -8.53 19.97
C THR C 328 7.62 -9.57 20.28
N ALA C 329 6.51 -9.17 20.87
CA ALA C 329 5.42 -10.11 21.15
C ALA C 329 4.86 -10.70 19.87
N GLY C 330 4.55 -9.84 18.89
CA GLY C 330 4.07 -10.32 17.62
C GLY C 330 5.07 -11.22 16.92
N LEU C 331 6.36 -10.89 17.05
CA LEU C 331 7.40 -11.73 16.46
C LEU C 331 7.38 -13.12 17.07
N LEU C 332 7.29 -13.20 18.40
CA LEU C 332 7.22 -14.50 19.05
C LEU C 332 6.01 -15.28 18.56
N TYR C 333 4.84 -14.63 18.51
CA TYR C 333 3.62 -15.30 18.05
C TYR C 333 3.78 -15.82 16.63
N ALA C 334 4.23 -14.96 15.72
CA ALA C 334 4.36 -15.34 14.32
C ALA C 334 5.39 -16.44 14.13
N TYR C 335 6.51 -16.37 14.85
CA TYR C 335 7.52 -17.42 14.75
C TYR C 335 6.97 -18.75 15.25
N ALA C 336 6.21 -18.72 16.35
CA ALA C 336 5.59 -19.94 16.85
C ALA C 336 4.65 -20.54 15.79
N VAL C 337 3.80 -19.70 15.19
CA VAL C 337 2.86 -20.21 14.20
C VAL C 337 3.59 -20.74 12.97
N GLY C 338 4.60 -20.01 12.50
CA GLY C 338 5.30 -20.39 11.28
C GLY C 338 6.29 -21.51 11.44
N SER C 339 6.64 -21.87 12.67
CA SER C 339 7.53 -23.00 12.91
C SER C 339 6.77 -24.29 13.22
N SER C 340 5.58 -24.18 13.81
CA SER C 340 4.76 -25.34 14.16
C SER C 340 3.65 -25.49 13.11
N ALA C 341 3.96 -26.22 12.04
CA ALA C 341 2.94 -26.49 11.04
C ALA C 341 1.89 -27.44 11.60
N ASP C 342 0.65 -27.24 11.16
CA ASP C 342 -0.46 -28.11 11.56
C ASP C 342 -0.15 -29.55 11.16
N LEU C 343 -0.25 -29.85 9.86
CA LEU C 343 0.22 -31.11 9.29
C LEU C 343 -0.27 -32.33 10.07
N ALA C 344 -1.37 -32.92 9.63
CA ALA C 344 -1.86 -34.17 10.19
C ALA C 344 -2.64 -34.92 9.12
N GLN C 345 -2.45 -36.23 9.07
CA GLN C 345 -3.14 -37.04 8.07
C GLN C 345 -4.64 -36.98 8.28
N GLN C 346 -5.39 -36.82 7.19
CA GLN C 346 -6.83 -36.67 7.22
C GLN C 346 -7.60 -37.87 6.69
N PHE C 347 -7.14 -38.47 5.59
CA PHE C 347 -7.79 -39.64 5.00
C PHE C 347 -6.82 -40.79 4.92
N CYS C 348 -7.37 -42.00 4.79
CA CYS C 348 -6.54 -43.20 4.76
C CYS C 348 -7.31 -44.30 4.05
N VAL C 349 -6.65 -45.45 3.89
CA VAL C 349 -7.25 -46.66 3.34
C VAL C 349 -7.02 -47.79 4.33
N GLY C 350 -7.28 -47.53 5.61
CA GLY C 350 -6.93 -48.47 6.65
C GLY C 350 -5.48 -48.41 7.10
N ASP C 351 -4.73 -47.39 6.67
CA ASP C 351 -3.31 -47.26 6.98
C ASP C 351 -3.06 -45.83 7.45
N ASN C 352 -3.09 -45.62 8.76
CA ASN C 352 -2.92 -44.30 9.34
C ASN C 352 -1.50 -44.12 9.88
N LYS C 353 -1.15 -42.88 10.19
CA LYS C 353 0.10 -42.54 10.86
C LYS C 353 -0.20 -42.00 12.24
N TYR C 354 0.25 -42.72 13.26
CA TYR C 354 0.23 -42.25 14.64
C TYR C 354 1.50 -41.45 14.90
N THR C 355 1.36 -40.32 15.60
CA THR C 355 2.49 -39.41 15.65
C THR C 355 3.40 -39.63 16.87
N PRO C 356 3.09 -40.57 17.77
CA PRO C 356 4.09 -40.97 18.76
C PRO C 356 4.95 -42.10 18.20
N ASP C 357 6.18 -41.80 17.81
CA ASP C 357 7.02 -42.80 17.16
C ASP C 357 8.46 -42.75 17.68
N THR C 364 18.35 -28.90 19.66
CA THR C 364 18.45 -30.06 20.54
C THR C 364 18.15 -29.67 21.99
N THR C 365 18.95 -28.75 22.53
CA THR C 365 18.66 -28.15 23.83
C THR C 365 17.91 -26.83 23.68
N ASN C 366 18.46 -25.90 22.90
CA ASN C 366 17.81 -24.62 22.62
C ASN C 366 16.91 -24.77 21.40
N ALA C 367 15.89 -25.61 21.53
CA ALA C 367 15.07 -25.83 20.36
C ALA C 367 13.64 -25.39 20.58
N PRO C 368 13.00 -24.81 19.56
CA PRO C 368 11.67 -24.27 19.74
C PRO C 368 10.69 -25.35 20.18
N PRO C 369 9.70 -24.98 20.99
CA PRO C 369 8.75 -25.99 21.49
C PRO C 369 8.02 -26.69 20.35
N GLN C 370 7.30 -27.74 20.73
CA GLN C 370 6.68 -28.63 19.75
C GLN C 370 5.54 -27.95 19.00
N GLY C 371 4.49 -27.57 19.71
CA GLY C 371 3.24 -27.12 19.11
C GLY C 371 3.08 -25.62 19.13
N ARG C 372 1.87 -25.18 19.43
CA ARG C 372 1.47 -23.77 19.43
C ARG C 372 0.88 -23.41 20.79
N ASP C 373 1.47 -23.94 21.85
CA ASP C 373 1.01 -23.68 23.21
C ASP C 373 1.74 -22.47 23.77
N VAL C 374 0.98 -21.56 24.39
CA VAL C 374 1.56 -20.31 24.88
C VAL C 374 2.57 -20.57 25.98
N VAL C 375 2.28 -21.52 26.87
CA VAL C 375 3.12 -21.73 28.04
C VAL C 375 4.50 -22.21 27.64
N GLU C 376 4.57 -23.23 26.77
CA GLU C 376 5.88 -23.73 26.37
C GLU C 376 6.70 -22.65 25.67
N TRP C 377 6.07 -21.89 24.77
CA TRP C 377 6.83 -20.87 24.06
C TRP C 377 7.28 -19.75 24.99
N LEU C 378 6.47 -19.42 26.00
CA LEU C 378 6.88 -18.42 26.98
C LEU C 378 8.06 -18.92 27.80
N GLY C 379 8.03 -20.19 28.20
CA GLY C 379 9.18 -20.76 28.90
C GLY C 379 10.42 -20.80 28.04
N TRP C 380 10.26 -21.13 26.75
CA TRP C 380 11.37 -21.15 25.82
C TRP C 380 11.96 -19.76 25.66
N PHE C 381 11.11 -18.74 25.60
CA PHE C 381 11.59 -17.37 25.51
C PHE C 381 12.31 -16.94 26.78
N GLU C 382 11.81 -17.35 27.95
CA GLU C 382 12.54 -17.14 29.18
C GLU C 382 13.94 -17.74 29.10
N ASP C 383 14.02 -19.01 28.70
CA ASP C 383 15.31 -19.68 28.54
C ASP C 383 16.16 -19.04 27.45
N GLN C 384 15.57 -18.25 26.57
CA GLN C 384 16.29 -17.55 25.50
C GLN C 384 16.64 -16.12 25.88
N ASN C 385 16.97 -15.90 27.16
CA ASN C 385 17.26 -14.60 27.73
C ASN C 385 16.32 -13.49 27.25
N ARG C 386 15.04 -13.81 27.11
CA ARG C 386 14.01 -12.80 26.86
C ARG C 386 14.32 -11.94 25.63
N LYS C 387 15.16 -12.45 24.73
CA LYS C 387 15.56 -11.75 23.52
C LYS C 387 15.36 -12.64 22.31
N PRO C 388 14.85 -12.09 21.20
CA PRO C 388 14.59 -12.93 20.02
C PRO C 388 15.86 -13.56 19.49
N THR C 389 15.76 -14.82 19.10
CA THR C 389 16.90 -15.58 18.62
C THR C 389 17.28 -15.17 17.19
N PRO C 390 18.50 -15.52 16.76
CA PRO C 390 18.86 -15.29 15.36
C PRO C 390 17.94 -16.01 14.38
N ASP C 391 17.42 -17.19 14.75
CA ASP C 391 16.57 -17.93 13.83
C ASP C 391 15.25 -17.22 13.58
N MET C 392 14.61 -16.71 14.63
CA MET C 392 13.37 -15.96 14.44
C MET C 392 13.64 -14.65 13.72
N MET C 393 14.77 -14.02 13.99
CA MET C 393 15.12 -12.78 13.30
C MET C 393 15.29 -13.03 11.81
N GLN C 394 15.95 -14.13 11.45
CA GLN C 394 16.10 -14.49 10.04
C GLN C 394 14.76 -14.84 9.42
N TYR C 395 13.87 -15.45 10.19
CA TYR C 395 12.52 -15.73 9.71
C TYR C 395 11.79 -14.43 9.39
N ALA C 396 11.84 -13.46 10.31
CA ALA C 396 11.21 -12.17 10.07
C ALA C 396 11.81 -11.47 8.86
N LYS C 397 13.13 -11.53 8.71
CA LYS C 397 13.77 -10.95 7.53
C LYS C 397 13.23 -11.57 6.25
N ARG C 398 13.27 -12.91 6.18
CA ARG C 398 12.71 -13.60 5.02
C ARG C 398 11.26 -13.21 4.78
N ALA C 399 10.52 -12.94 5.85
CA ALA C 399 9.10 -12.60 5.69
C ALA C 399 8.93 -11.20 5.12
N VAL C 400 9.76 -10.24 5.53
CA VAL C 400 9.54 -8.85 5.14
C VAL C 400 10.27 -8.47 3.85
N MET C 401 11.43 -9.08 3.59
CA MET C 401 12.14 -8.74 2.36
C MET C 401 11.32 -9.13 1.14
N SER C 402 11.66 -8.51 0.01
CA SER C 402 10.96 -8.72 -1.26
C SER C 402 9.51 -8.23 -1.21
N LEU C 403 9.21 -7.30 -0.30
CA LEU C 403 7.93 -6.59 -0.31
C LEU C 403 8.16 -5.27 -1.04
N GLN C 404 7.57 -5.13 -2.22
CA GLN C 404 7.74 -3.92 -3.00
C GLN C 404 6.64 -2.89 -2.70
N GLY C 405 6.95 -1.63 -3.04
CA GLY C 405 5.97 -0.57 -3.05
C GLY C 405 5.08 -0.43 -1.83
N LEU C 406 5.68 -0.27 -0.65
CA LEU C 406 4.91 -0.08 0.58
C LEU C 406 4.81 1.41 0.89
N ARG C 407 3.61 1.84 1.26
CA ARG C 407 3.33 3.24 1.54
C ARG C 407 3.86 3.64 2.92
N GLU C 408 4.00 4.96 3.11
CA GLU C 408 4.50 5.47 4.37
C GLU C 408 3.44 5.41 5.47
N LYS C 409 3.90 5.26 6.71
CA LYS C 409 3.04 5.14 7.89
C LYS C 409 2.20 3.88 7.89
N THR C 410 2.58 2.87 7.13
CA THR C 410 1.92 1.57 7.21
C THR C 410 2.76 0.62 8.05
N ILE C 411 2.10 -0.41 8.59
CA ILE C 411 2.83 -1.40 9.36
C ILE C 411 3.72 -2.24 8.48
N GLY C 412 3.43 -2.31 7.18
CA GLY C 412 4.33 -3.01 6.27
C GLY C 412 5.68 -2.35 6.15
N LYS C 413 5.68 -1.03 5.93
CA LYS C 413 6.94 -0.30 5.89
C LYS C 413 7.67 -0.40 7.23
N TYR C 414 6.93 -0.31 8.32
CA TYR C 414 7.54 -0.47 9.65
C TYR C 414 8.24 -1.82 9.77
N ALA C 415 7.54 -2.90 9.38
CA ALA C 415 8.12 -4.23 9.53
C ALA C 415 9.33 -4.41 8.62
N LYS C 416 9.26 -3.94 7.39
CA LYS C 416 10.40 -4.08 6.50
C LYS C 416 11.60 -3.28 7.01
N SER C 417 11.37 -2.05 7.48
CA SER C 417 12.46 -1.26 8.04
C SER C 417 13.01 -1.88 9.31
N GLU C 418 12.17 -2.60 10.07
CA GLU C 418 12.59 -3.17 11.34
C GLU C 418 13.41 -4.42 11.16
N PHE C 419 12.99 -5.32 10.25
CA PHE C 419 13.59 -6.64 10.17
C PHE C 419 14.44 -6.85 8.92
N ASP C 420 14.40 -5.94 7.95
CA ASP C 420 15.24 -6.03 6.76
C ASP C 420 16.22 -4.85 6.81
N LYS C 421 17.49 -5.14 7.06
CA LYS C 421 18.52 -4.10 7.15
C LYS C 421 19.59 -4.32 6.10
N SER D 1 33.04 25.83 44.94
CA SER D 1 33.41 26.47 43.67
C SER D 1 33.09 27.96 43.71
N VAL D 2 33.33 28.61 44.84
CA VAL D 2 33.04 30.03 45.00
C VAL D 2 34.20 30.88 44.51
N THR D 3 35.41 30.59 44.99
CA THR D 3 36.59 31.40 44.67
C THR D 3 37.44 30.68 43.63
N VAL D 4 37.76 31.39 42.56
CA VAL D 4 38.65 30.88 41.52
C VAL D 4 39.82 31.85 41.39
N LYS D 5 41.03 31.33 41.27
CA LYS D 5 42.22 32.17 41.22
C LYS D 5 43.14 31.75 40.09
N ARG D 6 43.62 32.74 39.37
CA ARG D 6 44.74 32.58 38.46
C ARG D 6 45.96 32.20 39.27
N ILE D 7 46.56 31.05 38.90
CA ILE D 7 47.63 30.41 39.67
C ILE D 7 48.98 31.01 39.36
N ILE D 8 49.14 31.67 38.20
CA ILE D 8 50.45 32.19 37.84
C ILE D 8 50.81 33.39 38.71
N ASP D 9 49.82 34.15 39.16
CA ASP D 9 50.06 35.29 40.04
C ASP D 9 49.16 35.31 41.27
N ASN D 10 48.33 34.28 41.46
CA ASN D 10 47.54 34.15 42.69
C ASN D 10 46.49 35.25 42.81
N THR D 11 45.82 35.59 41.71
CA THR D 11 44.81 36.64 41.79
C THR D 11 43.43 36.01 41.62
N VAL D 12 42.40 36.70 42.09
CA VAL D 12 41.05 36.14 42.08
C VAL D 12 40.30 36.64 40.87
N ILE D 13 39.70 35.72 40.13
CA ILE D 13 38.84 36.03 39.00
C ILE D 13 37.44 35.56 39.33
N VAL D 14 36.44 36.32 38.89
CA VAL D 14 35.05 36.04 39.18
C VAL D 14 34.34 35.74 37.86
N PRO D 15 34.21 34.47 37.49
CA PRO D 15 33.51 34.13 36.24
C PRO D 15 32.02 34.46 36.34
N LYS D 16 31.52 35.14 35.33
CA LYS D 16 30.10 35.51 35.27
C LYS D 16 29.71 35.72 33.83
N LEU D 17 28.46 35.39 33.52
CA LEU D 17 27.92 35.49 32.17
C LEU D 17 26.59 36.23 32.19
N PRO D 18 26.17 36.78 31.05
CA PRO D 18 24.93 37.56 31.01
C PRO D 18 23.73 36.80 31.55
N ALA D 19 22.80 37.56 32.12
CA ALA D 19 21.59 37.07 32.76
C ALA D 19 20.55 36.60 31.74
N ASN D 20 19.57 35.85 32.23
CA ASN D 20 18.46 35.32 31.44
C ASN D 20 17.21 35.45 32.27
N GLU D 21 16.35 36.42 31.94
CA GLU D 21 15.17 36.68 32.72
C GLU D 21 14.04 35.72 32.36
N ASP D 22 13.08 36.19 31.57
CA ASP D 22 11.88 35.48 31.13
C ASP D 22 11.48 34.34 32.05
N PRO D 23 11.13 34.60 33.30
CA PRO D 23 10.68 33.51 34.18
C PRO D 23 9.31 33.02 33.75
N VAL D 24 9.00 31.78 34.12
CA VAL D 24 7.73 31.19 33.74
C VAL D 24 6.60 31.81 34.56
N GLU D 25 5.39 31.80 34.01
CA GLU D 25 4.22 32.38 34.66
C GLU D 25 3.13 31.32 34.70
N TYR D 26 2.71 30.96 35.89
CA TYR D 26 1.76 29.88 36.05
C TYR D 26 0.33 30.41 35.98
N PRO D 27 -0.60 29.60 35.44
CA PRO D 27 -2.00 30.04 35.40
C PRO D 27 -2.58 30.38 36.76
N ALA D 28 -2.19 29.65 37.81
CA ALA D 28 -2.71 29.93 39.14
C ALA D 28 -2.32 31.34 39.60
N ASP D 29 -1.07 31.73 39.38
CA ASP D 29 -0.63 33.07 39.78
C ASP D 29 -1.21 34.16 38.89
N TYR D 30 -2.23 33.83 38.10
CA TYR D 30 -3.00 34.82 37.38
C TYR D 30 -4.35 35.06 38.04
N PHE D 31 -5.02 34.00 38.47
CA PHE D 31 -6.21 34.14 39.28
C PHE D 31 -5.86 34.49 40.71
N ARG D 32 -4.57 34.48 41.04
CA ARG D 32 -4.11 35.02 42.32
C ARG D 32 -4.04 36.54 42.30
N LYS D 33 -4.01 37.15 41.11
CA LYS D 33 -4.03 38.60 40.97
C LYS D 33 -5.45 39.11 40.69
N SER D 34 -6.03 38.64 39.59
CA SER D 34 -7.37 38.98 39.16
C SER D 34 -8.25 37.73 39.22
N LYS D 35 -9.56 37.94 39.28
CA LYS D 35 -10.50 36.83 39.36
C LYS D 35 -11.32 36.66 38.08
N GLU D 36 -10.93 37.31 37.00
CA GLU D 36 -11.70 37.26 35.75
C GLU D 36 -10.76 37.43 34.57
N ILE D 37 -11.20 36.95 33.41
CA ILE D 37 -10.49 37.16 32.16
C ILE D 37 -11.28 38.18 31.34
N PRO D 38 -10.77 39.39 31.14
CA PRO D 38 -11.53 40.41 30.41
C PRO D 38 -11.46 40.16 28.91
N LEU D 39 -12.61 40.13 28.26
CA LEU D 39 -12.72 39.98 26.82
C LEU D 39 -13.31 41.28 26.29
N TYR D 40 -12.46 42.10 25.68
CA TYR D 40 -12.84 43.44 25.23
C TYR D 40 -13.46 43.39 23.84
N ILE D 41 -14.76 43.63 23.76
CA ILE D 41 -15.51 43.73 22.52
C ILE D 41 -15.87 45.21 22.38
N ASN D 42 -15.14 45.91 21.51
CA ASN D 42 -15.23 47.36 21.45
C ASN D 42 -16.62 47.82 21.03
N THR D 43 -17.06 47.42 19.83
CA THR D 43 -18.31 47.92 19.27
C THR D 43 -19.45 46.94 19.52
N THR D 44 -20.60 47.47 19.94
CA THR D 44 -21.81 46.69 20.23
C THR D 44 -23.01 47.32 19.51
N LYS D 45 -23.04 47.21 18.18
CA LYS D 45 -24.13 47.82 17.42
C LYS D 45 -24.36 47.10 16.10
N SER D 46 -25.54 46.51 15.94
CA SER D 46 -26.03 45.97 14.67
C SER D 46 -25.35 44.68 14.25
N LEU D 47 -26.03 43.55 14.46
CA LEU D 47 -25.48 42.25 14.09
C LEU D 47 -25.51 42.03 12.58
N SER D 48 -26.61 42.42 11.91
CA SER D 48 -26.70 42.22 10.47
C SER D 48 -25.69 43.09 9.72
N ASP D 49 -25.51 44.32 10.19
CA ASP D 49 -24.52 45.19 9.57
C ASP D 49 -23.13 44.61 9.73
N LEU D 50 -22.86 43.99 10.87
CA LEU D 50 -21.59 43.30 11.05
C LEU D 50 -21.45 42.13 10.08
N ARG D 51 -22.55 41.43 9.83
CA ARG D 51 -22.55 40.36 8.84
C ARG D 51 -22.06 40.87 7.49
N GLY D 52 -22.70 41.93 7.01
CA GLY D 52 -22.30 42.50 5.72
C GLY D 52 -20.89 43.07 5.77
N TYR D 53 -20.54 43.70 6.90
CA TYR D 53 -19.20 44.20 7.12
C TYR D 53 -18.16 43.11 6.86
N VAL D 54 -18.32 41.97 7.53
CA VAL D 54 -17.30 40.93 7.44
C VAL D 54 -17.26 40.33 6.05
N TYR D 55 -18.43 40.15 5.41
CA TYR D 55 -18.40 39.60 4.07
C TYR D 55 -17.64 40.53 3.11
N GLN D 56 -17.97 41.83 3.15
CA GLN D 56 -17.33 42.78 2.24
C GLN D 56 -15.85 42.94 2.55
N GLY D 57 -15.47 42.88 3.83
CA GLY D 57 -14.07 42.97 4.17
C GLY D 57 -13.30 41.74 3.74
N LEU D 58 -13.95 40.58 3.75
CA LEU D 58 -13.28 39.35 3.34
C LEU D 58 -13.10 39.29 1.84
N LYS D 59 -14.06 39.79 1.06
CA LYS D 59 -13.83 39.69 -0.39
C LYS D 59 -12.70 40.58 -0.88
N SER D 60 -12.13 41.42 -0.02
CA SER D 60 -11.02 42.30 -0.39
C SER D 60 -9.90 42.11 0.61
N GLY D 61 -8.81 42.85 0.40
CA GLY D 61 -7.65 42.72 1.27
C GLY D 61 -7.66 43.59 2.50
N ASN D 62 -8.84 43.91 3.02
CA ASN D 62 -8.94 44.78 4.18
C ASN D 62 -10.20 44.47 4.97
N VAL D 63 -10.05 44.27 6.27
CA VAL D 63 -11.15 43.98 7.17
C VAL D 63 -10.66 44.13 8.61
N SER D 64 -11.41 44.85 9.43
CA SER D 64 -10.99 45.11 10.80
C SER D 64 -11.17 43.88 11.68
N ILE D 65 -10.21 43.66 12.58
CA ILE D 65 -10.33 42.57 13.54
C ILE D 65 -11.40 42.88 14.57
N ILE D 66 -11.58 44.16 14.92
CA ILE D 66 -12.62 44.54 15.87
C ILE D 66 -14.00 44.16 15.34
N HIS D 67 -14.23 44.40 14.05
CA HIS D 67 -15.53 44.08 13.46
C HIS D 67 -15.80 42.59 13.49
N VAL D 68 -14.80 41.77 13.13
CA VAL D 68 -15.01 40.33 13.12
C VAL D 68 -15.16 39.80 14.54
N ASN D 69 -14.47 40.40 15.51
CA ASN D 69 -14.66 40.00 16.91
C ASN D 69 -16.08 40.30 17.36
N SER D 70 -16.58 41.48 17.04
CA SER D 70 -17.96 41.82 17.41
C SER D 70 -18.96 40.89 16.73
N TYR D 71 -18.73 40.58 15.44
CA TYR D 71 -19.64 39.67 14.75
C TYR D 71 -19.61 38.28 15.36
N LEU D 72 -18.41 37.78 15.71
CA LEU D 72 -18.32 36.48 16.36
C LEU D 72 -19.05 36.48 17.68
N TYR D 73 -18.90 37.55 18.46
CA TYR D 73 -19.63 37.66 19.72
C TYR D 73 -21.13 37.61 19.49
N GLY D 74 -21.62 38.37 18.49
CA GLY D 74 -23.05 38.40 18.24
C GLY D 74 -23.62 37.09 17.73
N ALA D 75 -22.93 36.46 16.78
CA ALA D 75 -23.44 35.24 16.14
C ALA D 75 -23.30 34.02 17.03
N LEU D 76 -22.32 34.01 17.93
CA LEU D 76 -22.07 32.90 18.83
C LEU D 76 -22.70 33.12 20.19
N LYS D 77 -23.97 33.51 20.18
CA LYS D 77 -24.76 33.65 21.39
C LYS D 77 -25.37 32.32 21.82
N ASP D 78 -24.71 31.21 21.49
CA ASP D 78 -25.26 29.94 21.94
C ASP D 78 -25.23 29.92 23.46
N ILE D 79 -26.37 30.19 24.07
CA ILE D 79 -26.52 30.03 25.50
C ILE D 79 -27.05 28.63 25.80
N ARG D 80 -26.86 27.72 24.84
CA ARG D 80 -27.27 26.33 24.95
C ARG D 80 -26.18 25.63 25.73
N GLY D 81 -26.52 25.12 26.91
CA GLY D 81 -25.54 24.37 27.66
C GLY D 81 -26.12 23.78 28.92
N LYS D 82 -26.73 22.60 28.78
CA LYS D 82 -27.26 21.90 29.93
C LYS D 82 -26.10 21.26 30.66
N LEU D 83 -25.82 21.72 31.88
CA LEU D 83 -24.69 21.21 32.62
C LEU D 83 -25.00 19.81 33.16
N ASP D 84 -24.07 18.89 32.96
CA ASP D 84 -24.26 17.54 33.49
C ASP D 84 -24.02 17.49 34.99
N LYS D 85 -22.86 17.98 35.42
CA LYS D 85 -22.52 18.09 36.83
C LYS D 85 -22.17 19.53 37.18
N ASP D 86 -21.02 19.73 37.83
CA ASP D 86 -20.53 21.05 38.18
C ASP D 86 -19.30 21.40 37.35
N TRP D 87 -19.04 22.70 37.23
CA TRP D 87 -17.91 23.22 36.48
C TRP D 87 -17.24 24.32 37.28
N SER D 88 -16.05 24.05 37.80
CA SER D 88 -15.25 25.00 38.57
C SER D 88 -13.79 24.80 38.23
N SER D 89 -13.05 25.90 38.10
CA SER D 89 -11.63 25.82 37.74
C SER D 89 -10.87 26.98 38.36
N PHE D 90 -9.72 26.68 38.97
CA PHE D 90 -8.85 27.70 39.56
C PHE D 90 -9.60 28.60 40.53
N GLY D 91 -10.55 28.02 41.26
CA GLY D 91 -11.35 28.77 42.20
C GLY D 91 -12.55 29.44 41.58
N ILE D 92 -12.51 29.71 40.27
CA ILE D 92 -13.62 30.34 39.57
C ILE D 92 -14.75 29.33 39.42
N ASN D 93 -15.93 29.70 39.92
CA ASN D 93 -17.12 28.86 39.80
C ASN D 93 -17.87 29.28 38.54
N ILE D 94 -17.91 28.39 37.55
CA ILE D 94 -18.54 28.69 36.27
C ILE D 94 -19.83 27.94 36.05
N GLY D 95 -20.22 27.04 36.96
CA GLY D 95 -21.47 26.35 36.77
C GLY D 95 -21.81 25.33 37.85
N LYS D 96 -23.07 25.24 38.25
CA LYS D 96 -23.51 24.28 39.23
C LYS D 96 -24.77 23.56 38.72
N ALA D 97 -25.13 22.48 39.42
CA ALA D 97 -26.34 21.72 39.20
C ALA D 97 -26.67 21.54 37.72
N GLY D 98 -27.87 21.95 37.30
CA GLY D 98 -28.27 21.82 35.92
C GLY D 98 -28.51 23.16 35.24
N ASP D 99 -27.55 24.06 35.33
CA ASP D 99 -27.69 25.39 34.76
C ASP D 99 -27.44 25.37 33.25
N THR D 100 -28.07 26.31 32.56
CA THR D 100 -27.93 26.48 31.12
C THR D 100 -26.99 27.65 30.85
N ILE D 101 -25.70 27.41 31.06
CA ILE D 101 -24.67 28.42 30.90
C ILE D 101 -24.29 28.52 29.43
N GLY D 102 -23.53 29.56 29.07
CA GLY D 102 -23.18 29.79 27.69
C GLY D 102 -21.70 29.90 27.39
N ILE D 103 -21.39 30.30 26.17
CA ILE D 103 -20.00 30.38 25.72
C ILE D 103 -19.27 31.51 26.45
N PHE D 104 -19.81 32.73 26.37
CA PHE D 104 -19.14 33.91 26.93
C PHE D 104 -19.40 34.10 28.42
N ASP D 105 -19.62 33.02 29.17
CA ASP D 105 -19.68 33.14 30.62
C ASP D 105 -18.27 33.26 31.21
N LEU D 106 -17.34 33.83 30.45
CA LEU D 106 -15.98 34.09 30.91
C LEU D 106 -15.67 35.59 30.95
N VAL D 107 -16.66 36.40 31.34
CA VAL D 107 -16.51 37.84 31.51
C VAL D 107 -16.33 38.55 30.17
N SER D 108 -17.10 39.63 29.97
CA SER D 108 -17.05 40.48 28.78
C SER D 108 -16.99 41.94 29.18
N LEU D 109 -16.23 42.74 28.44
CA LEU D 109 -16.11 44.18 28.69
C LEU D 109 -16.09 44.94 27.36
N LYS D 110 -16.20 46.26 27.45
CA LYS D 110 -16.36 47.14 26.30
C LYS D 110 -15.13 48.03 26.13
N ALA D 111 -14.61 48.10 24.91
CA ALA D 111 -13.37 48.81 24.61
C ALA D 111 -13.55 50.05 23.73
N LEU D 112 -12.62 50.99 23.91
CA LEU D 112 -12.36 52.19 23.11
C LEU D 112 -13.48 52.79 22.26
N ASP D 113 -13.12 53.24 21.04
CA ASP D 113 -13.93 54.21 20.31
C ASP D 113 -13.99 54.03 18.80
N GLY D 114 -12.95 53.52 18.14
CA GLY D 114 -12.86 53.58 16.68
C GLY D 114 -13.56 52.49 15.90
N VAL D 115 -14.29 52.88 14.86
CA VAL D 115 -14.90 51.97 13.89
C VAL D 115 -14.69 52.53 12.50
N LEU D 116 -14.87 51.68 11.48
CA LEU D 116 -14.47 52.07 10.13
C LEU D 116 -15.63 52.54 9.25
N PRO D 117 -16.44 51.64 8.70
CA PRO D 117 -17.35 52.01 7.61
C PRO D 117 -18.65 52.66 8.11
N ASP D 118 -19.48 53.05 7.15
CA ASP D 118 -20.76 53.69 7.41
C ASP D 118 -21.83 52.66 7.76
N GLY D 119 -22.47 52.84 8.92
CA GLY D 119 -23.68 52.13 9.30
C GLY D 119 -24.11 50.96 8.42
N VAL D 120 -25.11 51.18 7.57
CA VAL D 120 -25.64 50.11 6.74
C VAL D 120 -24.68 49.89 5.58
N SER D 121 -24.10 48.68 5.52
CA SER D 121 -23.12 48.36 4.48
C SER D 121 -23.84 47.77 3.26
N ASP D 122 -23.67 46.47 3.05
CA ASP D 122 -24.35 45.75 1.97
C ASP D 122 -25.29 44.73 2.60
N ALA D 123 -26.59 44.95 2.45
CA ALA D 123 -27.61 44.01 2.91
C ALA D 123 -27.78 42.80 1.99
N SER D 124 -26.69 42.28 1.42
CA SER D 124 -26.82 41.19 0.46
C SER D 124 -26.96 39.83 1.14
N ARG D 125 -26.09 39.51 2.09
CA ARG D 125 -26.09 38.20 2.72
C ARG D 125 -27.10 38.14 3.87
N THR D 126 -27.64 36.95 4.09
CA THR D 126 -28.62 36.73 5.14
C THR D 126 -28.51 35.29 5.64
N SER D 127 -29.13 35.04 6.80
CA SER D 127 -29.12 33.76 7.48
C SER D 127 -27.82 32.97 7.27
N ALA D 128 -26.69 33.68 7.19
CA ALA D 128 -25.38 33.04 7.12
C ALA D 128 -24.65 33.10 8.45
N ASP D 129 -25.34 33.46 9.53
CA ASP D 129 -24.70 33.67 10.83
C ASP D 129 -24.32 32.36 11.49
N ASP D 130 -25.23 31.80 12.27
CA ASP D 130 -24.98 30.57 13.03
C ASP D 130 -24.76 29.34 12.14
N LYS D 131 -24.60 29.42 10.82
CA LYS D 131 -24.35 28.25 9.98
C LYS D 131 -22.88 28.03 9.64
N TRP D 132 -22.18 29.06 9.18
CA TRP D 132 -20.81 28.87 8.72
C TRP D 132 -19.84 30.02 9.02
N LEU D 133 -20.30 31.26 8.94
CA LEU D 133 -19.38 32.40 9.03
C LEU D 133 -18.47 32.30 10.25
N PRO D 134 -18.96 32.03 11.45
CA PRO D 134 -18.05 31.85 12.59
C PRO D 134 -17.09 30.68 12.39
N LEU D 135 -17.56 29.59 11.78
CA LEU D 135 -16.68 28.44 11.51
C LEU D 135 -15.50 28.86 10.66
N TYR D 136 -15.76 29.63 9.60
CA TYR D 136 -14.70 30.14 8.73
C TYR D 136 -13.75 31.05 9.50
N LEU D 137 -14.31 32.03 10.20
CA LEU D 137 -13.49 33.00 10.93
C LEU D 137 -12.60 32.30 11.96
N LEU D 138 -13.12 31.25 12.61
CA LEU D 138 -12.36 30.55 13.64
C LEU D 138 -11.30 29.63 13.03
N GLY D 139 -11.60 28.98 11.89
CA GLY D 139 -10.61 28.13 11.27
C GLY D 139 -9.44 28.91 10.69
N LEU D 140 -9.67 30.17 10.31
CA LEU D 140 -8.56 30.97 9.80
C LEU D 140 -7.47 31.14 10.86
N TYR D 141 -7.80 31.02 12.15
CA TYR D 141 -6.78 31.14 13.19
C TYR D 141 -5.78 29.99 13.10
N ARG D 142 -6.28 28.75 13.03
CA ARG D 142 -5.38 27.61 12.86
C ARG D 142 -4.65 27.69 11.52
N VAL D 143 -5.30 28.25 10.50
CA VAL D 143 -4.61 28.37 9.22
C VAL D 143 -3.44 29.35 9.31
N GLY D 144 -3.54 30.36 10.18
CA GLY D 144 -2.43 31.31 10.27
C GLY D 144 -1.22 30.81 11.03
N ARG D 145 -1.36 29.74 11.83
CA ARG D 145 -0.25 29.23 12.63
C ARG D 145 0.68 28.36 11.77
N THR D 146 1.40 29.01 10.87
CA THR D 146 2.29 28.27 9.98
C THR D 146 3.07 29.27 9.12
N GLN D 147 4.07 28.75 8.41
CA GLN D 147 4.88 29.56 7.50
C GLN D 147 5.27 28.87 6.21
N MET D 148 5.29 27.55 6.16
CA MET D 148 5.65 26.80 4.96
C MET D 148 4.39 26.45 4.18
N PRO D 149 4.55 26.01 2.92
CA PRO D 149 3.37 25.70 2.10
C PRO D 149 2.41 24.70 2.72
N GLU D 150 2.41 24.58 4.05
CA GLU D 150 1.37 23.82 4.74
C GLU D 150 0.02 24.54 4.72
N TYR D 151 0.03 25.87 4.55
CA TYR D 151 -1.21 26.63 4.58
C TYR D 151 -2.14 26.26 3.44
N ARG D 152 -1.61 26.13 2.21
CA ARG D 152 -2.47 25.78 1.09
C ARG D 152 -2.89 24.32 1.12
N LYS D 153 -2.19 23.49 1.89
CA LYS D 153 -2.66 22.16 2.23
C LYS D 153 -3.58 22.17 3.43
N LYS D 154 -3.59 23.26 4.20
CA LYS D 154 -4.46 23.43 5.36
C LYS D 154 -5.74 24.22 5.07
N LEU D 155 -5.78 25.01 4.00
CA LEU D 155 -7.02 25.68 3.61
C LEU D 155 -8.05 24.75 3.00
N MET D 156 -7.62 23.58 2.49
CA MET D 156 -8.60 22.59 2.04
C MET D 156 -9.53 22.21 3.17
N ASP D 157 -9.01 22.11 4.40
CA ASP D 157 -9.87 21.83 5.55
C ASP D 157 -11.02 22.82 5.65
N GLY D 158 -10.72 24.12 5.49
CA GLY D 158 -11.75 25.13 5.55
C GLY D 158 -12.83 25.00 4.49
N LEU D 159 -12.46 25.09 3.21
CA LEU D 159 -13.48 25.01 2.17
C LEU D 159 -14.22 23.68 2.20
N THR D 160 -13.55 22.61 2.62
CA THR D 160 -14.20 21.32 2.64
C THR D 160 -15.15 21.17 3.83
N ASN D 161 -14.86 21.81 4.96
CA ASN D 161 -15.76 21.74 6.09
C ASN D 161 -16.81 22.85 6.09
N GLN D 162 -16.54 23.98 5.42
CA GLN D 162 -17.55 25.02 5.31
C GLN D 162 -18.54 24.74 4.19
N CYS D 163 -18.41 23.60 3.51
CA CYS D 163 -19.38 23.14 2.54
C CYS D 163 -20.32 22.10 3.13
N LYS D 164 -20.10 21.71 4.38
CA LYS D 164 -20.90 20.70 5.09
C LYS D 164 -22.17 21.32 5.65
N MET D 165 -23.29 21.08 4.97
CA MET D 165 -24.61 21.58 5.36
C MET D 165 -24.71 23.09 5.20
N ILE D 166 -23.77 23.69 4.47
CA ILE D 166 -23.70 25.11 4.22
C ILE D 166 -23.42 25.33 2.74
N ASN D 167 -22.37 24.69 2.26
CA ASN D 167 -21.90 24.67 0.88
C ASN D 167 -21.56 26.07 0.36
N GLU D 168 -20.38 26.54 0.74
CA GLU D 168 -19.76 27.77 0.25
C GLU D 168 -18.40 27.42 -0.34
N GLN D 169 -17.67 28.43 -0.82
CA GLN D 169 -16.39 28.14 -1.46
C GLN D 169 -15.34 29.22 -1.26
N PHE D 170 -14.49 29.42 -2.28
CA PHE D 170 -13.40 30.38 -2.29
C PHE D 170 -13.80 31.75 -1.76
N GLU D 171 -12.82 32.57 -1.35
CA GLU D 171 -13.03 33.91 -0.79
C GLU D 171 -11.77 34.70 -0.46
N PRO D 172 -10.62 34.07 -0.17
CA PRO D 172 -9.45 34.90 0.19
C PRO D 172 -8.87 35.65 -0.99
N LEU D 173 -7.85 36.48 -0.73
CA LEU D 173 -7.27 37.33 -1.76
C LEU D 173 -5.80 37.01 -1.99
N VAL D 174 -4.97 37.08 -0.97
CA VAL D 174 -3.55 36.80 -1.14
C VAL D 174 -3.32 35.46 -0.45
N PRO D 175 -2.47 34.60 -0.98
CA PRO D 175 -2.29 33.28 -0.36
C PRO D 175 -1.80 33.37 1.08
N GLU D 176 -0.54 33.78 1.27
CA GLU D 176 0.04 33.79 2.60
C GLU D 176 1.32 34.61 2.62
N GLY D 177 2.26 34.25 3.48
CA GLY D 177 3.42 35.09 3.68
C GLY D 177 3.26 36.07 4.82
N ARG D 178 2.40 35.76 5.78
CA ARG D 178 2.09 36.66 6.88
C ARG D 178 1.53 37.97 6.35
N ASP D 179 0.26 37.98 5.94
CA ASP D 179 -0.35 39.18 5.39
C ASP D 179 -1.86 39.27 5.57
N ILE D 180 -2.59 38.16 5.38
CA ILE D 180 -4.03 38.28 5.30
C ILE D 180 -4.69 38.13 6.67
N PHE D 181 -5.08 36.91 7.01
CA PHE D 181 -5.71 36.62 8.30
C PHE D 181 -4.72 36.19 9.36
N ASP D 182 -3.45 35.99 9.01
CA ASP D 182 -2.45 35.59 9.99
C ASP D 182 -2.17 36.67 11.01
N VAL D 183 -2.68 37.88 10.79
CA VAL D 183 -2.57 38.94 11.78
C VAL D 183 -3.52 38.72 12.95
N TRP D 184 -4.64 38.01 12.73
CA TRP D 184 -5.64 37.89 13.79
C TRP D 184 -5.07 37.25 15.06
N GLY D 185 -4.00 36.46 14.94
CA GLY D 185 -3.38 35.88 16.11
C GLY D 185 -2.90 36.92 17.11
N ASN D 186 -2.53 38.11 16.62
CA ASN D 186 -1.97 39.15 17.48
C ASN D 186 -3.03 39.97 18.22
N ASP D 187 -4.31 39.65 18.07
CA ASP D 187 -5.37 40.34 18.80
C ASP D 187 -5.71 39.51 20.03
N SER D 188 -5.54 40.11 21.21
CA SER D 188 -5.80 39.39 22.45
C SER D 188 -7.25 38.92 22.52
N ASN D 189 -8.17 39.79 22.08
CA ASN D 189 -9.59 39.47 22.22
C ASN D 189 -10.01 38.35 21.27
N TYR D 190 -9.44 38.34 20.05
CA TYR D 190 -9.74 37.27 19.11
C TYR D 190 -9.27 35.92 19.65
N THR D 191 -8.03 35.86 20.13
CA THR D 191 -7.52 34.62 20.72
C THR D 191 -8.36 34.21 21.93
N LYS D 192 -8.82 35.18 22.71
CA LYS D 192 -9.69 34.85 23.84
C LYS D 192 -10.99 34.23 23.35
N ILE D 193 -11.55 34.76 22.25
CA ILE D 193 -12.78 34.19 21.70
C ILE D 193 -12.54 32.75 21.26
N VAL D 194 -11.43 32.51 20.56
CA VAL D 194 -11.16 31.16 20.07
C VAL D 194 -10.98 30.20 21.24
N ALA D 195 -10.28 30.64 22.29
CA ALA D 195 -10.06 29.77 23.44
C ALA D 195 -11.37 29.49 24.17
N ALA D 196 -12.23 30.49 24.31
CA ALA D 196 -13.52 30.28 24.96
C ALA D 196 -14.36 29.29 24.17
N VAL D 197 -14.39 29.42 22.84
CA VAL D 197 -15.17 28.50 22.03
C VAL D 197 -14.63 27.07 22.19
N ASP D 198 -13.31 26.92 22.11
CA ASP D 198 -12.73 25.58 22.22
C ASP D 198 -13.02 24.95 23.57
N MET D 199 -12.88 25.73 24.65
CA MET D 199 -13.17 25.20 25.98
C MET D 199 -14.64 24.80 26.10
N PHE D 200 -15.54 25.68 25.65
CA PHE D 200 -16.96 25.42 25.74
C PHE D 200 -17.32 24.12 25.03
N PHE D 201 -16.83 23.94 23.80
CA PHE D 201 -17.16 22.71 23.08
C PHE D 201 -16.31 21.53 23.51
N HIS D 202 -15.26 21.74 24.30
CA HIS D 202 -14.60 20.60 24.94
C HIS D 202 -15.45 20.06 26.07
N MET D 203 -16.20 20.93 26.74
CA MET D 203 -17.17 20.42 27.72
C MET D 203 -18.37 19.78 27.04
N PHE D 204 -18.98 20.48 26.07
CA PHE D 204 -20.19 20.01 25.39
C PHE D 204 -19.85 19.43 24.01
N LYS D 205 -19.32 18.21 24.02
CA LYS D 205 -18.96 17.57 22.75
C LYS D 205 -20.20 17.26 21.91
N LYS D 206 -21.30 16.85 22.54
CA LYS D 206 -22.53 16.50 21.83
C LYS D 206 -23.42 17.71 21.58
N HIS D 207 -22.87 18.77 20.98
CA HIS D 207 -23.62 19.98 20.69
C HIS D 207 -23.74 20.18 19.20
N GLU D 208 -24.83 20.84 18.79
CA GLU D 208 -25.11 21.06 17.37
C GLU D 208 -23.89 21.66 16.66
N CYS D 209 -23.27 22.68 17.27
CA CYS D 209 -22.23 23.48 16.65
C CYS D 209 -20.81 23.04 17.05
N ALA D 210 -20.61 21.76 17.38
CA ALA D 210 -19.27 21.32 17.74
C ALA D 210 -18.28 21.45 16.58
N SER D 211 -18.77 21.57 15.34
CA SER D 211 -17.86 21.68 14.20
C SER D 211 -16.94 22.89 14.32
N PHE D 212 -17.36 23.92 15.06
CA PHE D 212 -16.51 25.10 15.25
C PHE D 212 -15.15 24.74 15.80
N ARG D 213 -14.98 23.52 16.33
CA ARG D 213 -13.67 23.13 16.85
C ARG D 213 -12.60 23.08 15.76
N TYR D 214 -12.99 22.80 14.50
CA TYR D 214 -12.01 22.55 13.44
C TYR D 214 -11.03 23.69 13.19
N GLY D 215 -11.08 24.74 14.00
CA GLY D 215 -10.16 25.84 13.80
C GLY D 215 -9.59 26.34 15.10
N THR D 216 -10.35 26.18 16.19
CA THR D 216 -9.88 26.63 17.49
C THR D 216 -9.17 25.54 18.29
N ILE D 217 -9.23 24.28 17.84
CA ILE D 217 -8.61 23.21 18.60
C ILE D 217 -7.11 23.38 18.72
N VAL D 218 -6.49 24.12 17.79
CA VAL D 218 -5.06 24.37 17.86
C VAL D 218 -4.71 25.31 19.00
N SER D 219 -5.72 25.86 19.68
CA SER D 219 -5.50 26.69 20.86
C SER D 219 -5.34 25.86 22.12
N ARG D 220 -5.92 24.66 22.14
CA ARG D 220 -5.87 23.83 23.34
C ARG D 220 -4.45 23.36 23.60
N PHE D 221 -3.96 23.58 24.83
CA PHE D 221 -2.60 23.26 25.22
C PHE D 221 -1.58 23.92 24.29
N LYS D 222 -1.92 25.11 23.80
CA LYS D 222 -0.99 25.90 23.00
C LYS D 222 0.25 26.23 23.82
N ASP D 223 1.43 26.04 23.21
CA ASP D 223 2.70 26.22 23.89
C ASP D 223 2.79 25.38 25.15
N CYS D 224 2.27 24.16 25.07
CA CYS D 224 2.39 23.16 26.13
C CYS D 224 2.94 21.85 25.59
N ALA D 225 3.90 21.96 24.66
CA ALA D 225 4.40 20.78 23.95
C ALA D 225 5.09 19.79 24.88
N ALA D 226 5.82 20.28 25.88
CA ALA D 226 6.58 19.39 26.74
C ALA D 226 5.67 18.39 27.46
N LEU D 227 4.51 18.84 27.92
CA LEU D 227 3.55 17.91 28.52
C LEU D 227 3.13 16.84 27.52
N ALA D 228 2.90 17.24 26.26
CA ALA D 228 2.51 16.28 25.24
C ALA D 228 3.61 15.26 25.00
N THR D 229 4.87 15.71 25.03
CA THR D 229 5.97 14.75 24.83
C THR D 229 6.12 13.83 26.03
N PHE D 230 5.86 14.32 27.24
CA PHE D 230 5.89 13.46 28.42
C PHE D 230 4.81 12.37 28.31
N GLY D 231 3.60 12.77 27.94
CA GLY D 231 2.55 11.78 27.72
C GLY D 231 2.89 10.80 26.61
N HIS D 232 3.47 11.31 25.52
CA HIS D 232 3.85 10.44 24.41
C HIS D 232 4.92 9.45 24.84
N LEU D 233 5.86 9.88 25.67
CA LEU D 233 6.89 8.97 26.18
C LEU D 233 6.27 7.89 27.06
N CYS D 234 5.33 8.28 27.92
CA CYS D 234 4.61 7.28 28.71
C CYS D 234 3.89 6.29 27.80
N LYS D 235 3.28 6.78 26.73
CA LYS D 235 2.54 5.89 25.83
C LYS D 235 3.49 4.95 25.08
N ILE D 236 4.67 5.45 24.71
CA ILE D 236 5.59 4.66 23.90
C ILE D 236 6.30 3.61 24.74
N THR D 237 6.68 3.97 25.97
CA THR D 237 7.33 3.00 26.85
C THR D 237 6.33 2.10 27.56
N GLY D 238 5.06 2.48 27.60
CA GLY D 238 4.09 1.72 28.35
C GLY D 238 4.26 1.79 29.85
N MET D 239 5.18 2.63 30.33
CA MET D 239 5.45 2.78 31.74
C MET D 239 4.51 3.79 32.37
N SER D 240 4.39 3.72 33.70
CA SER D 240 3.62 4.70 34.44
C SER D 240 4.36 6.04 34.47
N THR D 241 3.62 7.09 34.83
CA THR D 241 4.25 8.39 34.97
C THR D 241 5.35 8.37 36.02
N GLU D 242 5.16 7.59 37.08
CA GLU D 242 6.15 7.55 38.15
C GLU D 242 7.43 6.85 37.71
N ASP D 243 7.31 5.74 36.97
CA ASP D 243 8.51 5.05 36.47
C ASP D 243 9.27 5.92 35.49
N VAL D 244 8.56 6.52 34.52
CA VAL D 244 9.20 7.43 33.58
C VAL D 244 9.89 8.55 34.32
N THR D 245 9.24 9.09 35.37
CA THR D 245 9.88 10.11 36.18
C THR D 245 11.17 9.58 36.80
N THR D 246 11.15 8.34 37.30
CA THR D 246 12.33 7.76 37.91
C THR D 246 13.46 7.53 36.91
N TRP D 247 13.13 7.43 35.61
CA TRP D 247 14.18 7.23 34.61
C TRP D 247 14.85 8.53 34.16
N ILE D 248 14.49 9.68 34.73
CA ILE D 248 15.20 10.92 34.43
C ILE D 248 16.57 10.88 35.10
N LEU D 249 17.62 11.17 34.31
CA LEU D 249 18.98 10.95 34.76
C LEU D 249 19.89 12.18 34.66
N ASN D 250 19.34 13.36 34.34
CA ASN D 250 20.13 14.58 34.25
C ASN D 250 19.56 15.66 35.15
N ARG D 251 20.44 16.42 35.78
CA ARG D 251 20.03 17.44 36.75
C ARG D 251 19.04 18.42 36.13
N GLU D 252 19.35 18.91 34.92
CA GLU D 252 18.51 19.93 34.31
C GLU D 252 17.16 19.37 33.87
N VAL D 253 17.13 18.11 33.44
CA VAL D 253 15.86 17.49 33.11
C VAL D 253 15.01 17.32 34.36
N ALA D 254 15.65 16.99 35.49
CA ALA D 254 14.91 16.90 36.74
C ALA D 254 14.37 18.26 37.16
N ASP D 255 15.17 19.32 37.00
CA ASP D 255 14.69 20.67 37.28
C ASP D 255 13.48 21.01 36.44
N GLU D 256 13.56 20.75 35.14
CA GLU D 256 12.44 21.08 34.25
C GLU D 256 11.20 20.25 34.57
N MET D 257 11.39 18.99 34.96
CA MET D 257 10.26 18.17 35.39
C MET D 257 9.62 18.72 36.65
N VAL D 258 10.43 19.08 37.63
CA VAL D 258 9.90 19.68 38.85
C VAL D 258 9.11 20.94 38.53
N GLN D 259 9.64 21.78 37.64
CA GLN D 259 8.93 22.99 37.26
C GLN D 259 7.61 22.66 36.58
N MET D 260 7.59 21.63 35.73
CA MET D 260 6.38 21.29 35.00
C MET D 260 5.33 20.64 35.88
N MET D 261 5.75 20.00 36.98
CA MET D 261 4.84 19.24 37.84
C MET D 261 4.38 20.03 39.07
N LEU D 262 4.48 21.35 39.03
CA LEU D 262 4.03 22.16 40.15
C LEU D 262 2.59 21.78 40.51
N PRO D 263 2.29 21.54 41.79
CA PRO D 263 1.06 20.80 42.13
C PRO D 263 -0.24 21.54 41.86
N GLY D 264 -0.29 22.87 42.06
CA GLY D 264 -1.54 23.58 41.96
C GLY D 264 -1.86 24.19 40.60
N GLN D 265 -1.80 23.39 39.53
CA GLN D 265 -2.02 23.92 38.19
C GLN D 265 -3.14 23.24 37.42
N GLU D 266 -3.79 22.22 37.98
CA GLU D 266 -4.94 21.57 37.34
C GLU D 266 -4.61 21.09 35.92
N ILE D 267 -3.36 20.64 35.70
CA ILE D 267 -2.97 20.20 34.37
C ILE D 267 -3.61 18.88 33.98
N ASP D 268 -4.00 18.05 34.94
CA ASP D 268 -4.64 16.78 34.65
C ASP D 268 -6.15 16.82 34.75
N LYS D 269 -6.74 17.98 35.10
CA LYS D 269 -8.18 18.08 35.18
C LYS D 269 -8.79 18.15 33.79
N ALA D 270 -10.03 17.65 33.67
CA ALA D 270 -10.68 17.51 32.37
C ALA D 270 -10.87 18.86 31.70
N ASP D 271 -11.62 19.75 32.34
CA ASP D 271 -12.01 21.03 31.75
C ASP D 271 -11.50 22.17 32.63
N SER D 272 -10.29 22.65 32.34
CA SER D 272 -9.65 23.71 33.09
C SER D 272 -9.27 24.86 32.17
N TYR D 273 -8.91 25.99 32.78
CA TYR D 273 -8.36 27.12 32.03
C TYR D 273 -6.92 26.88 31.61
N MET D 274 -6.22 25.95 32.26
CA MET D 274 -4.81 25.70 31.98
C MET D 274 -4.52 25.45 30.51
N PRO D 275 -5.26 24.61 29.79
CA PRO D 275 -4.90 24.34 28.39
C PRO D 275 -4.89 25.58 27.51
N TYR D 276 -5.54 26.66 27.93
CA TYR D 276 -5.60 27.90 27.15
C TYR D 276 -4.90 29.05 27.87
N LEU D 277 -3.84 28.74 28.63
CA LEU D 277 -3.16 29.78 29.40
C LEU D 277 -2.60 30.88 28.49
N ILE D 278 -2.27 30.54 27.25
CA ILE D 278 -1.68 31.52 26.35
C ILE D 278 -2.77 32.37 25.70
N ASP D 279 -3.74 31.73 25.06
CA ASP D 279 -4.75 32.49 24.32
C ASP D 279 -5.66 33.27 25.24
N PHE D 280 -5.89 32.78 26.46
CA PHE D 280 -6.63 33.53 27.46
C PHE D 280 -5.79 34.61 28.12
N GLY D 281 -4.53 34.76 27.72
CA GLY D 281 -3.66 35.73 28.36
C GLY D 281 -3.37 35.45 29.81
N LEU D 282 -3.45 34.18 30.22
CA LEU D 282 -3.14 33.83 31.60
C LEU D 282 -1.64 33.87 31.86
N SER D 283 -0.85 33.59 30.83
CA SER D 283 0.60 33.56 30.95
C SER D 283 1.23 34.09 29.67
N SER D 284 2.33 34.82 29.82
CA SER D 284 3.11 35.30 28.69
C SER D 284 4.30 34.41 28.40
N LYS D 285 4.66 33.52 29.33
CA LYS D 285 5.77 32.57 29.13
C LYS D 285 5.33 31.26 29.77
N SER D 286 4.96 30.29 28.93
CA SER D 286 4.39 29.05 29.42
C SER D 286 5.45 28.22 30.15
N PRO D 287 5.17 27.76 31.36
CA PRO D 287 6.12 26.86 32.04
C PRO D 287 6.15 25.45 31.44
N TYR D 288 5.18 25.10 30.60
CA TYR D 288 5.10 23.78 29.99
C TYR D 288 5.61 23.74 28.56
N SER D 289 6.17 24.85 28.08
CA SER D 289 6.66 24.88 26.71
C SER D 289 7.96 24.07 26.58
N SER D 290 8.29 23.71 25.35
CA SER D 290 9.55 23.04 25.08
C SER D 290 10.73 24.00 25.04
N VAL D 291 10.50 25.28 24.79
CA VAL D 291 11.59 26.24 24.82
C VAL D 291 12.09 26.44 26.25
N LYS D 292 11.19 26.34 27.23
CA LYS D 292 11.55 26.45 28.63
C LYS D 292 11.89 25.10 29.25
N ASN D 293 11.71 24.02 28.50
CA ASN D 293 12.08 22.67 28.92
C ASN D 293 12.88 22.01 27.80
N PRO D 294 14.00 22.59 27.40
CA PRO D 294 14.73 22.10 26.23
C PRO D 294 15.33 20.73 26.47
N ALA D 295 16.03 20.59 27.60
CA ALA D 295 16.67 19.32 27.93
C ALA D 295 15.65 18.18 27.96
N PHE D 296 14.56 18.36 28.70
CA PHE D 296 13.55 17.33 28.78
C PHE D 296 12.98 16.99 27.40
N HIS D 297 12.64 18.02 26.63
CA HIS D 297 12.12 17.79 25.29
C HIS D 297 13.07 16.92 24.48
N PHE D 298 14.34 17.33 24.42
CA PHE D 298 15.34 16.58 23.66
C PHE D 298 15.42 15.14 24.15
N TRP D 299 15.58 14.95 25.46
CA TRP D 299 15.74 13.61 26.02
C TRP D 299 14.53 12.73 25.69
N GLY D 300 13.33 13.22 25.98
CA GLY D 300 12.14 12.42 25.78
C GLY D 300 11.92 12.08 24.31
N GLN D 301 12.03 13.08 23.43
CA GLN D 301 11.78 12.82 22.03
C GLN D 301 12.84 11.89 21.45
N LEU D 302 14.10 12.03 21.88
CA LEU D 302 15.14 11.13 21.42
C LEU D 302 14.85 9.68 21.84
N THR D 303 14.52 9.49 23.12
CA THR D 303 14.15 8.15 23.59
C THR D 303 12.99 7.60 22.76
N ALA D 304 11.93 8.40 22.59
CA ALA D 304 10.78 7.96 21.80
C ALA D 304 11.21 7.55 20.40
N LEU D 305 12.07 8.34 19.76
CA LEU D 305 12.52 8.01 18.42
C LEU D 305 13.25 6.67 18.41
N LEU D 306 14.17 6.48 19.36
CA LEU D 306 14.86 5.19 19.45
C LEU D 306 13.87 4.05 19.69
N LEU D 307 12.72 4.35 20.27
CA LEU D 307 11.66 3.37 20.48
C LEU D 307 10.66 3.32 19.32
N ARG D 308 11.06 3.74 18.12
CA ARG D 308 10.24 3.62 16.91
C ARG D 308 9.07 4.60 16.87
N SER D 309 9.23 5.77 17.49
CA SER D 309 8.21 6.80 17.37
C SER D 309 8.24 7.42 15.98
N THR D 310 7.06 7.67 15.41
CA THR D 310 6.99 8.31 14.11
C THR D 310 6.90 9.82 14.19
N ARG D 311 6.28 10.36 15.25
CA ARG D 311 6.23 11.82 15.39
C ARG D 311 7.59 12.38 15.76
N ALA D 312 8.34 11.67 16.63
CA ALA D 312 9.61 12.19 17.11
C ALA D 312 10.59 12.45 15.98
N ARG D 313 10.38 11.83 14.81
CA ARG D 313 11.30 12.03 13.69
C ARG D 313 11.51 13.52 13.41
N ASN D 314 10.44 14.31 13.50
CA ASN D 314 10.45 15.70 13.06
C ASN D 314 10.47 16.71 14.21
N ALA D 315 10.80 16.26 15.43
CA ALA D 315 10.87 17.18 16.56
C ALA D 315 12.08 18.09 16.45
N ARG D 316 11.91 19.37 16.79
CA ARG D 316 13.02 20.30 16.65
C ARG D 316 14.10 19.99 17.68
N GLN D 317 15.34 20.24 17.29
CA GLN D 317 16.48 20.06 18.18
C GLN D 317 16.80 21.40 18.85
N PRO D 318 16.60 21.55 20.15
CA PRO D 318 16.89 22.83 20.81
C PRO D 318 18.38 23.13 20.82
N ASP D 319 18.69 24.37 21.18
CA ASP D 319 20.06 24.83 21.30
C ASP D 319 20.43 25.00 22.77
N ASP D 320 21.74 25.05 23.02
CA ASP D 320 22.26 25.37 24.34
C ASP D 320 21.83 24.35 25.40
N ILE D 321 22.04 23.07 25.09
CA ILE D 321 21.75 21.99 26.02
C ILE D 321 22.87 20.96 25.95
N GLU D 322 22.91 20.08 26.95
CA GLU D 322 23.92 19.03 27.05
C GLU D 322 23.54 17.89 26.11
N TYR D 323 23.93 18.03 24.85
CA TYR D 323 23.59 17.01 23.86
C TYR D 323 24.18 15.65 24.24
N THR D 324 25.46 15.60 24.59
CA THR D 324 26.12 14.32 24.85
C THR D 324 25.50 13.58 26.03
N SER D 325 25.36 14.27 27.17
CA SER D 325 24.85 13.61 28.37
C SER D 325 23.39 13.21 28.19
N LEU D 326 22.57 14.12 27.67
CA LEU D 326 21.17 13.80 27.41
C LEU D 326 21.06 12.62 26.45
N THR D 327 21.95 12.56 25.46
CA THR D 327 21.89 11.47 24.48
C THR D 327 22.28 10.14 25.11
N THR D 328 23.27 10.15 26.01
CA THR D 328 23.62 8.91 26.69
C THR D 328 22.47 8.44 27.58
N ALA D 329 21.81 9.37 28.26
CA ALA D 329 20.68 9.01 29.11
C ALA D 329 19.54 8.43 28.27
N GLY D 330 19.18 9.11 27.19
CA GLY D 330 18.13 8.60 26.33
C GLY D 330 18.47 7.26 25.71
N LEU D 331 19.74 7.07 25.33
CA LEU D 331 20.17 5.80 24.77
C LEU D 331 20.00 4.68 25.79
N LEU D 332 20.44 4.91 27.02
CA LEU D 332 20.27 3.90 28.07
C LEU D 332 18.80 3.58 28.28
N TYR D 333 17.95 4.61 28.37
CA TYR D 333 16.53 4.39 28.61
C TYR D 333 15.91 3.58 27.47
N ALA D 334 16.13 4.01 26.23
CA ALA D 334 15.54 3.32 25.08
C ALA D 334 16.05 1.89 24.97
N TYR D 335 17.35 1.68 25.24
CA TYR D 335 17.89 0.33 25.19
C TYR D 335 17.25 -0.55 26.26
N ALA D 336 17.00 0.00 27.45
CA ALA D 336 16.30 -0.75 28.48
C ALA D 336 14.90 -1.14 28.01
N VAL D 337 14.17 -0.17 27.46
CA VAL D 337 12.79 -0.45 27.05
C VAL D 337 12.76 -1.45 25.89
N GLY D 338 13.64 -1.26 24.90
CA GLY D 338 13.60 -2.09 23.71
C GLY D 338 14.20 -3.47 23.84
N SER D 339 14.97 -3.73 24.90
CA SER D 339 15.51 -5.07 25.12
C SER D 339 14.71 -5.89 26.12
N SER D 340 14.04 -5.25 27.08
CA SER D 340 13.24 -5.94 28.08
C SER D 340 11.77 -5.83 27.68
N ALA D 341 11.32 -6.80 26.89
CA ALA D 341 9.92 -6.85 26.48
C ALA D 341 9.01 -7.16 27.66
N ASP D 342 7.80 -6.60 27.63
CA ASP D 342 6.78 -6.87 28.62
C ASP D 342 6.50 -8.38 28.66
N LEU D 343 5.81 -8.89 27.65
CA LEU D 343 5.67 -10.32 27.44
C LEU D 343 5.23 -11.06 28.69
N ALA D 344 3.91 -11.22 28.86
CA ALA D 344 3.37 -12.02 29.95
C ALA D 344 2.03 -12.58 29.51
N GLN D 345 1.78 -13.84 29.86
CA GLN D 345 0.52 -14.47 29.49
C GLN D 345 -0.64 -13.74 30.15
N GLN D 346 -1.69 -13.51 29.36
CA GLN D 346 -2.86 -12.76 29.82
C GLN D 346 -4.09 -13.63 30.02
N PHE D 347 -4.34 -14.58 29.12
CA PHE D 347 -5.49 -15.47 29.21
C PHE D 347 -5.02 -16.92 29.25
N CYS D 348 -5.90 -17.80 29.72
CA CYS D 348 -5.55 -19.20 29.92
C CYS D 348 -6.80 -20.06 29.84
N VAL D 349 -6.61 -21.37 29.95
CA VAL D 349 -7.69 -22.33 30.03
C VAL D 349 -7.48 -23.15 31.30
N GLY D 350 -7.20 -22.47 32.41
CA GLY D 350 -6.81 -23.13 33.63
C GLY D 350 -5.36 -23.55 33.69
N ASP D 351 -4.53 -23.10 32.74
CA ASP D 351 -3.13 -23.52 32.61
C ASP D 351 -2.26 -22.29 32.46
N ASN D 352 -1.69 -21.81 33.57
CA ASN D 352 -0.86 -20.61 33.56
C ASN D 352 0.62 -20.96 33.54
N LYS D 353 1.44 -19.95 33.23
CA LYS D 353 2.89 -20.05 33.28
C LYS D 353 3.43 -19.09 34.34
N TYR D 354 4.09 -19.65 35.36
CA TYR D 354 4.79 -18.84 36.35
C TYR D 354 6.19 -18.48 35.84
N THR D 355 6.56 -17.21 35.96
CA THR D 355 7.78 -16.74 35.31
C THR D 355 9.00 -16.61 36.23
N PRO D 356 8.92 -16.90 37.53
CA PRO D 356 10.20 -16.88 38.25
C PRO D 356 10.89 -18.23 38.25
N THR D 365 27.12 -13.26 33.73
CA THR D 365 28.03 -12.21 34.18
C THR D 365 28.11 -11.09 33.14
N ASN D 366 27.99 -9.85 33.61
CA ASN D 366 28.03 -8.66 32.77
C ASN D 366 27.02 -8.80 31.62
N ALA D 367 25.76 -8.99 32.01
CA ALA D 367 24.63 -9.14 31.11
C ALA D 367 23.55 -8.15 31.48
N PRO D 368 22.80 -7.65 30.50
CA PRO D 368 21.81 -6.61 30.79
C PRO D 368 20.81 -7.09 31.82
N PRO D 369 20.35 -6.20 32.71
CA PRO D 369 19.45 -6.61 33.79
C PRO D 369 18.15 -7.20 33.28
N GLN D 370 17.39 -7.76 34.23
CA GLN D 370 16.18 -8.50 33.89
C GLN D 370 15.06 -7.56 33.42
N GLY D 371 14.63 -6.65 34.27
CA GLY D 371 13.44 -5.86 34.03
C GLY D 371 13.75 -4.47 33.51
N ARG D 372 12.97 -3.49 33.98
CA ARG D 372 13.07 -2.11 33.56
C ARG D 372 13.25 -1.18 34.75
N ASP D 373 14.04 -1.63 35.73
CA ASP D 373 14.28 -0.85 36.94
C ASP D 373 15.50 0.03 36.76
N VAL D 374 15.39 1.28 37.20
CA VAL D 374 16.46 2.25 36.98
C VAL D 374 17.73 1.84 37.73
N VAL D 375 17.57 1.32 38.95
CA VAL D 375 18.72 1.02 39.79
C VAL D 375 19.56 -0.10 39.18
N GLU D 376 18.92 -1.19 38.76
CA GLU D 376 19.68 -2.29 38.15
C GLU D 376 20.41 -1.84 36.89
N TRP D 377 19.75 -1.07 36.03
CA TRP D 377 20.41 -0.64 34.81
C TRP D 377 21.53 0.34 35.09
N LEU D 378 21.39 1.19 36.11
CA LEU D 378 22.50 2.06 36.50
C LEU D 378 23.67 1.26 37.05
N GLY D 379 23.39 0.21 37.83
CA GLY D 379 24.47 -0.64 38.30
C GLY D 379 25.17 -1.35 37.15
N TRP D 380 24.40 -1.83 36.18
CA TRP D 380 24.98 -2.46 35.00
C TRP D 380 25.83 -1.46 34.21
N PHE D 381 25.36 -0.22 34.10
CA PHE D 381 26.12 0.81 33.41
C PHE D 381 27.41 1.13 34.15
N GLU D 382 27.35 1.16 35.48
CA GLU D 382 28.58 1.25 36.28
C GLU D 382 29.52 0.10 35.94
N ASP D 383 28.99 -1.12 35.90
CA ASP D 383 29.80 -2.28 35.54
C ASP D 383 30.38 -2.16 34.14
N GLN D 384 29.79 -1.31 33.30
CA GLN D 384 30.33 -1.04 31.97
C GLN D 384 31.14 0.25 31.93
N ASN D 385 31.79 0.61 33.03
CA ASN D 385 32.55 1.86 33.14
C ASN D 385 31.89 3.04 32.44
N ARG D 386 30.57 3.16 32.62
CA ARG D 386 29.76 4.31 32.23
C ARG D 386 29.83 4.63 30.73
N LYS D 387 30.12 3.66 29.88
CA LYS D 387 30.09 3.95 28.45
C LYS D 387 29.23 2.93 27.72
N PRO D 388 28.44 3.38 26.75
CA PRO D 388 27.50 2.48 26.07
C PRO D 388 28.23 1.34 25.38
N THR D 389 27.63 0.15 25.47
CA THR D 389 28.23 -1.05 24.92
C THR D 389 28.13 -1.08 23.39
N PRO D 390 28.94 -1.90 22.74
CA PRO D 390 28.77 -2.09 21.29
C PRO D 390 27.38 -2.59 20.91
N ASP D 391 26.77 -3.40 21.77
CA ASP D 391 25.42 -3.90 21.48
C ASP D 391 24.41 -2.76 21.51
N MET D 392 24.55 -1.85 22.47
CA MET D 392 23.66 -0.69 22.53
C MET D 392 23.85 0.19 21.30
N MET D 393 25.09 0.33 20.85
CA MET D 393 25.36 1.12 19.66
C MET D 393 24.73 0.48 18.42
N GLN D 394 24.81 -0.85 18.31
CA GLN D 394 24.18 -1.53 17.19
C GLN D 394 22.65 -1.44 17.28
N TYR D 395 22.10 -1.45 18.49
CA TYR D 395 20.66 -1.25 18.64
C TYR D 395 20.26 0.13 18.11
N ALA D 396 21.00 1.17 18.52
CA ALA D 396 20.72 2.51 18.01
C ALA D 396 20.88 2.57 16.50
N LYS D 397 21.91 1.89 15.97
CA LYS D 397 22.12 1.83 14.52
C LYS D 397 20.90 1.26 13.82
N ARG D 398 20.47 0.06 14.23
CA ARG D 398 19.27 -0.54 13.65
C ARG D 398 18.07 0.39 13.79
N ALA D 399 17.99 1.16 14.87
CA ALA D 399 16.83 2.02 15.07
C ALA D 399 16.84 3.21 14.11
N VAL D 400 18.01 3.80 13.86
CA VAL D 400 18.06 5.04 13.09
C VAL D 400 18.25 4.82 11.59
N MET D 401 18.94 3.75 11.19
CA MET D 401 19.13 3.50 9.77
C MET D 401 17.78 3.27 9.09
N SER D 402 17.76 3.43 7.76
CA SER D 402 16.55 3.29 6.98
C SER D 402 15.50 4.36 7.33
N LEU D 403 15.97 5.51 7.79
CA LEU D 403 15.15 6.69 8.00
C LEU D 403 15.21 7.59 6.77
N GLN D 404 14.05 7.84 6.17
CA GLN D 404 13.93 8.62 4.94
C GLN D 404 13.88 10.12 5.22
N GLY D 405 14.16 10.88 4.15
CA GLY D 405 13.95 12.32 4.06
C GLY D 405 13.69 13.14 5.32
N LEU D 406 14.64 13.17 6.26
CA LEU D 406 14.47 13.95 7.48
C LEU D 406 15.06 15.35 7.31
N ARG D 407 14.34 16.34 7.82
CA ARG D 407 14.76 17.73 7.67
C ARG D 407 15.83 18.12 8.67
N GLU D 408 16.47 19.25 8.38
CA GLU D 408 17.56 19.75 9.18
C GLU D 408 17.06 20.32 10.51
N LYS D 409 17.93 20.27 11.52
CA LYS D 409 17.66 20.76 12.86
C LYS D 409 16.58 19.98 13.60
N THR D 410 16.29 18.76 13.17
CA THR D 410 15.39 17.88 13.90
C THR D 410 16.19 16.86 14.70
N ILE D 411 15.55 16.30 15.72
CA ILE D 411 16.21 15.27 16.50
C ILE D 411 16.36 13.98 15.71
N GLY D 412 15.56 13.79 14.67
CA GLY D 412 15.75 12.64 13.80
C GLY D 412 17.07 12.73 13.04
N LYS D 413 17.34 13.89 12.45
CA LYS D 413 18.62 14.10 11.78
C LYS D 413 19.78 13.94 12.75
N TYR D 414 19.64 14.50 13.97
CA TYR D 414 20.68 14.36 14.97
C TYR D 414 20.93 12.89 15.30
N ALA D 415 19.87 12.12 15.55
CA ALA D 415 20.03 10.73 15.94
C ALA D 415 20.64 9.90 14.82
N LYS D 416 20.19 10.11 13.58
CA LYS D 416 20.77 9.36 12.47
C LYS D 416 22.25 9.72 12.29
N SER D 417 22.59 11.01 12.38
CA SER D 417 23.99 11.39 12.24
C SER D 417 24.83 10.86 13.39
N GLU D 418 24.24 10.69 14.57
CA GLU D 418 25.01 10.26 15.74
C GLU D 418 25.24 8.76 15.73
N PHE D 419 24.22 7.97 15.38
CA PHE D 419 24.27 6.53 15.57
C PHE D 419 24.41 5.73 14.28
N ASP D 420 24.32 6.35 13.11
CA ASP D 420 24.50 5.65 11.84
C ASP D 420 25.79 6.15 11.20
N LYS D 421 26.87 5.39 11.40
CA LYS D 421 28.17 5.73 10.83
C LYS D 421 29.03 4.48 10.73
N SER E 1 65.43 33.92 28.45
CA SER E 1 65.41 34.05 27.00
C SER E 1 65.53 35.52 26.58
N VAL E 2 66.37 36.27 27.27
CA VAL E 2 66.56 37.69 26.97
C VAL E 2 67.58 37.89 25.87
N THR E 3 68.75 37.29 25.99
CA THR E 3 69.84 37.46 25.04
C THR E 3 69.92 36.24 24.14
N VAL E 4 69.92 36.48 22.83
CA VAL E 4 70.06 35.43 21.82
C VAL E 4 71.26 35.76 20.95
N LYS E 5 72.07 34.76 20.62
CA LYS E 5 73.29 34.99 19.87
C LYS E 5 73.48 33.97 18.75
N ARG E 6 73.86 34.48 17.59
CA ARG E 6 74.38 33.66 16.51
C ARG E 6 75.69 33.01 16.93
N ILE E 7 75.75 31.68 16.82
CA ILE E 7 76.86 30.90 17.36
C ILE E 7 78.05 30.76 16.41
N ILE E 8 77.84 30.93 15.11
CA ILE E 8 78.94 30.70 14.16
C ILE E 8 79.99 31.79 14.27
N ASP E 9 79.60 33.00 14.65
CA ASP E 9 80.54 34.10 14.81
C ASP E 9 80.42 34.76 16.18
N ASN E 10 79.60 34.21 17.07
CA ASN E 10 79.55 34.63 18.47
C ASN E 10 78.98 36.04 18.60
N THR E 11 77.95 36.35 17.82
CA THR E 11 77.38 37.70 17.82
C THR E 11 76.00 37.71 18.44
N VAL E 12 75.56 38.89 18.88
CA VAL E 12 74.28 39.05 19.56
C VAL E 12 73.24 39.56 18.58
N ILE E 13 72.09 38.89 18.53
CA ILE E 13 70.94 39.32 17.73
C ILE E 13 69.78 39.61 18.69
N VAL E 14 69.01 40.64 18.36
CA VAL E 14 67.87 41.02 19.19
C VAL E 14 66.59 40.85 18.39
N PRO E 15 65.90 39.72 18.51
CA PRO E 15 64.65 39.52 17.77
C PRO E 15 63.55 40.44 18.28
N LYS E 16 62.86 41.10 17.35
CA LYS E 16 61.78 42.01 17.70
C LYS E 16 60.83 42.11 16.51
N LEU E 17 59.55 42.31 16.80
CA LEU E 17 58.52 42.40 15.79
C LEU E 17 57.68 43.64 16.04
N PRO E 18 57.02 44.17 15.00
CA PRO E 18 56.23 45.39 15.17
C PRO E 18 55.18 45.28 16.26
N ALA E 19 54.93 46.41 16.93
CA ALA E 19 53.97 46.45 18.01
C ALA E 19 52.54 46.53 17.47
N ASN E 20 51.59 46.15 18.32
CA ASN E 20 50.16 46.21 17.99
C ASN E 20 49.40 46.63 19.25
N GLU E 21 48.98 47.88 19.28
CA GLU E 21 48.31 48.45 20.46
C GLU E 21 46.82 48.13 20.49
N ASP E 22 46.01 48.91 19.78
CA ASP E 22 44.55 48.84 19.77
C ASP E 22 44.00 48.37 21.12
N PRO E 23 44.20 49.14 22.18
CA PRO E 23 43.70 48.72 23.49
C PRO E 23 42.18 48.84 23.59
N VAL E 24 41.60 47.98 24.42
CA VAL E 24 40.16 48.00 24.66
C VAL E 24 39.80 49.07 25.70
N GLU E 25 38.56 49.53 25.64
CA GLU E 25 38.04 50.53 26.57
C GLU E 25 36.75 49.99 27.17
N TYR E 26 36.70 49.89 28.51
CA TYR E 26 35.60 49.26 29.21
C TYR E 26 34.46 50.23 29.45
N PRO E 27 33.22 49.75 29.42
CA PRO E 27 32.07 50.64 29.66
C PRO E 27 32.13 51.35 31.00
N ALA E 28 32.58 50.67 32.06
CA ALA E 28 32.68 51.32 33.37
C ALA E 28 33.66 52.48 33.33
N ASP E 29 34.81 52.30 32.67
CA ASP E 29 35.82 53.33 32.57
C ASP E 29 35.39 54.44 31.61
N TYR E 30 34.10 54.48 31.29
CA TYR E 30 33.50 55.59 30.56
C TYR E 30 32.64 56.48 31.43
N PHE E 31 31.85 55.88 32.33
CA PHE E 31 31.04 56.64 33.27
C PHE E 31 31.85 57.24 34.41
N ARG E 32 33.14 56.92 34.50
CA ARG E 32 33.99 57.60 35.46
C ARG E 32 34.45 58.96 34.96
N LYS E 33 34.31 59.23 33.65
CA LYS E 33 34.55 60.55 33.08
C LYS E 33 33.26 61.36 32.94
N SER E 34 32.27 60.84 32.22
CA SER E 34 30.99 61.51 32.03
C SER E 34 29.87 60.75 32.73
N LYS E 35 28.79 61.46 33.04
CA LYS E 35 27.64 60.87 33.70
C LYS E 35 26.40 60.81 32.81
N GLU E 36 26.53 61.10 31.52
CA GLU E 36 25.40 61.10 30.60
C GLU E 36 25.88 60.80 29.18
N ILE E 37 24.98 60.28 28.37
CA ILE E 37 25.24 59.97 26.96
C ILE E 37 24.45 60.95 26.10
N PRO E 38 25.10 61.84 25.34
CA PRO E 38 24.37 62.84 24.55
C PRO E 38 23.75 62.28 23.28
N LEU E 39 22.46 62.55 23.08
CA LEU E 39 21.73 62.20 21.86
C LEU E 39 21.34 63.49 21.14
N TYR E 40 22.05 63.82 20.07
CA TYR E 40 21.90 65.10 19.35
C TYR E 40 20.85 64.98 18.25
N ILE E 41 19.69 65.63 18.44
CA ILE E 41 18.71 65.70 17.36
C ILE E 41 17.96 67.03 17.39
N ASN E 42 18.68 68.15 17.26
CA ASN E 42 18.04 69.46 17.33
C ASN E 42 17.16 69.74 16.12
N THR E 43 15.89 69.35 16.20
CA THR E 43 14.97 69.50 15.08
C THR E 43 13.57 69.61 15.67
N THR E 44 13.00 70.81 15.61
CA THR E 44 11.70 71.09 16.21
C THR E 44 10.64 71.28 15.12
N LYS E 45 10.85 70.60 14.00
CA LYS E 45 9.92 70.60 12.88
C LYS E 45 8.81 69.60 13.17
N SER E 46 7.58 70.09 13.26
CA SER E 46 6.34 69.31 13.37
C SER E 46 6.51 67.82 13.03
N LEU E 47 5.75 66.98 13.74
CA LEU E 47 5.86 65.53 13.55
C LEU E 47 5.30 65.10 12.20
N SER E 48 4.18 65.69 11.77
CA SER E 48 3.59 65.29 10.50
C SER E 48 4.49 65.64 9.32
N ASP E 49 5.15 66.79 9.39
CA ASP E 49 6.05 67.18 8.30
C ASP E 49 7.24 66.25 8.24
N LEU E 50 7.78 65.83 9.38
CA LEU E 50 8.85 64.84 9.38
C LEU E 50 8.37 63.51 8.83
N ARG E 51 7.13 63.14 9.16
CA ARG E 51 6.51 61.94 8.63
C ARG E 51 6.55 61.95 7.11
N GLY E 52 6.02 63.02 6.51
CA GLY E 52 6.02 63.11 5.05
C GLY E 52 7.42 63.19 4.47
N TYR E 53 8.31 63.94 5.15
CA TYR E 53 9.71 64.02 4.73
C TYR E 53 10.28 62.63 4.54
N VAL E 54 10.21 61.81 5.60
CA VAL E 54 10.86 60.50 5.58
C VAL E 54 10.13 59.56 4.62
N TYR E 55 8.80 59.63 4.57
CA TYR E 55 8.06 58.75 3.66
C TYR E 55 8.48 58.99 2.22
N GLN E 56 8.46 60.26 1.78
CA GLN E 56 8.80 60.56 0.41
C GLN E 56 10.28 60.33 0.12
N GLY E 57 11.16 60.59 1.10
CA GLY E 57 12.56 60.29 0.90
C GLY E 57 12.85 58.81 0.80
N LEU E 58 12.07 58.00 1.52
CA LEU E 58 12.22 56.55 1.48
C LEU E 58 11.69 55.97 0.18
N LYS E 59 10.68 56.61 -0.41
CA LYS E 59 10.16 56.09 -1.68
C LYS E 59 11.25 56.11 -2.76
N SER E 60 12.18 57.06 -2.68
CA SER E 60 13.28 57.15 -3.63
C SER E 60 13.99 58.50 -3.51
N GLY E 61 15.27 58.49 -3.14
CA GLY E 61 16.00 59.73 -3.00
C GLY E 61 17.07 59.62 -1.93
N ASN E 62 17.57 60.79 -1.53
CA ASN E 62 18.66 60.90 -0.56
C ASN E 62 18.09 61.13 0.83
N VAL E 63 17.40 60.11 1.34
CA VAL E 63 16.78 60.22 2.66
C VAL E 63 17.84 60.67 3.66
N SER E 64 17.53 61.72 4.40
CA SER E 64 18.48 62.27 5.37
C SER E 64 18.49 61.43 6.64
N ILE E 65 19.67 61.23 7.22
CA ILE E 65 19.76 60.55 8.49
C ILE E 65 19.21 61.44 9.59
N ILE E 66 19.43 62.75 9.48
CA ILE E 66 18.88 63.69 10.45
C ILE E 66 17.36 63.61 10.45
N HIS E 67 16.76 63.51 9.25
CA HIS E 67 15.30 63.46 9.15
C HIS E 67 14.74 62.22 9.84
N VAL E 68 15.36 61.05 9.58
CA VAL E 68 14.83 59.83 10.18
C VAL E 68 15.07 59.81 11.68
N ASN E 69 16.19 60.37 12.14
CA ASN E 69 16.42 60.46 13.59
C ASN E 69 15.37 61.35 14.25
N SER E 70 15.10 62.51 13.65
CA SER E 70 14.10 63.41 14.22
C SER E 70 12.72 62.75 14.22
N TYR E 71 12.36 62.06 13.14
CA TYR E 71 11.05 61.40 13.10
C TYR E 71 10.97 60.30 14.14
N LEU E 72 12.03 59.50 14.29
CA LEU E 72 12.02 58.45 15.32
C LEU E 72 11.86 59.04 16.71
N TYR E 73 12.57 60.13 17.01
CA TYR E 73 12.39 60.78 18.30
C TYR E 73 10.95 61.24 18.48
N GLY E 74 10.38 61.87 17.45
CA GLY E 74 9.04 62.39 17.58
C GLY E 74 8.00 61.31 17.77
N ALA E 75 8.11 60.22 17.00
CA ALA E 75 7.11 59.17 17.05
C ALA E 75 7.25 58.29 18.29
N LEU E 76 8.47 58.16 18.83
CA LEU E 76 8.70 57.35 20.02
C LEU E 76 8.80 58.19 21.28
N LYS E 77 7.95 59.20 21.41
CA LYS E 77 7.82 59.95 22.65
C LYS E 77 6.75 59.37 23.58
N ASP E 78 6.40 58.09 23.38
CA ASP E 78 5.45 57.40 24.24
C ASP E 78 6.08 57.20 25.62
N ILE E 79 5.52 57.86 26.63
CA ILE E 79 6.04 57.80 27.99
C ILE E 79 5.42 56.60 28.71
N ARG E 80 5.12 55.54 27.96
CA ARG E 80 4.54 54.33 28.52
C ARG E 80 5.61 53.51 29.21
N GLY E 81 5.43 53.25 30.51
CA GLY E 81 6.32 52.36 31.21
C GLY E 81 6.38 52.52 32.72
N LYS E 82 5.48 51.85 33.43
CA LYS E 82 5.49 51.86 34.89
C LYS E 82 6.57 50.90 35.38
N LEU E 83 7.55 51.43 36.10
CA LEU E 83 8.67 50.61 36.56
C LEU E 83 8.20 49.67 37.66
N ASP E 84 8.52 48.38 37.50
CA ASP E 84 8.14 47.38 38.50
C ASP E 84 9.06 47.46 39.71
N LYS E 85 10.38 47.49 39.48
CA LYS E 85 11.31 47.63 40.59
C LYS E 85 12.12 48.90 40.42
N ASP E 86 13.43 48.80 40.56
CA ASP E 86 14.34 49.92 40.37
C ASP E 86 15.19 49.70 39.13
N TRP E 87 15.70 50.80 38.57
CA TRP E 87 16.54 50.71 37.38
C TRP E 87 17.73 51.64 37.57
N SER E 88 18.90 51.06 37.80
CA SER E 88 20.14 51.80 37.97
C SER E 88 21.27 51.01 37.33
N SER E 89 22.16 51.71 36.64
CA SER E 89 23.28 51.06 35.97
C SER E 89 24.45 52.03 35.94
N PHE E 90 25.62 51.54 36.32
CA PHE E 90 26.86 52.33 36.30
C PHE E 90 26.68 53.65 37.04
N GLY E 91 25.91 53.61 38.13
CA GLY E 91 25.66 54.78 38.95
C GLY E 91 24.50 55.64 38.50
N ILE E 92 24.13 55.60 37.22
CA ILE E 92 23.00 56.42 36.76
C ILE E 92 21.71 55.78 37.27
N ASN E 93 20.96 56.54 38.06
CA ASN E 93 19.66 56.11 38.55
C ASN E 93 18.59 56.71 37.64
N ILE E 94 17.95 55.86 36.85
CA ILE E 94 16.93 56.32 35.92
C ILE E 94 15.52 55.85 36.31
N GLY E 95 15.39 54.66 36.89
CA GLY E 95 14.10 54.17 37.32
C GLY E 95 14.07 53.99 38.83
N LYS E 96 12.95 54.37 39.43
CA LYS E 96 12.70 54.25 40.86
C LYS E 96 11.36 53.57 41.05
N ALA E 97 11.09 53.14 42.29
CA ALA E 97 9.78 52.70 42.73
C ALA E 97 8.85 52.39 41.56
N GLY E 98 7.75 53.13 41.45
CA GLY E 98 6.83 52.94 40.35
C GLY E 98 6.76 54.12 39.40
N ASP E 99 7.92 54.56 38.88
CA ASP E 99 7.95 55.69 37.96
C ASP E 99 7.53 55.22 36.56
N THR E 100 6.94 56.14 35.81
CA THR E 100 6.49 55.88 34.45
C THR E 100 7.44 56.52 33.43
N ILE E 101 8.61 55.92 33.26
CA ILE E 101 9.59 56.43 32.31
C ILE E 101 9.30 55.90 30.92
N GLY E 102 9.90 56.55 29.93
CA GLY E 102 9.76 56.17 28.53
C GLY E 102 11.11 56.06 27.84
N ILE E 103 11.10 55.91 26.52
CA ILE E 103 12.37 55.85 25.79
C ILE E 103 12.97 57.26 25.87
N PHE E 104 14.24 57.37 25.53
CA PHE E 104 14.97 58.63 25.61
C PHE E 104 15.03 59.15 27.03
N ASP E 105 14.74 58.28 28.00
CA ASP E 105 14.96 58.57 29.42
C ASP E 105 16.41 58.30 29.82
N LEU E 106 17.32 58.60 28.89
CA LEU E 106 18.75 58.47 29.13
C LEU E 106 19.31 59.89 29.23
N VAL E 107 19.52 60.53 28.09
CA VAL E 107 19.97 61.92 28.04
C VAL E 107 19.90 62.37 26.58
N SER E 108 19.29 63.54 26.35
CA SER E 108 19.14 64.08 25.01
C SER E 108 19.64 65.52 24.94
N LEU E 109 20.28 65.87 23.83
CA LEU E 109 20.76 67.22 23.59
C LEU E 109 20.51 67.58 22.14
N LYS E 110 20.59 68.87 21.84
CA LYS E 110 20.23 69.40 20.52
C LYS E 110 21.43 70.08 19.87
N ALA E 111 21.71 69.70 18.61
CA ALA E 111 22.82 70.27 17.86
C ALA E 111 22.33 70.88 16.55
N LEU E 112 23.04 71.90 16.08
CA LEU E 112 22.83 72.50 14.75
C LEU E 112 21.39 72.86 14.44
N ASP E 113 21.14 73.31 13.21
CA ASP E 113 19.89 73.97 12.84
C ASP E 113 19.45 73.65 11.41
N GLY E 114 20.41 73.34 10.53
CA GLY E 114 20.12 73.28 9.10
C GLY E 114 19.43 71.99 8.69
N VAL E 115 18.37 72.13 7.88
CA VAL E 115 17.63 71.00 7.32
C VAL E 115 17.36 71.27 5.85
N LEU E 116 16.95 70.21 5.14
CA LEU E 116 16.82 70.25 3.68
C LEU E 116 15.56 71.01 3.24
N PRO E 117 14.38 70.41 3.29
CA PRO E 117 13.20 71.00 2.65
C PRO E 117 12.53 72.03 3.55
N ASP E 118 11.49 72.66 3.00
CA ASP E 118 10.74 73.70 3.70
C ASP E 118 9.56 73.11 4.47
N GLY E 119 9.51 73.40 5.78
CA GLY E 119 8.37 73.21 6.65
C GLY E 119 7.31 72.19 6.25
N VAL E 120 6.19 72.66 5.73
CA VAL E 120 5.06 71.78 5.41
C VAL E 120 5.37 71.02 4.13
N SER E 121 5.43 69.69 4.23
CA SER E 121 5.78 68.87 3.07
C SER E 121 4.55 68.49 2.27
N ASP E 122 4.18 67.21 2.30
CA ASP E 122 2.98 66.70 1.64
C ASP E 122 2.06 66.11 2.70
N ALA E 123 0.89 66.72 2.87
CA ALA E 123 -0.11 66.22 3.81
C ALA E 123 -0.83 64.98 3.26
N SER E 124 -0.08 64.12 2.57
CA SER E 124 -0.67 62.93 1.96
C SER E 124 -0.85 61.80 2.98
N ARG E 125 0.16 61.61 3.83
CA ARG E 125 0.16 60.51 4.79
C ARG E 125 -0.74 60.82 5.98
N THR E 126 -1.25 59.75 6.59
CA THR E 126 -2.16 59.87 7.72
C THR E 126 -1.35 59.59 8.98
N SER E 127 -1.93 58.88 9.95
CA SER E 127 -1.16 58.67 11.17
C SER E 127 0.00 57.75 10.87
N ALA E 128 -0.24 56.44 10.86
CA ALA E 128 0.76 55.46 10.44
C ALA E 128 2.08 55.64 11.19
N ASP E 129 2.09 56.46 12.24
CA ASP E 129 3.30 56.76 12.98
C ASP E 129 3.66 55.57 13.86
N ASP E 130 3.14 55.58 15.09
CA ASP E 130 3.39 54.53 16.06
C ASP E 130 2.82 53.19 15.58
N LYS E 131 2.41 53.10 14.32
CA LYS E 131 1.85 51.88 13.78
C LYS E 131 2.87 51.02 13.05
N TRP E 132 3.68 51.59 12.14
CA TRP E 132 4.62 50.74 11.43
C TRP E 132 5.95 51.45 11.12
N LEU E 133 5.89 52.74 10.78
CA LEU E 133 7.07 53.44 10.29
C LEU E 133 8.29 53.29 11.19
N PRO E 134 8.21 53.49 12.50
CA PRO E 134 9.39 53.26 13.34
C PRO E 134 9.90 51.84 13.25
N LEU E 135 9.01 50.84 13.16
CA LEU E 135 9.44 49.46 13.00
C LEU E 135 10.30 49.30 11.76
N TYR E 136 9.87 49.88 10.64
CA TYR E 136 10.64 49.81 9.40
C TYR E 136 11.99 50.51 9.55
N LEU E 137 11.97 51.75 10.05
CA LEU E 137 13.20 52.52 10.19
C LEU E 137 14.21 51.78 11.07
N LEU E 138 13.74 51.12 12.13
CA LEU E 138 14.64 50.43 13.03
C LEU E 138 15.13 49.10 12.45
N GLY E 139 14.26 48.39 11.72
CA GLY E 139 14.70 47.13 11.11
C GLY E 139 15.70 47.33 9.99
N LEU E 140 15.64 48.48 9.33
CA LEU E 140 16.63 48.74 8.29
C LEU E 140 18.05 48.73 8.82
N TYR E 141 18.24 48.97 10.12
CA TYR E 141 19.58 48.86 10.72
C TYR E 141 20.08 47.43 10.68
N ARG E 142 19.26 46.49 11.14
CA ARG E 142 19.63 45.08 11.12
C ARG E 142 19.86 44.61 9.69
N VAL E 143 19.06 45.11 8.75
CA VAL E 143 19.29 44.70 7.36
C VAL E 143 20.57 45.31 6.82
N GLY E 144 20.93 46.52 7.27
CA GLY E 144 22.14 47.17 6.78
C GLY E 144 23.42 46.65 7.38
N ARG E 145 23.35 45.95 8.51
CA ARG E 145 24.58 45.44 9.12
C ARG E 145 25.11 44.19 8.41
N THR E 146 24.45 43.73 7.35
CA THR E 146 24.85 42.50 6.67
C THR E 146 25.24 42.80 5.22
N GLN E 147 25.79 41.78 4.57
CA GLN E 147 26.22 41.89 3.18
C GLN E 147 25.92 40.66 2.32
N MET E 148 25.64 39.51 2.91
CA MET E 148 25.38 38.29 2.16
C MET E 148 23.91 38.17 1.81
N PRO E 149 23.57 37.29 0.87
CA PRO E 149 22.18 37.18 0.40
C PRO E 149 21.15 36.95 1.50
N GLU E 150 21.54 37.12 2.76
CA GLU E 150 20.58 37.13 3.86
C GLU E 150 19.75 38.41 3.88
N TYR E 151 20.19 39.45 3.17
CA TYR E 151 19.48 40.73 3.21
C TYR E 151 18.04 40.59 2.71
N ARG E 152 17.82 39.80 1.66
CA ARG E 152 16.44 39.66 1.20
C ARG E 152 15.60 38.79 2.14
N LYS E 153 16.23 37.97 2.97
CA LYS E 153 15.49 37.23 3.98
C LYS E 153 15.21 38.07 5.21
N LYS E 154 15.99 39.11 5.43
CA LYS E 154 15.69 39.99 6.56
C LYS E 154 14.77 41.11 6.14
N LEU E 155 14.76 41.45 4.85
CA LEU E 155 13.75 42.36 4.34
C LEU E 155 12.41 41.65 4.20
N MET E 156 12.42 40.34 3.95
CA MET E 156 11.20 39.57 4.05
C MET E 156 10.67 39.57 5.48
N ASP E 157 11.57 39.35 6.46
CA ASP E 157 11.16 39.45 7.86
C ASP E 157 10.53 40.81 8.13
N GLY E 158 11.16 41.88 7.66
CA GLY E 158 10.64 43.21 7.85
C GLY E 158 9.26 43.40 7.25
N LEU E 159 9.11 43.18 5.94
CA LEU E 159 7.81 43.40 5.31
C LEU E 159 6.73 42.52 5.91
N THR E 160 7.06 41.31 6.34
CA THR E 160 6.05 40.42 6.88
C THR E 160 5.66 40.77 8.31
N ASN E 161 6.57 41.39 9.07
CA ASN E 161 6.27 41.72 10.45
C ASN E 161 5.55 43.06 10.62
N GLN E 162 5.64 43.96 9.63
CA GLN E 162 4.97 45.25 9.66
C GLN E 162 3.51 45.19 9.19
N CYS E 163 2.96 44.00 8.98
CA CYS E 163 1.59 43.82 8.52
C CYS E 163 0.59 43.69 9.67
N LYS E 164 0.88 44.25 10.84
CA LYS E 164 -0.06 44.14 11.96
C LYS E 164 -1.18 45.14 11.68
N MET E 165 -2.21 44.67 10.97
CA MET E 165 -3.36 45.51 10.62
C MET E 165 -2.95 46.70 9.77
N ILE E 166 -1.84 46.59 9.04
CA ILE E 166 -1.31 47.72 8.27
C ILE E 166 -1.23 47.34 6.80
N ASN E 167 -0.50 46.27 6.49
CA ASN E 167 -0.47 45.68 5.15
C ASN E 167 -0.13 46.68 4.04
N GLU E 168 1.17 46.94 3.86
CA GLU E 168 1.67 47.76 2.76
C GLU E 168 2.63 46.97 1.90
N GLN E 169 3.63 47.63 1.31
CA GLN E 169 4.48 46.92 0.36
C GLN E 169 5.95 47.31 0.55
N PHE E 170 6.71 47.31 -0.54
CA PHE E 170 8.12 47.64 -0.50
C PHE E 170 8.31 49.16 -0.54
N GLU E 171 9.52 49.61 -0.17
CA GLU E 171 9.77 51.05 -0.12
C GLU E 171 10.93 51.48 -1.01
N PRO E 172 12.15 50.96 -0.77
CA PRO E 172 13.30 51.36 -1.60
C PRO E 172 13.23 50.78 -3.00
N LEU E 173 14.24 51.06 -3.83
CA LEU E 173 14.22 50.64 -5.23
C LEU E 173 15.31 49.65 -5.60
N VAL E 174 16.50 49.77 -5.02
CA VAL E 174 17.60 48.90 -5.42
C VAL E 174 17.95 47.94 -4.28
N PRO E 175 18.31 46.70 -4.59
CA PRO E 175 18.73 45.77 -3.54
C PRO E 175 19.95 46.31 -2.80
N GLU E 176 20.21 45.73 -1.63
CA GLU E 176 21.25 46.25 -0.76
C GLU E 176 22.65 46.07 -1.36
N GLY E 177 23.65 45.92 -0.49
CA GLY E 177 25.04 45.90 -0.87
C GLY E 177 25.83 46.99 -0.18
N ARG E 178 25.32 47.44 0.97
CA ARG E 178 25.92 48.53 1.73
C ARG E 178 26.11 49.79 0.89
N ASP E 179 25.01 50.52 0.66
CA ASP E 179 25.06 51.76 -0.12
C ASP E 179 23.91 52.70 0.22
N ILE E 180 22.72 52.13 0.45
CA ILE E 180 21.49 52.90 0.54
C ILE E 180 21.27 53.41 1.97
N PHE E 181 20.67 52.57 2.79
CA PHE E 181 20.40 52.87 4.20
C PHE E 181 21.54 52.48 5.12
N ASP E 182 22.59 51.87 4.58
CA ASP E 182 23.75 51.46 5.36
C ASP E 182 24.58 52.64 5.86
N VAL E 183 24.28 53.86 5.43
CA VAL E 183 24.98 55.01 5.99
C VAL E 183 24.53 55.25 7.42
N TRP E 184 23.31 54.82 7.76
CA TRP E 184 22.77 55.07 9.09
C TRP E 184 23.60 54.42 10.18
N GLY E 185 24.29 53.32 9.86
CA GLY E 185 25.10 52.65 10.86
C GLY E 185 26.23 53.51 11.41
N ASN E 186 26.82 54.35 10.57
CA ASN E 186 27.94 55.19 10.97
C ASN E 186 27.50 56.49 11.63
N ASP E 187 26.21 56.69 11.83
CA ASP E 187 25.69 57.88 12.50
C ASP E 187 25.52 57.57 13.98
N SER E 188 26.19 58.35 14.83
CA SER E 188 26.15 58.09 16.26
C SER E 188 24.73 58.13 16.81
N ASN E 189 23.93 59.11 16.37
CA ASN E 189 22.60 59.30 16.95
C ASN E 189 21.65 58.18 16.56
N TYR E 190 21.74 57.69 15.33
CA TYR E 190 20.86 56.60 14.91
C TYR E 190 21.13 55.33 15.73
N THR E 191 22.40 54.95 15.86
CA THR E 191 22.74 53.79 16.68
C THR E 191 22.31 54.00 18.12
N LYS E 192 22.43 55.23 18.64
CA LYS E 192 21.99 55.49 20.00
C LYS E 192 20.49 55.28 20.13
N ILE E 193 19.72 55.72 19.14
CA ILE E 193 18.27 55.51 19.16
C ILE E 193 17.96 54.02 19.15
N VAL E 194 18.64 53.26 18.28
CA VAL E 194 18.39 51.82 18.18
C VAL E 194 18.68 51.14 19.51
N ALA E 195 19.79 51.51 20.15
CA ALA E 195 20.15 50.90 21.43
C ALA E 195 19.16 51.27 22.51
N ALA E 196 18.71 52.53 22.54
CA ALA E 196 17.73 52.94 23.53
C ALA E 196 16.42 52.17 23.37
N VAL E 197 15.95 52.01 22.14
CA VAL E 197 14.72 51.26 21.92
C VAL E 197 14.89 49.82 22.38
N ASP E 198 16.01 49.19 22.00
CA ASP E 198 16.21 47.79 22.37
C ASP E 198 16.26 47.62 23.88
N MET E 199 17.00 48.50 24.57
CA MET E 199 17.10 48.42 26.03
C MET E 199 15.73 48.63 26.68
N PHE E 200 15.01 49.67 26.24
CA PHE E 200 13.72 49.99 26.83
C PHE E 200 12.76 48.81 26.69
N PHE E 201 12.66 48.23 25.50
CA PHE E 201 11.73 47.12 25.33
C PHE E 201 12.29 45.80 25.84
N HIS E 202 13.59 45.73 26.16
CA HIS E 202 14.10 44.58 26.91
C HIS E 202 13.71 44.66 28.38
N MET E 203 13.58 45.86 28.92
CA MET E 203 13.06 45.99 30.28
C MET E 203 11.56 45.69 30.32
N PHE E 204 10.80 46.29 29.41
CA PHE E 204 9.34 46.12 29.37
C PHE E 204 9.03 45.12 28.27
N LYS E 205 9.26 43.83 28.58
CA LYS E 205 9.04 42.79 27.58
C LYS E 205 7.57 42.68 27.17
N LYS E 206 6.66 42.81 28.13
CA LYS E 206 5.22 42.78 27.83
C LYS E 206 4.78 44.20 27.51
N HIS E 207 4.66 44.48 26.21
CA HIS E 207 4.25 45.80 25.73
C HIS E 207 3.73 45.65 24.32
N GLU E 208 2.68 46.41 23.98
CA GLU E 208 2.12 46.33 22.64
C GLU E 208 3.18 46.64 21.59
N CYS E 209 4.01 47.65 21.84
CA CYS E 209 4.98 48.10 20.84
C CYS E 209 6.34 47.43 21.02
N ALA E 210 6.38 46.27 21.67
CA ALA E 210 7.63 45.52 21.77
C ALA E 210 8.09 44.99 20.42
N SER E 211 7.20 44.98 19.42
CA SER E 211 7.57 44.50 18.09
C SER E 211 8.71 45.31 17.50
N PHE E 212 8.89 46.56 17.95
CA PHE E 212 10.02 47.34 17.48
C PHE E 212 11.35 46.65 17.72
N ARG E 213 11.39 45.63 18.58
CA ARG E 213 12.64 44.92 18.79
C ARG E 213 13.11 44.21 17.52
N TYR E 214 12.17 43.83 16.65
CA TYR E 214 12.52 43.09 15.44
C TYR E 214 13.44 43.97 14.59
N GLY E 215 14.74 43.70 14.61
CA GLY E 215 15.71 44.46 13.85
C GLY E 215 16.61 45.32 14.71
N THR E 216 16.13 45.73 15.89
CA THR E 216 16.96 46.49 16.81
C THR E 216 17.71 45.59 17.78
N ILE E 217 17.30 44.32 17.89
CA ILE E 217 17.91 43.38 18.82
C ILE E 217 19.36 43.12 18.47
N VAL E 218 19.76 43.30 17.21
CA VAL E 218 21.14 43.07 16.83
C VAL E 218 22.08 44.10 17.43
N SER E 219 21.54 45.11 18.12
CA SER E 219 22.40 46.05 18.84
C SER E 219 22.81 45.50 20.20
N ARG E 220 21.99 44.62 20.77
CA ARG E 220 22.26 44.06 22.09
C ARG E 220 23.46 43.12 22.02
N PHE E 221 24.45 43.36 22.89
CA PHE E 221 25.69 42.58 22.91
C PHE E 221 26.37 42.60 21.54
N LYS E 222 26.25 43.71 20.83
CA LYS E 222 26.92 43.84 19.54
C LYS E 222 28.43 43.73 19.72
N ASP E 223 29.06 42.91 18.88
CA ASP E 223 30.50 42.64 18.93
C ASP E 223 30.93 42.27 20.36
N CYS E 224 30.10 41.48 21.03
CA CYS E 224 30.38 40.91 22.34
C CYS E 224 30.24 39.39 22.27
N ALA E 225 30.69 38.82 21.14
CA ALA E 225 30.46 37.41 20.87
C ALA E 225 31.15 36.52 21.87
N ALA E 226 32.35 36.90 22.34
CA ALA E 226 33.11 36.02 23.23
C ALA E 226 32.31 35.66 24.49
N LEU E 227 31.62 36.64 25.08
CA LEU E 227 30.75 36.34 26.21
C LEU E 227 29.67 35.34 25.82
N ALA E 228 29.11 35.50 24.62
CA ALA E 228 28.07 34.58 24.18
C ALA E 228 28.61 33.16 24.02
N THR E 229 29.85 33.03 23.54
CA THR E 229 30.44 31.70 23.41
C THR E 229 30.79 31.12 24.77
N PHE E 230 31.17 31.96 25.73
CA PHE E 230 31.40 31.47 27.09
C PHE E 230 30.12 30.90 27.69
N GLY E 231 29.02 31.65 27.57
CA GLY E 231 27.74 31.15 28.05
C GLY E 231 27.30 29.90 27.32
N HIS E 232 27.47 29.89 25.99
CA HIS E 232 27.10 28.71 25.20
C HIS E 232 27.92 27.49 25.59
N LEU E 233 29.21 27.69 25.87
CA LEU E 233 30.06 26.59 26.29
C LEU E 233 29.62 26.05 27.65
N CYS E 234 29.30 26.96 28.58
CA CYS E 234 28.76 26.50 29.86
C CYS E 234 27.49 25.70 29.66
N LYS E 235 26.61 26.15 28.77
CA LYS E 235 25.35 25.45 28.54
C LYS E 235 25.58 24.10 27.86
N ILE E 236 26.57 24.01 26.98
CA ILE E 236 26.80 22.77 26.22
C ILE E 236 27.49 21.73 27.09
N THR E 237 28.44 22.15 27.93
CA THR E 237 29.10 21.22 28.82
C THR E 237 28.29 20.92 30.07
N GLY E 238 27.31 21.77 30.40
CA GLY E 238 26.54 21.60 31.62
C GLY E 238 27.30 21.83 32.91
N MET E 239 28.55 22.27 32.83
CA MET E 239 29.36 22.52 34.01
C MET E 239 29.11 23.94 34.52
N SER E 240 29.53 24.17 35.76
CA SER E 240 29.43 25.52 36.30
C SER E 240 30.42 26.44 35.60
N THR E 241 30.19 27.75 35.74
CA THR E 241 31.10 28.71 35.14
C THR E 241 32.51 28.55 35.70
N GLU E 242 32.63 28.21 36.99
CA GLU E 242 33.94 28.08 37.60
C GLU E 242 34.68 26.83 37.09
N ASP E 243 33.97 25.71 36.93
CA ASP E 243 34.62 24.51 36.40
C ASP E 243 35.08 24.72 34.97
N VAL E 244 34.19 25.28 34.14
CA VAL E 244 34.57 25.62 32.76
C VAL E 244 35.77 26.54 32.76
N THR E 245 35.81 27.49 33.69
CA THR E 245 36.99 28.36 33.82
C THR E 245 38.23 27.54 34.14
N THR E 246 38.11 26.55 35.03
CA THR E 246 39.24 25.73 35.41
C THR E 246 39.74 24.87 34.27
N TRP E 247 38.90 24.61 33.26
CA TRP E 247 39.36 23.80 32.13
C TRP E 247 40.12 24.58 31.06
N ILE E 248 40.36 25.88 31.26
CA ILE E 248 41.19 26.64 30.33
C ILE E 248 42.65 26.24 30.50
N LEU E 249 43.31 25.90 29.39
CA LEU E 249 44.63 25.28 29.45
C LEU E 249 45.69 25.98 28.62
N ASN E 250 45.41 27.16 28.06
CA ASN E 250 46.40 27.90 27.28
C ASN E 250 46.56 29.31 27.84
N ARG E 251 47.80 29.79 27.85
CA ARG E 251 48.12 31.08 28.46
C ARG E 251 47.27 32.20 27.87
N GLU E 252 47.15 32.25 26.55
CA GLU E 252 46.45 33.36 25.91
C GLU E 252 44.95 33.30 26.18
N VAL E 253 44.39 32.09 26.27
CA VAL E 253 42.98 31.96 26.61
C VAL E 253 42.73 32.43 28.04
N ALA E 254 43.65 32.12 28.95
CA ALA E 254 43.53 32.63 30.32
C ALA E 254 43.63 34.14 30.36
N ASP E 255 44.55 34.71 29.58
CA ASP E 255 44.66 36.16 29.51
C ASP E 255 43.35 36.79 29.04
N GLU E 256 42.78 36.24 27.96
CA GLU E 256 41.54 36.78 27.43
C GLU E 256 40.38 36.61 28.41
N MET E 257 40.37 35.49 29.14
CA MET E 257 39.32 35.28 30.14
C MET E 257 39.43 36.31 31.26
N VAL E 258 40.65 36.53 31.77
CA VAL E 258 40.84 37.57 32.77
C VAL E 258 40.39 38.92 32.25
N GLN E 259 40.71 39.22 30.98
CA GLN E 259 40.27 40.49 30.39
C GLN E 259 38.75 40.59 30.35
N MET E 260 38.08 39.48 30.03
CA MET E 260 36.63 39.51 29.90
C MET E 260 35.94 39.58 31.24
N MET E 261 36.58 39.07 32.30
CA MET E 261 35.97 39.00 33.62
C MET E 261 36.41 40.15 34.53
N LEU E 262 36.98 41.21 33.96
CA LEU E 262 37.38 42.35 34.77
C LEU E 262 36.19 42.88 35.57
N PRO E 263 36.33 43.07 36.88
CA PRO E 263 35.15 43.32 37.72
C PRO E 263 34.58 44.72 37.48
N GLY E 264 33.43 44.95 38.10
CA GLY E 264 32.69 46.19 37.96
C GLY E 264 32.34 46.58 36.54
N GLN E 265 31.81 45.65 35.76
CA GLN E 265 31.40 45.91 34.39
C GLN E 265 29.95 45.55 34.12
N GLU E 266 29.24 45.01 35.11
CA GLU E 266 27.81 44.72 35.01
C GLU E 266 27.49 43.85 33.80
N ILE E 267 28.41 42.95 33.44
CA ILE E 267 28.16 42.10 32.28
C ILE E 267 27.11 41.04 32.60
N ASP E 268 26.94 40.67 33.87
CA ASP E 268 25.95 39.70 34.28
C ASP E 268 24.67 40.35 34.82
N LYS E 269 24.60 41.68 34.83
CA LYS E 269 23.41 42.35 35.32
C LYS E 269 22.26 42.22 34.31
N ALA E 270 21.04 42.20 34.84
CA ALA E 270 19.87 41.96 33.99
C ALA E 270 19.72 43.04 32.93
N ASP E 271 19.55 44.28 33.38
CA ASP E 271 19.28 45.42 32.48
C ASP E 271 20.35 46.48 32.73
N SER E 272 21.45 46.39 31.98
CA SER E 272 22.58 47.29 32.11
C SER E 272 22.88 47.94 30.76
N TYR E 273 23.73 48.97 30.81
CA TYR E 273 24.21 49.60 29.58
C TYR E 273 25.23 48.75 28.86
N MET E 274 25.84 47.78 29.55
CA MET E 274 26.92 46.98 28.97
C MET E 274 26.56 46.34 27.63
N PRO E 275 25.41 45.69 27.46
CA PRO E 275 25.12 45.05 26.17
C PRO E 275 25.10 46.00 24.99
N TYR E 276 24.96 47.30 25.24
CA TYR E 276 24.89 48.31 24.17
C TYR E 276 26.09 49.26 24.24
N LEU E 277 27.24 48.77 24.71
CA LEU E 277 28.41 49.62 24.87
C LEU E 277 28.88 50.22 23.56
N ILE E 278 28.63 49.56 22.42
CA ILE E 278 29.13 50.06 21.15
C ILE E 278 28.22 51.14 20.57
N ASP E 279 26.93 50.84 20.43
CA ASP E 279 26.03 51.78 19.77
C ASP E 279 25.78 53.02 20.62
N PHE E 280 25.88 52.89 21.95
CA PHE E 280 25.79 54.05 22.83
C PHE E 280 27.07 54.88 22.84
N GLY E 281 28.09 54.49 22.08
CA GLY E 281 29.36 55.20 22.11
C GLY E 281 30.07 55.13 23.44
N LEU E 282 29.82 54.08 24.22
CA LEU E 282 30.51 53.92 25.49
C LEU E 282 31.94 53.42 25.29
N SER E 283 32.19 52.67 24.23
CA SER E 283 33.50 52.11 23.96
C SER E 283 33.76 52.10 22.46
N SER E 284 35.01 52.34 22.07
CA SER E 284 35.42 52.26 20.68
C SER E 284 36.08 50.93 20.33
N LYS E 285 36.47 50.13 21.32
CA LYS E 285 37.08 48.83 21.10
C LYS E 285 36.56 47.89 22.18
N SER E 286 35.66 46.99 21.81
CA SER E 286 35.01 46.14 22.79
C SER E 286 36.02 45.17 23.40
N PRO E 287 36.14 45.13 24.73
CA PRO E 287 36.98 44.11 25.36
C PRO E 287 36.37 42.71 25.32
N TYR E 288 35.09 42.59 24.98
CA TYR E 288 34.40 41.32 24.93
C TYR E 288 34.23 40.82 23.50
N SER E 289 34.85 41.49 22.53
CA SER E 289 34.74 41.08 21.14
C SER E 289 35.54 39.82 20.87
N SER E 290 35.21 39.16 19.76
CA SER E 290 35.94 37.98 19.33
C SER E 290 37.25 38.33 18.63
N VAL E 291 37.36 39.54 18.07
CA VAL E 291 38.62 39.96 17.47
C VAL E 291 39.68 40.17 18.54
N LYS E 292 39.27 40.62 19.72
CA LYS E 292 40.18 40.79 20.85
C LYS E 292 40.25 39.57 21.76
N ASN E 293 39.44 38.55 21.49
CA ASN E 293 39.49 37.28 22.23
C ASN E 293 39.50 36.12 21.24
N PRO E 294 40.50 36.08 20.36
CA PRO E 294 40.50 35.06 19.29
C PRO E 294 40.72 33.66 19.82
N ALA E 295 41.75 33.49 20.66
CA ALA E 295 42.07 32.18 21.19
C ALA E 295 40.90 31.58 21.94
N PHE E 296 40.30 32.34 22.87
CA PHE E 296 39.17 31.83 23.64
C PHE E 296 38.02 31.47 22.72
N HIS E 297 37.69 32.35 21.77
CA HIS E 297 36.63 32.07 20.82
C HIS E 297 36.86 30.74 20.10
N PHE E 298 38.04 30.59 19.49
CA PHE E 298 38.35 29.37 18.75
C PHE E 298 38.23 28.14 19.64
N TRP E 299 38.90 28.17 20.79
CA TRP E 299 38.91 27.02 21.69
C TRP E 299 37.50 26.63 22.11
N GLY E 300 36.72 27.61 22.58
CA GLY E 300 35.38 27.32 23.07
C GLY E 300 34.49 26.79 21.96
N GLN E 301 34.50 27.45 20.80
CA GLN E 301 33.64 27.01 19.71
C GLN E 301 34.03 25.62 19.22
N LEU E 302 35.34 25.31 19.20
CA LEU E 302 35.79 23.99 18.82
C LEU E 302 35.27 22.93 19.79
N THR E 303 35.44 23.18 21.09
CA THR E 303 34.90 22.26 22.08
C THR E 303 33.39 22.07 21.88
N ALA E 304 32.66 23.17 21.75
CA ALA E 304 31.22 23.10 21.54
C ALA E 304 30.87 22.25 20.33
N LEU E 305 31.58 22.46 19.21
CA LEU E 305 31.31 21.69 18.01
C LEU E 305 31.54 20.20 18.25
N LEU E 306 32.67 19.86 18.88
CA LEU E 306 32.92 18.46 19.21
C LEU E 306 31.84 17.90 20.14
N LEU E 307 31.17 18.78 20.90
CA LEU E 307 30.05 18.39 21.75
C LEU E 307 28.70 18.51 21.03
N ARG E 308 28.69 18.46 19.70
CA ARG E 308 27.45 18.39 18.92
C ARG E 308 26.69 19.72 18.88
N SER E 309 27.41 20.83 18.96
CA SER E 309 26.76 22.14 18.83
C SER E 309 26.37 22.36 17.37
N THR E 310 25.19 22.93 17.16
CA THR E 310 24.74 23.21 15.80
C THR E 310 25.12 24.60 15.32
N ARG E 311 25.20 25.58 16.23
CA ARG E 311 25.62 26.92 15.82
C ARG E 311 27.12 27.02 15.58
N ALA E 312 27.93 26.34 16.42
CA ALA E 312 29.38 26.50 16.33
C ALA E 312 29.95 26.09 14.98
N ARG E 313 29.27 25.25 14.21
CA ARG E 313 29.82 24.81 12.93
C ARG E 313 30.21 25.99 12.05
N ASN E 314 29.41 27.06 12.07
CA ASN E 314 29.59 28.17 11.16
C ASN E 314 30.28 29.36 11.82
N ALA E 315 30.90 29.16 12.98
CA ALA E 315 31.66 30.21 13.62
C ALA E 315 32.97 30.45 12.86
N ARG E 316 33.35 31.72 12.74
CA ARG E 316 34.56 32.06 11.99
C ARG E 316 35.81 31.57 12.70
N GLN E 317 36.81 31.18 11.89
CA GLN E 317 38.09 30.75 12.41
C GLN E 317 39.04 31.94 12.41
N PRO E 318 39.44 32.45 13.57
CA PRO E 318 40.32 33.61 13.61
C PRO E 318 41.72 33.28 13.09
N ASP E 319 42.50 34.33 12.88
CA ASP E 319 43.87 34.22 12.41
C ASP E 319 44.84 34.54 13.55
N ASP E 320 46.10 34.12 13.36
CA ASP E 320 47.19 34.47 14.27
C ASP E 320 46.95 33.90 15.67
N ILE E 321 46.64 32.61 15.74
CA ILE E 321 46.47 31.91 17.02
C ILE E 321 47.11 30.54 16.93
N GLU E 322 47.31 29.93 18.09
CA GLU E 322 47.93 28.61 18.21
C GLU E 322 46.89 27.55 17.87
N TYR E 323 46.75 27.27 16.57
CA TYR E 323 45.76 26.30 16.14
C TYR E 323 46.01 24.93 16.76
N THR E 324 47.24 24.42 16.66
CA THR E 324 47.53 23.08 17.14
C THR E 324 47.29 22.97 18.64
N SER E 325 47.85 23.90 19.42
CA SER E 325 47.74 23.82 20.88
C SER E 325 46.29 23.99 21.33
N LEU E 326 45.61 25.01 20.80
CA LEU E 326 44.20 25.22 21.13
C LEU E 326 43.35 24.03 20.74
N THR E 327 43.62 23.40 19.60
CA THR E 327 42.82 22.26 19.18
C THR E 327 43.09 21.04 20.06
N THR E 328 44.34 20.82 20.46
CA THR E 328 44.62 19.70 21.37
C THR E 328 43.93 19.92 22.71
N ALA E 329 43.98 21.15 23.23
CA ALA E 329 43.30 21.45 24.49
C ALA E 329 41.79 21.25 24.37
N GLY E 330 41.20 21.80 23.31
CA GLY E 330 39.78 21.61 23.10
C GLY E 330 39.40 20.16 22.91
N LEU E 331 40.25 19.39 22.24
CA LEU E 331 40.00 17.97 22.06
C LEU E 331 39.98 17.27 23.41
N LEU E 332 40.96 17.56 24.26
CA LEU E 332 40.98 16.95 25.59
C LEU E 332 39.72 17.31 26.37
N TYR E 333 39.37 18.60 26.38
CA TYR E 333 38.19 19.05 27.12
C TYR E 333 36.91 18.38 26.60
N ALA E 334 36.70 18.42 25.28
CA ALA E 334 35.50 17.86 24.70
C ALA E 334 35.43 16.36 24.90
N TYR E 335 36.56 15.66 24.76
CA TYR E 335 36.56 14.22 24.98
C TYR E 335 36.23 13.88 26.43
N ALA E 336 36.77 14.66 27.37
CA ALA E 336 36.45 14.44 28.78
C ALA E 336 34.95 14.62 29.02
N VAL E 337 34.39 15.70 28.50
CA VAL E 337 32.97 15.98 28.75
C VAL E 337 32.08 14.94 28.07
N GLY E 338 32.38 14.61 26.81
CA GLY E 338 31.55 13.72 26.02
C GLY E 338 31.74 12.24 26.25
N SER E 339 32.79 11.82 26.93
CA SER E 339 32.97 10.42 27.27
C SER E 339 32.51 10.08 28.68
N SER E 340 32.56 11.05 29.59
CA SER E 340 32.11 10.87 30.97
C SER E 340 30.74 11.55 31.08
N ALA E 341 29.69 10.79 30.79
CA ALA E 341 28.35 11.32 30.92
C ALA E 341 28.01 11.55 32.39
N ASP E 342 27.23 12.60 32.65
CA ASP E 342 26.77 12.88 34.01
C ASP E 342 26.02 11.68 34.55
N LEU E 343 24.79 11.47 34.07
CA LEU E 343 24.05 10.24 34.33
C LEU E 343 24.00 9.89 35.82
N ALA E 344 22.94 10.32 36.50
CA ALA E 344 22.72 9.97 37.89
C ALA E 344 21.21 9.97 38.15
N GLN E 345 20.75 9.00 38.93
CA GLN E 345 19.33 8.90 39.23
C GLN E 345 18.86 10.13 39.99
N GLN E 346 17.70 10.64 39.58
CA GLN E 346 17.12 11.86 40.15
C GLN E 346 15.89 11.60 41.02
N PHE E 347 15.00 10.70 40.59
CA PHE E 347 13.78 10.40 41.32
C PHE E 347 13.73 8.91 41.65
N CYS E 348 12.92 8.56 42.64
CA CYS E 348 12.83 7.19 43.12
C CYS E 348 11.49 6.97 43.79
N VAL E 349 11.27 5.73 44.22
CA VAL E 349 10.09 5.36 45.01
C VAL E 349 10.60 4.70 46.28
N GLY E 350 11.56 5.32 46.93
CA GLY E 350 12.25 4.70 48.05
C GLY E 350 13.32 3.71 47.63
N ASP E 351 13.66 3.67 46.35
CA ASP E 351 14.60 2.70 45.79
C ASP E 351 15.60 3.48 44.93
N ASN E 352 16.74 3.80 45.51
CA ASN E 352 17.79 4.59 44.88
C ASN E 352 18.86 3.67 44.31
N LYS E 353 19.80 4.26 43.58
CA LYS E 353 20.93 3.53 43.05
C LYS E 353 22.16 3.88 43.88
N TYR E 354 22.72 2.85 44.53
CA TYR E 354 23.95 3.01 45.27
C TYR E 354 25.15 2.84 44.35
N THR E 355 26.04 3.83 44.36
CA THR E 355 27.22 3.85 43.50
C THR E 355 28.43 3.57 44.38
N PRO E 356 28.67 2.33 44.77
CA PRO E 356 29.84 2.04 45.61
C PRO E 356 31.11 1.81 44.80
N ASP E 357 31.37 0.56 44.42
CA ASP E 357 32.57 0.23 43.67
C ASP E 357 33.83 0.53 44.49
N LEU E 363 40.47 -1.80 35.15
CA LEU E 363 41.38 -1.03 34.31
C LEU E 363 42.09 0.03 35.15
N THR E 364 42.77 -0.42 36.21
CA THR E 364 43.40 0.52 37.13
C THR E 364 44.60 1.22 36.52
N THR E 365 45.27 0.59 35.55
CA THR E 365 46.42 1.23 34.91
C THR E 365 45.96 2.34 33.98
N ASN E 366 46.31 2.23 32.70
CA ASN E 366 45.94 3.27 31.73
C ASN E 366 44.49 3.09 31.32
N ALA E 367 43.69 4.12 31.53
CA ALA E 367 42.27 4.15 31.18
C ALA E 367 41.69 5.51 31.55
N PRO E 368 40.78 6.06 30.75
CA PRO E 368 40.29 7.42 31.00
C PRO E 368 39.61 7.52 32.35
N PRO E 369 39.79 8.63 33.05
CA PRO E 369 39.18 8.77 34.38
C PRO E 369 37.66 8.77 34.29
N GLN E 370 37.02 8.65 35.46
CA GLN E 370 35.57 8.54 35.49
C GLN E 370 34.91 9.89 35.19
N GLY E 371 35.22 10.92 35.97
CA GLY E 371 34.46 12.15 35.90
C GLY E 371 35.08 13.21 35.02
N ARG E 372 34.93 14.47 35.42
CA ARG E 372 35.32 15.61 34.59
C ARG E 372 36.18 16.61 35.37
N ASP E 373 37.11 16.12 36.19
CA ASP E 373 37.97 17.02 36.95
C ASP E 373 39.25 17.31 36.15
N VAL E 374 39.67 18.58 36.17
CA VAL E 374 40.78 19.01 35.32
C VAL E 374 42.07 18.31 35.73
N VAL E 375 42.31 18.17 37.04
CA VAL E 375 43.57 17.61 37.51
C VAL E 375 43.70 16.15 37.08
N GLU E 376 42.65 15.37 37.26
CA GLU E 376 42.69 13.96 36.86
C GLU E 376 42.97 13.82 35.37
N TRP E 377 42.31 14.62 34.54
CA TRP E 377 42.50 14.50 33.10
C TRP E 377 43.88 15.00 32.66
N LEU E 378 44.42 16.03 33.32
CA LEU E 378 45.77 16.45 32.99
C LEU E 378 46.80 15.39 33.37
N GLY E 379 46.62 14.75 34.53
CA GLY E 379 47.51 13.65 34.88
C GLY E 379 47.39 12.48 33.92
N TRP E 380 46.17 12.16 33.51
CA TRP E 380 45.96 11.08 32.55
C TRP E 380 46.61 11.39 31.21
N PHE E 381 46.50 12.65 30.75
CA PHE E 381 47.12 13.04 29.50
C PHE E 381 48.65 13.02 29.61
N GLU E 382 49.19 13.41 30.77
CA GLU E 382 50.61 13.20 31.04
C GLU E 382 50.98 11.74 30.86
N ASP E 383 50.18 10.84 31.44
CA ASP E 383 50.45 9.42 31.30
C ASP E 383 50.41 8.97 29.84
N GLN E 384 49.80 9.75 28.96
CA GLN E 384 49.75 9.44 27.54
C GLN E 384 50.79 10.23 26.75
N ASN E 385 51.94 10.54 27.37
CA ASN E 385 52.98 11.40 26.82
C ASN E 385 52.38 12.57 26.04
N ARG E 386 51.32 13.16 26.59
CA ARG E 386 50.75 14.42 26.09
C ARG E 386 50.34 14.33 24.63
N LYS E 387 50.01 13.12 24.15
CA LYS E 387 49.58 12.93 22.78
C LYS E 387 48.22 12.25 22.75
N PRO E 388 47.29 12.72 21.93
CA PRO E 388 45.94 12.16 21.94
C PRO E 388 45.93 10.68 21.56
N THR E 389 45.13 9.92 22.30
CA THR E 389 45.03 8.48 22.09
C THR E 389 44.20 8.17 20.84
N PRO E 390 44.30 6.94 20.32
CA PRO E 390 43.42 6.56 19.21
C PRO E 390 41.94 6.67 19.54
N ASP E 391 41.54 6.41 20.78
CA ASP E 391 40.12 6.46 21.12
C ASP E 391 39.58 7.89 21.05
N MET E 392 40.31 8.87 21.58
CA MET E 392 39.85 10.25 21.50
C MET E 392 39.88 10.77 20.07
N MET E 393 40.88 10.35 19.29
CA MET E 393 40.91 10.74 17.89
C MET E 393 39.71 10.16 17.15
N GLN E 394 39.35 8.91 17.47
CA GLN E 394 38.15 8.31 16.90
C GLN E 394 36.89 9.02 17.37
N TYR E 395 36.89 9.51 18.62
CA TYR E 395 35.76 10.30 19.10
C TYR E 395 35.58 11.55 18.27
N ALA E 396 36.68 12.29 18.05
CA ALA E 396 36.60 13.49 17.22
C ALA E 396 36.16 13.15 15.80
N LYS E 397 36.68 12.06 15.24
CA LYS E 397 36.25 11.62 13.92
C LYS E 397 34.75 11.37 13.88
N ARG E 398 34.26 10.53 14.80
CA ARG E 398 32.82 10.27 14.87
C ARG E 398 32.02 11.56 14.99
N ALA E 399 32.57 12.55 15.71
CA ALA E 399 31.83 13.78 15.93
C ALA E 399 31.79 14.64 14.68
N VAL E 400 32.87 14.71 13.92
CA VAL E 400 32.95 15.64 12.81
C VAL E 400 32.45 15.05 11.50
N MET E 401 32.61 13.74 11.30
CA MET E 401 32.11 13.16 10.06
C MET E 401 30.60 13.35 9.97
N SER E 402 30.09 13.26 8.75
CA SER E 402 28.68 13.47 8.46
C SER E 402 28.23 14.90 8.74
N LEU E 403 29.16 15.86 8.74
CA LEU E 403 28.82 17.29 8.74
C LEU E 403 28.90 17.76 7.29
N GLN E 404 27.76 18.06 6.71
CA GLN E 404 27.69 18.50 5.33
C GLN E 404 27.63 20.02 5.22
N GLY E 405 27.99 20.51 4.04
CA GLY E 405 27.81 21.90 3.65
C GLY E 405 28.29 22.95 4.63
N LEU E 406 29.54 22.86 5.06
CA LEU E 406 30.13 23.88 5.93
C LEU E 406 30.96 24.83 5.09
N ARG E 407 30.83 26.13 5.38
CA ARG E 407 31.55 27.13 4.61
C ARG E 407 33.01 27.20 5.04
N GLU E 408 33.84 27.73 4.15
CA GLU E 408 35.28 27.83 4.41
C GLU E 408 35.58 28.97 5.38
N LYS E 409 36.71 28.85 6.08
CA LYS E 409 37.13 29.79 7.11
C LYS E 409 36.24 29.75 8.35
N THR E 410 35.46 28.68 8.49
CA THR E 410 34.70 28.41 9.70
C THR E 410 35.40 27.33 10.51
N ILE E 411 35.10 27.29 11.81
CA ILE E 411 35.69 26.26 12.64
C ILE E 411 35.09 24.88 12.33
N GLY E 412 33.90 24.83 11.74
CA GLY E 412 33.35 23.55 11.35
C GLY E 412 34.15 22.87 10.25
N LYS E 413 34.44 23.60 9.18
CA LYS E 413 35.28 23.03 8.13
C LYS E 413 36.68 22.72 8.66
N TYR E 414 37.21 23.59 9.52
CA TYR E 414 38.51 23.32 10.11
C TYR E 414 38.50 21.99 10.86
N ALA E 415 37.49 21.78 11.70
CA ALA E 415 37.42 20.55 12.48
C ALA E 415 37.24 19.33 11.60
N LYS E 416 36.38 19.43 10.57
CA LYS E 416 36.20 18.29 9.68
C LYS E 416 37.49 17.96 8.93
N SER E 417 38.20 18.98 8.46
CA SER E 417 39.48 18.76 7.80
C SER E 417 40.51 18.20 8.75
N GLU E 418 40.39 18.53 10.04
CA GLU E 418 41.37 18.11 11.03
C GLU E 418 41.18 16.65 11.46
N PHE E 419 39.93 16.24 11.70
CA PHE E 419 39.65 14.96 12.35
C PHE E 419 39.02 13.92 11.43
N ASP E 420 38.73 14.26 10.19
CA ASP E 420 38.13 13.32 9.25
C ASP E 420 39.19 12.93 8.23
N LYS E 421 39.62 11.67 8.28
CA LYS E 421 40.69 11.16 7.43
C LYS E 421 40.48 9.68 7.16
N SER F 1 -7.10 -49.35 -3.36
CA SER F 1 -7.43 -47.94 -3.17
C SER F 1 -8.90 -47.65 -3.45
N VAL F 2 -9.78 -48.53 -2.97
CA VAL F 2 -11.21 -48.39 -3.21
C VAL F 2 -11.87 -47.52 -2.16
N THR F 3 -11.65 -47.80 -0.87
CA THR F 3 -12.35 -47.11 0.21
C THR F 3 -11.44 -46.06 0.87
N VAL F 4 -11.94 -44.84 0.98
CA VAL F 4 -11.23 -43.75 1.65
C VAL F 4 -12.13 -43.19 2.74
N LYS F 5 -11.54 -42.95 3.92
CA LYS F 5 -12.30 -42.47 5.06
C LYS F 5 -11.57 -41.35 5.78
N ARG F 6 -12.31 -40.29 6.09
CA ARG F 6 -11.86 -39.25 7.01
C ARG F 6 -11.70 -39.85 8.40
N ILE F 7 -10.49 -39.70 8.96
CA ILE F 7 -10.12 -40.37 10.20
C ILE F 7 -10.54 -39.63 11.46
N ILE F 8 -10.75 -38.31 11.39
CA ILE F 8 -11.09 -37.57 12.60
C ILE F 8 -12.49 -37.93 13.06
N ASP F 9 -13.37 -38.31 12.14
CA ASP F 9 -14.72 -38.72 12.48
C ASP F 9 -15.08 -40.06 11.86
N ASN F 10 -14.15 -40.71 11.16
CA ASN F 10 -14.34 -42.08 10.70
C ASN F 10 -15.48 -42.16 9.67
N THR F 11 -15.52 -41.20 8.75
CA THR F 11 -16.59 -41.13 7.76
C THR F 11 -16.06 -41.51 6.39
N VAL F 12 -16.95 -41.89 5.49
CA VAL F 12 -16.56 -42.39 4.17
C VAL F 12 -16.65 -41.25 3.17
N ILE F 13 -15.56 -41.04 2.41
CA ILE F 13 -15.55 -40.08 1.32
C ILE F 13 -15.26 -40.83 0.03
N VAL F 14 -15.91 -40.42 -1.05
CA VAL F 14 -15.75 -41.05 -2.35
C VAL F 14 -15.18 -40.01 -3.31
N PRO F 15 -13.86 -39.99 -3.49
CA PRO F 15 -13.27 -39.02 -4.44
C PRO F 15 -13.65 -39.36 -5.86
N LYS F 16 -14.09 -38.35 -6.61
CA LYS F 16 -14.51 -38.53 -7.99
C LYS F 16 -14.37 -37.20 -8.72
N LEU F 17 -14.05 -37.29 -10.01
CA LEU F 17 -13.84 -36.14 -10.87
C LEU F 17 -14.61 -36.33 -12.17
N PRO F 18 -14.93 -35.24 -12.87
CA PRO F 18 -15.74 -35.35 -14.08
C PRO F 18 -15.18 -36.34 -15.09
N ALA F 19 -16.08 -37.01 -15.80
CA ALA F 19 -15.68 -38.00 -16.79
C ALA F 19 -15.22 -37.33 -18.08
N ASN F 20 -14.41 -38.05 -18.85
CA ASN F 20 -13.93 -37.56 -20.14
C ASN F 20 -13.81 -38.75 -21.08
N GLU F 21 -14.79 -38.91 -21.97
CA GLU F 21 -14.80 -40.02 -22.92
C GLU F 21 -14.00 -39.69 -24.18
N ASP F 22 -14.65 -39.02 -25.13
CA ASP F 22 -14.12 -38.68 -26.45
C ASP F 22 -13.09 -39.70 -26.90
N PRO F 23 -13.50 -40.95 -27.15
CA PRO F 23 -12.52 -41.97 -27.56
C PRO F 23 -11.95 -41.66 -28.92
N VAL F 24 -10.75 -42.18 -29.16
CA VAL F 24 -10.11 -41.96 -30.44
C VAL F 24 -10.77 -42.82 -31.51
N GLU F 25 -10.63 -42.39 -32.76
CA GLU F 25 -11.27 -43.06 -33.89
C GLU F 25 -10.19 -43.45 -34.89
N TYR F 26 -10.02 -44.74 -35.11
CA TYR F 26 -8.96 -45.23 -35.97
C TYR F 26 -9.43 -45.29 -37.42
N PRO F 27 -8.54 -45.01 -38.38
CA PRO F 27 -8.94 -45.12 -39.79
C PRO F 27 -9.43 -46.50 -40.17
N ALA F 28 -8.80 -47.55 -39.63
CA ALA F 28 -9.22 -48.91 -39.93
C ALA F 28 -10.64 -49.17 -39.44
N ASP F 29 -10.96 -48.71 -38.23
CA ASP F 29 -12.29 -48.88 -37.65
C ASP F 29 -13.34 -48.00 -38.29
N TYR F 30 -13.01 -47.43 -39.45
CA TYR F 30 -13.94 -46.68 -40.29
C TYR F 30 -14.39 -47.46 -41.52
N PHE F 31 -13.46 -48.17 -42.18
CA PHE F 31 -13.80 -49.00 -43.32
C PHE F 31 -14.52 -50.29 -42.92
N ARG F 32 -14.74 -50.53 -41.63
CA ARG F 32 -15.59 -51.65 -41.23
C ARG F 32 -17.06 -51.30 -41.43
N LYS F 33 -17.38 -50.02 -41.55
CA LYS F 33 -18.74 -49.55 -41.81
C LYS F 33 -18.98 -49.32 -43.30
N SER F 34 -18.20 -48.46 -43.93
CA SER F 34 -18.32 -48.16 -45.34
C SER F 34 -17.11 -48.65 -46.11
N LYS F 35 -17.30 -48.87 -47.41
CA LYS F 35 -16.26 -49.32 -48.32
C LYS F 35 -15.86 -48.24 -49.31
N GLU F 36 -16.29 -47.00 -49.08
CA GLU F 36 -16.03 -45.90 -50.00
C GLU F 36 -15.92 -44.62 -49.20
N ILE F 37 -15.24 -43.64 -49.77
CA ILE F 37 -15.15 -42.31 -49.17
C ILE F 37 -16.04 -41.39 -49.99
N PRO F 38 -17.14 -40.88 -49.43
CA PRO F 38 -18.03 -40.06 -50.26
C PRO F 38 -17.43 -38.68 -50.45
N LEU F 39 -17.25 -38.29 -51.70
CA LEU F 39 -16.78 -36.96 -52.05
C LEU F 39 -17.92 -36.33 -52.83
N TYR F 40 -18.63 -35.40 -52.19
CA TYR F 40 -19.80 -34.78 -52.78
C TYR F 40 -19.33 -33.61 -53.63
N ILE F 41 -19.37 -33.79 -54.94
CA ILE F 41 -19.03 -32.75 -55.90
C ILE F 41 -20.33 -32.11 -56.34
N ASN F 42 -20.38 -30.79 -56.22
CA ASN F 42 -21.60 -30.07 -56.48
C ASN F 42 -21.94 -30.14 -57.98
N THR F 43 -23.17 -29.72 -58.30
CA THR F 43 -23.65 -29.81 -59.67
C THR F 43 -22.60 -29.24 -60.62
N THR F 44 -22.44 -29.90 -61.77
CA THR F 44 -21.40 -29.55 -62.72
C THR F 44 -22.03 -28.95 -63.98
N LYS F 45 -21.91 -27.63 -64.12
CA LYS F 45 -22.40 -26.90 -65.28
C LYS F 45 -21.24 -26.16 -65.92
N SER F 46 -20.85 -26.57 -67.13
CA SER F 46 -19.94 -25.75 -67.92
C SER F 46 -18.54 -25.70 -67.32
N LEU F 47 -17.60 -26.46 -67.88
CA LEU F 47 -16.23 -26.43 -67.35
C LEU F 47 -15.56 -25.09 -67.64
N SER F 48 -15.78 -24.54 -68.83
CA SER F 48 -15.15 -23.27 -69.18
C SER F 48 -15.66 -22.12 -68.33
N ASP F 49 -16.97 -22.11 -68.03
CA ASP F 49 -17.55 -21.04 -67.22
C ASP F 49 -17.03 -21.05 -65.79
N LEU F 50 -16.74 -22.22 -65.24
CA LEU F 50 -16.23 -22.29 -63.87
C LEU F 50 -14.92 -21.54 -63.73
N ARG F 51 -14.07 -21.59 -64.77
CA ARG F 51 -12.82 -20.83 -64.76
C ARG F 51 -13.08 -19.36 -64.50
N GLY F 52 -13.98 -18.75 -65.29
CA GLY F 52 -14.30 -17.35 -65.10
C GLY F 52 -14.97 -17.09 -63.76
N TYR F 53 -15.86 -18.00 -63.34
CA TYR F 53 -16.46 -17.88 -62.02
C TYR F 53 -15.41 -17.68 -60.95
N VAL F 54 -14.45 -18.61 -60.87
CA VAL F 54 -13.46 -18.57 -59.81
C VAL F 54 -12.51 -17.39 -60.00
N TYR F 55 -12.16 -17.08 -61.25
CA TYR F 55 -11.27 -15.96 -61.51
C TYR F 55 -11.87 -14.66 -60.99
N GLN F 56 -13.14 -14.41 -61.32
CA GLN F 56 -13.79 -13.18 -60.87
C GLN F 56 -14.04 -13.21 -59.36
N GLY F 57 -14.34 -14.39 -58.81
CA GLY F 57 -14.59 -14.48 -57.38
C GLY F 57 -13.36 -14.25 -56.53
N LEU F 58 -12.18 -14.64 -57.03
CA LEU F 58 -10.97 -14.47 -56.24
C LEU F 58 -10.57 -13.01 -56.14
N LYS F 59 -10.70 -12.26 -57.23
CA LYS F 59 -10.42 -10.82 -57.27
C LYS F 59 -11.48 -9.97 -56.55
N SER F 60 -12.40 -10.54 -55.76
CA SER F 60 -13.44 -9.76 -55.10
C SER F 60 -13.44 -9.96 -53.59
N GLY F 61 -13.48 -11.19 -53.10
CA GLY F 61 -13.49 -11.41 -51.67
C GLY F 61 -14.48 -12.44 -51.17
N ASN F 62 -15.59 -12.61 -51.89
CA ASN F 62 -16.63 -13.54 -51.43
C ASN F 62 -16.90 -14.59 -52.50
N VAL F 63 -15.88 -15.40 -52.79
CA VAL F 63 -15.98 -16.46 -53.79
C VAL F 63 -16.53 -17.71 -53.12
N SER F 64 -17.49 -18.36 -53.77
CA SER F 64 -18.12 -19.54 -53.19
C SER F 64 -17.17 -20.74 -53.21
N ILE F 65 -17.22 -21.53 -52.14
CA ILE F 65 -16.44 -22.76 -52.06
C ILE F 65 -16.99 -23.81 -53.01
N ILE F 66 -18.30 -23.80 -53.24
CA ILE F 66 -18.93 -24.74 -54.16
C ILE F 66 -18.33 -24.61 -55.56
N HIS F 67 -18.15 -23.37 -56.02
CA HIS F 67 -17.61 -23.15 -57.35
C HIS F 67 -16.20 -23.70 -57.47
N VAL F 68 -15.35 -23.45 -56.47
CA VAL F 68 -13.97 -23.91 -56.56
C VAL F 68 -13.91 -25.43 -56.45
N ASN F 69 -14.81 -26.05 -55.69
CA ASN F 69 -14.82 -27.50 -55.64
C ASN F 69 -15.12 -28.08 -57.02
N SER F 70 -16.17 -27.55 -57.66
CA SER F 70 -16.52 -28.01 -59.00
C SER F 70 -15.39 -27.74 -59.99
N TYR F 71 -14.78 -26.56 -59.91
CA TYR F 71 -13.71 -26.21 -60.84
C TYR F 71 -12.49 -27.11 -60.67
N LEU F 72 -12.11 -27.41 -59.43
CA LEU F 72 -10.99 -28.31 -59.22
C LEU F 72 -11.28 -29.67 -59.84
N TYR F 73 -12.50 -30.19 -59.66
CA TYR F 73 -12.82 -31.44 -60.34
C TYR F 73 -12.68 -31.28 -61.85
N GLY F 74 -13.20 -30.18 -62.40
CA GLY F 74 -13.19 -30.01 -63.85
C GLY F 74 -11.79 -29.93 -64.44
N ALA F 75 -10.90 -29.18 -63.79
CA ALA F 75 -9.55 -28.99 -64.32
C ALA F 75 -8.68 -30.21 -64.10
N LEU F 76 -8.93 -30.97 -63.04
CA LEU F 76 -8.15 -32.17 -62.71
C LEU F 76 -8.86 -33.44 -63.15
N LYS F 77 -9.42 -33.46 -64.37
CA LYS F 77 -9.96 -34.67 -64.95
C LYS F 77 -8.89 -35.45 -65.72
N ASP F 78 -7.62 -35.20 -65.41
CA ASP F 78 -6.51 -35.93 -66.02
C ASP F 78 -6.49 -37.37 -65.50
N ILE F 79 -6.77 -38.31 -66.39
CA ILE F 79 -6.78 -39.73 -66.04
C ILE F 79 -5.36 -40.27 -66.26
N ARG F 80 -4.38 -39.39 -66.06
CA ARG F 80 -2.97 -39.72 -66.25
C ARG F 80 -2.46 -40.53 -65.06
N GLY F 81 -1.97 -41.74 -65.32
CA GLY F 81 -1.33 -42.49 -64.26
C GLY F 81 -1.31 -43.99 -64.44
N LYS F 82 -0.30 -44.52 -65.13
CA LYS F 82 -0.14 -45.96 -65.28
C LYS F 82 0.47 -46.53 -64.01
N LEU F 83 -0.27 -47.42 -63.35
CA LEU F 83 0.19 -47.99 -62.09
C LEU F 83 1.36 -48.93 -62.32
N ASP F 84 2.40 -48.78 -61.50
CA ASP F 84 3.60 -49.60 -61.63
C ASP F 84 3.36 -51.01 -61.07
N LYS F 85 2.86 -51.10 -59.84
CA LYS F 85 2.56 -52.38 -59.22
C LYS F 85 1.08 -52.45 -58.85
N ASP F 86 0.79 -52.81 -57.61
CA ASP F 86 -0.57 -52.86 -57.11
C ASP F 86 -0.81 -51.73 -56.12
N TRP F 87 -2.07 -51.35 -55.98
CA TRP F 87 -2.46 -50.29 -55.04
C TRP F 87 -3.73 -50.74 -54.33
N SER F 88 -3.60 -51.12 -53.06
CA SER F 88 -4.72 -51.54 -52.25
C SER F 88 -4.48 -51.05 -50.83
N SER F 89 -5.54 -50.55 -50.19
CA SER F 89 -5.44 -50.02 -48.85
C SER F 89 -6.76 -50.23 -48.11
N PHE F 90 -6.66 -50.70 -46.87
CA PHE F 90 -7.83 -50.90 -46.02
C PHE F 90 -8.89 -51.76 -46.70
N GLY F 91 -8.43 -52.74 -47.47
CA GLY F 91 -9.31 -53.66 -48.17
C GLY F 91 -9.81 -53.16 -49.52
N ILE F 92 -9.86 -51.85 -49.72
CA ILE F 92 -10.33 -51.30 -50.98
C ILE F 92 -9.23 -51.47 -52.03
N ASN F 93 -9.55 -52.17 -53.12
CA ASN F 93 -8.63 -52.36 -54.23
C ASN F 93 -8.94 -51.31 -55.30
N ILE F 94 -8.05 -50.34 -55.46
CA ILE F 94 -8.26 -49.27 -56.45
C ILE F 94 -7.22 -49.37 -57.55
N GLY F 95 -7.21 -50.50 -58.27
CA GLY F 95 -6.30 -50.67 -59.38
C GLY F 95 -5.27 -51.76 -59.17
N LYS F 96 -5.00 -52.51 -60.23
CA LYS F 96 -4.02 -53.59 -60.22
C LYS F 96 -3.11 -53.45 -61.43
N ALA F 97 -2.03 -54.23 -61.44
CA ALA F 97 -1.15 -54.37 -62.59
C ALA F 97 -0.90 -53.04 -63.31
N GLY F 98 -1.31 -52.97 -64.58
CA GLY F 98 -1.10 -51.78 -65.39
C GLY F 98 -2.35 -51.01 -65.76
N ASP F 99 -3.12 -50.60 -64.77
CA ASP F 99 -4.36 -49.89 -65.01
C ASP F 99 -4.09 -48.45 -65.42
N THR F 100 -5.01 -47.88 -66.20
CA THR F 100 -4.95 -46.47 -66.57
C THR F 100 -5.98 -45.71 -65.75
N ILE F 101 -5.72 -45.64 -64.45
CA ILE F 101 -6.60 -45.01 -63.48
C ILE F 101 -6.28 -43.52 -63.35
N GLY F 102 -7.14 -42.79 -62.65
CA GLY F 102 -6.98 -41.36 -62.47
C GLY F 102 -6.93 -40.90 -61.02
N ILE F 103 -6.94 -39.59 -60.83
CA ILE F 103 -6.83 -39.01 -59.49
C ILE F 103 -8.08 -39.25 -58.66
N PHE F 104 -9.26 -39.20 -59.28
CA PHE F 104 -10.53 -39.29 -58.56
C PHE F 104 -11.16 -40.68 -58.57
N ASP F 105 -10.34 -41.73 -58.57
CA ASP F 105 -10.87 -43.07 -58.34
C ASP F 105 -11.17 -43.28 -56.86
N LEU F 106 -11.58 -42.22 -56.16
CA LEU F 106 -11.94 -42.28 -54.74
C LEU F 106 -13.42 -42.03 -54.52
N VAL F 107 -14.26 -42.52 -55.43
CA VAL F 107 -15.71 -42.38 -55.37
C VAL F 107 -16.12 -40.92 -55.42
N SER F 108 -17.06 -40.61 -56.31
CA SER F 108 -17.60 -39.26 -56.46
C SER F 108 -19.11 -39.32 -56.50
N LEU F 109 -19.77 -38.33 -55.90
CA LEU F 109 -21.23 -38.26 -55.93
C LEU F 109 -21.62 -36.81 -56.18
N LYS F 110 -22.89 -36.57 -56.43
CA LYS F 110 -23.37 -35.26 -56.85
C LYS F 110 -24.18 -34.65 -55.72
N ALA F 111 -23.91 -33.38 -55.41
CA ALA F 111 -24.53 -32.74 -54.27
C ALA F 111 -25.57 -31.70 -54.68
N LEU F 112 -26.59 -31.57 -53.82
CA LEU F 112 -27.65 -30.57 -53.83
C LEU F 112 -27.95 -29.93 -55.18
N ASP F 113 -28.34 -28.65 -55.15
CA ASP F 113 -28.97 -27.97 -56.28
C ASP F 113 -28.56 -26.51 -56.43
N GLY F 114 -28.26 -25.79 -55.35
CA GLY F 114 -28.12 -24.35 -55.43
C GLY F 114 -26.76 -23.88 -55.89
N VAL F 115 -26.76 -22.93 -56.83
CA VAL F 115 -25.57 -22.24 -57.28
C VAL F 115 -25.94 -20.77 -57.34
N LEU F 116 -24.93 -19.91 -57.37
CA LEU F 116 -25.23 -18.49 -57.16
C LEU F 116 -25.44 -17.73 -58.46
N PRO F 117 -24.40 -17.46 -59.24
CA PRO F 117 -24.50 -16.48 -60.34
C PRO F 117 -25.11 -17.10 -61.60
N ASP F 118 -25.28 -16.24 -62.60
CA ASP F 118 -25.87 -16.62 -63.89
C ASP F 118 -24.84 -17.31 -64.79
N GLY F 119 -25.18 -18.51 -65.24
CA GLY F 119 -24.49 -19.21 -66.31
C GLY F 119 -23.17 -18.67 -66.80
N VAL F 120 -23.17 -17.96 -67.92
CA VAL F 120 -21.93 -17.48 -68.53
C VAL F 120 -21.43 -16.27 -67.76
N SER F 121 -20.23 -16.40 -67.19
CA SER F 121 -19.65 -15.31 -66.40
C SER F 121 -18.84 -14.40 -67.30
N ASP F 122 -17.51 -14.45 -67.16
CA ASP F 122 -16.60 -13.68 -68.00
C ASP F 122 -15.74 -14.63 -68.82
N ALA F 123 -15.93 -14.63 -70.13
CA ALA F 123 -15.06 -15.38 -71.04
C ALA F 123 -13.73 -14.67 -71.26
N SER F 124 -13.20 -14.03 -70.21
CA SER F 124 -11.98 -13.24 -70.33
C SER F 124 -10.74 -14.11 -70.29
N ARG F 125 -10.69 -15.06 -69.36
CA ARG F 125 -9.51 -15.90 -69.20
C ARG F 125 -9.52 -17.02 -70.23
N THR F 126 -8.32 -17.48 -70.58
CA THR F 126 -8.10 -18.49 -71.59
C THR F 126 -7.65 -19.77 -70.87
N SER F 127 -6.97 -20.65 -71.60
CA SER F 127 -6.61 -21.95 -71.06
C SER F 127 -5.59 -21.86 -69.94
N ALA F 128 -5.72 -20.86 -69.07
CA ALA F 128 -4.84 -20.79 -67.90
C ALA F 128 -5.11 -21.93 -66.92
N ASP F 129 -6.00 -22.86 -67.27
CA ASP F 129 -6.32 -23.95 -66.38
C ASP F 129 -5.26 -25.04 -66.48
N ASP F 130 -5.12 -25.83 -65.41
CA ASP F 130 -4.16 -26.91 -65.32
C ASP F 130 -2.71 -26.43 -65.39
N LYS F 131 -2.50 -25.13 -65.48
CA LYS F 131 -1.15 -24.56 -65.41
C LYS F 131 -0.84 -23.94 -64.06
N TRP F 132 -1.77 -23.16 -63.48
CA TRP F 132 -1.47 -22.49 -62.23
C TRP F 132 -2.70 -22.46 -61.32
N LEU F 133 -3.89 -22.28 -61.90
CA LEU F 133 -5.10 -22.10 -61.10
C LEU F 133 -5.31 -23.21 -60.09
N PRO F 134 -5.25 -24.49 -60.45
CA PRO F 134 -5.38 -25.55 -59.42
C PRO F 134 -4.29 -25.46 -58.37
N LEU F 135 -3.06 -25.14 -58.79
CA LEU F 135 -1.98 -24.96 -57.84
C LEU F 135 -2.31 -23.86 -56.83
N TYR F 136 -2.86 -22.74 -57.31
CA TYR F 136 -3.24 -21.65 -56.43
C TYR F 136 -4.32 -22.09 -55.45
N LEU F 137 -5.39 -22.72 -55.97
CA LEU F 137 -6.49 -23.16 -55.12
C LEU F 137 -6.00 -24.14 -54.05
N LEU F 138 -5.06 -25.00 -54.40
CA LEU F 138 -4.59 -26.00 -53.44
C LEU F 138 -3.62 -25.39 -52.43
N GLY F 139 -2.77 -24.45 -52.84
CA GLY F 139 -1.85 -23.83 -51.89
C GLY F 139 -2.53 -22.93 -50.89
N LEU F 140 -3.67 -22.33 -51.27
CA LEU F 140 -4.38 -21.51 -50.30
C LEU F 140 -4.83 -22.32 -49.09
N TYR F 141 -4.94 -23.64 -49.23
CA TYR F 141 -5.25 -24.50 -48.08
C TYR F 141 -4.10 -24.47 -47.08
N ARG F 142 -2.87 -24.67 -47.55
CA ARG F 142 -1.72 -24.63 -46.66
C ARG F 142 -1.53 -23.26 -46.04
N VAL F 143 -1.85 -22.19 -46.77
CA VAL F 143 -1.72 -20.87 -46.16
C VAL F 143 -2.78 -20.66 -45.07
N GLY F 144 -3.93 -21.32 -45.17
CA GLY F 144 -5.01 -21.19 -44.22
C GLY F 144 -4.75 -21.85 -42.87
N ARG F 145 -3.66 -22.62 -42.77
CA ARG F 145 -3.35 -23.37 -41.56
C ARG F 145 -2.90 -22.46 -40.43
N THR F 146 -1.78 -21.77 -40.61
CA THR F 146 -1.17 -20.96 -39.55
C THR F 146 -2.07 -19.85 -39.04
N GLN F 147 -1.58 -19.15 -38.01
CA GLN F 147 -2.26 -18.02 -37.39
C GLN F 147 -1.31 -16.86 -37.11
N MET F 148 -0.01 -17.09 -37.09
CA MET F 148 1.03 -16.09 -36.86
C MET F 148 1.50 -15.48 -38.17
N PRO F 149 2.25 -14.37 -38.11
CA PRO F 149 2.66 -13.68 -39.34
C PRO F 149 3.47 -14.52 -40.32
N GLU F 150 3.41 -15.84 -40.21
CA GLU F 150 3.99 -16.72 -41.23
C GLU F 150 3.16 -16.74 -42.51
N TYR F 151 1.91 -16.27 -42.46
CA TYR F 151 1.01 -16.40 -43.60
C TYR F 151 1.56 -15.71 -44.84
N ARG F 152 2.06 -14.49 -44.70
CA ARG F 152 2.62 -13.79 -45.84
C ARG F 152 4.03 -14.28 -46.18
N LYS F 153 4.65 -15.05 -45.28
CA LYS F 153 5.90 -15.74 -45.57
C LYS F 153 5.65 -17.04 -46.32
N LYS F 154 4.43 -17.56 -46.28
CA LYS F 154 4.03 -18.72 -47.08
C LYS F 154 3.30 -18.34 -48.36
N LEU F 155 2.81 -17.11 -48.46
CA LEU F 155 2.19 -16.67 -49.72
C LEU F 155 3.22 -16.43 -50.80
N MET F 156 4.46 -16.12 -50.42
CA MET F 156 5.53 -16.05 -51.42
C MET F 156 5.77 -17.40 -52.08
N ASP F 157 5.71 -18.49 -51.32
CA ASP F 157 5.88 -19.81 -51.91
C ASP F 157 4.91 -20.01 -53.07
N GLY F 158 3.63 -19.72 -52.84
CA GLY F 158 2.62 -19.82 -53.87
C GLY F 158 2.85 -18.88 -55.02
N LEU F 159 2.97 -17.58 -54.70
CA LEU F 159 3.08 -16.56 -55.73
C LEU F 159 4.31 -16.78 -56.61
N THR F 160 5.41 -17.27 -56.04
CA THR F 160 6.63 -17.51 -56.81
C THR F 160 6.62 -18.85 -57.54
N ASN F 161 5.91 -19.85 -57.03
CA ASN F 161 5.94 -21.16 -57.67
C ASN F 161 4.94 -21.32 -58.81
N GLN F 162 3.88 -20.52 -58.84
CA GLN F 162 2.90 -20.56 -59.93
C GLN F 162 3.31 -19.73 -61.13
N CYS F 163 4.54 -19.21 -61.16
CA CYS F 163 4.98 -18.37 -62.27
C CYS F 163 5.62 -19.21 -63.37
N LYS F 164 4.79 -20.05 -63.99
CA LYS F 164 5.21 -20.84 -65.15
C LYS F 164 5.08 -19.96 -66.40
N MET F 165 6.01 -19.01 -66.52
CA MET F 165 6.00 -18.08 -67.63
C MET F 165 4.76 -17.17 -67.62
N ILE F 166 4.23 -16.85 -66.43
CA ILE F 166 2.96 -16.15 -66.30
C ILE F 166 3.12 -14.82 -65.56
N ASN F 167 3.71 -14.84 -64.37
CA ASN F 167 3.98 -13.61 -63.63
C ASN F 167 2.73 -12.82 -63.25
N GLU F 168 2.31 -12.91 -61.98
CA GLU F 168 1.23 -12.07 -61.50
C GLU F 168 1.68 -11.24 -60.30
N GLN F 169 0.73 -10.82 -59.46
CA GLN F 169 1.02 -9.95 -58.33
C GLN F 169 0.08 -10.21 -57.16
N PHE F 170 -0.34 -9.16 -56.48
CA PHE F 170 -1.26 -9.29 -55.35
C PHE F 170 -2.65 -9.58 -55.88
N GLU F 171 -3.25 -10.66 -55.39
CA GLU F 171 -4.51 -11.13 -55.95
C GLU F 171 -5.66 -11.15 -54.95
N PRO F 172 -5.43 -11.50 -53.67
CA PRO F 172 -6.54 -11.51 -52.70
C PRO F 172 -6.95 -10.10 -52.30
N LEU F 173 -7.39 -9.92 -51.06
CA LEU F 173 -7.92 -8.64 -50.61
C LEU F 173 -7.17 -8.05 -49.42
N VAL F 174 -6.69 -8.87 -48.50
CA VAL F 174 -6.08 -8.42 -47.26
C VAL F 174 -5.34 -9.57 -46.61
N PRO F 175 -4.34 -9.30 -45.76
CA PRO F 175 -3.60 -10.40 -45.12
C PRO F 175 -4.54 -11.33 -44.38
N GLU F 176 -4.02 -12.52 -44.07
CA GLU F 176 -4.82 -13.60 -43.50
C GLU F 176 -5.45 -13.21 -42.17
N GLY F 177 -5.06 -13.91 -41.11
CA GLY F 177 -5.69 -13.77 -39.82
C GLY F 177 -6.85 -14.71 -39.63
N ARG F 178 -6.89 -15.80 -40.41
CA ARG F 178 -8.01 -16.73 -40.39
C ARG F 178 -9.29 -15.97 -40.62
N ASP F 179 -9.57 -15.58 -41.87
CA ASP F 179 -10.76 -14.79 -42.11
C ASP F 179 -11.25 -14.94 -43.55
N ILE F 180 -10.32 -15.02 -44.50
CA ILE F 180 -10.65 -14.97 -45.93
C ILE F 180 -10.94 -16.36 -46.48
N PHE F 181 -9.88 -17.06 -46.89
CA PHE F 181 -9.98 -18.40 -47.45
C PHE F 181 -9.93 -19.49 -46.38
N ASP F 182 -9.76 -19.12 -45.12
CA ASP F 182 -9.73 -20.09 -44.04
C ASP F 182 -11.07 -20.78 -43.83
N VAL F 183 -12.11 -20.36 -44.58
CA VAL F 183 -13.36 -21.09 -44.54
C VAL F 183 -13.19 -22.45 -45.21
N TRP F 184 -12.29 -22.54 -46.18
CA TRP F 184 -12.13 -23.78 -46.93
C TRP F 184 -11.71 -24.93 -46.03
N GLY F 185 -11.04 -24.63 -44.91
CA GLY F 185 -10.66 -25.67 -43.98
C GLY F 185 -11.85 -26.42 -43.40
N ASN F 186 -12.97 -25.73 -43.18
CA ASN F 186 -14.14 -26.36 -42.60
C ASN F 186 -15.02 -27.04 -43.63
N ASP F 187 -14.61 -27.06 -44.89
CA ASP F 187 -15.38 -27.71 -45.95
C ASP F 187 -14.89 -29.14 -46.12
N SER F 188 -15.81 -30.10 -45.91
CA SER F 188 -15.44 -31.51 -46.00
C SER F 188 -14.94 -31.87 -47.39
N ASN F 189 -15.62 -31.39 -48.43
CA ASN F 189 -15.31 -31.80 -49.79
C ASN F 189 -13.99 -31.20 -50.26
N TYR F 190 -13.70 -29.94 -49.88
CA TYR F 190 -12.45 -29.32 -50.27
C TYR F 190 -11.25 -30.06 -49.69
N THR F 191 -11.30 -30.35 -48.38
CA THR F 191 -10.22 -31.11 -47.76
C THR F 191 -10.11 -32.51 -48.38
N LYS F 192 -11.24 -33.12 -48.74
CA LYS F 192 -11.16 -34.42 -49.40
C LYS F 192 -10.46 -34.30 -50.75
N ILE F 193 -10.73 -33.23 -51.49
CA ILE F 193 -10.05 -33.02 -52.77
C ILE F 193 -8.56 -32.86 -52.56
N VAL F 194 -8.17 -32.06 -51.56
CA VAL F 194 -6.75 -31.84 -51.29
C VAL F 194 -6.07 -33.15 -50.94
N ALA F 195 -6.72 -33.98 -50.12
CA ALA F 195 -6.12 -35.25 -49.72
C ALA F 195 -6.00 -36.19 -50.91
N ALA F 196 -7.00 -36.21 -51.78
CA ALA F 196 -6.92 -37.06 -52.96
C ALA F 196 -5.76 -36.63 -53.87
N VAL F 197 -5.60 -35.33 -54.07
CA VAL F 197 -4.50 -34.84 -54.90
C VAL F 197 -3.16 -35.23 -54.29
N ASP F 198 -3.02 -35.02 -52.97
CA ASP F 198 -1.75 -35.31 -52.31
C ASP F 198 -1.40 -36.80 -52.41
N MET F 199 -2.38 -37.67 -52.15
CA MET F 199 -2.12 -39.10 -52.24
C MET F 199 -1.77 -39.51 -53.66
N PHE F 200 -2.55 -39.03 -54.64
CA PHE F 200 -2.29 -39.39 -56.03
C PHE F 200 -0.87 -39.02 -56.44
N PHE F 201 -0.45 -37.79 -56.13
CA PHE F 201 0.90 -37.39 -56.52
C PHE F 201 1.97 -37.95 -55.58
N HIS F 202 1.60 -38.52 -54.44
CA HIS F 202 2.56 -39.31 -53.68
C HIS F 202 2.79 -40.65 -54.36
N MET F 203 1.78 -41.19 -55.03
CA MET F 203 2.01 -42.37 -55.87
C MET F 203 2.80 -42.01 -57.12
N PHE F 204 2.36 -40.99 -57.85
CA PHE F 204 3.00 -40.60 -59.10
C PHE F 204 3.83 -39.33 -58.88
N LYS F 205 4.95 -39.50 -58.20
CA LYS F 205 5.85 -38.37 -57.98
C LYS F 205 6.48 -37.91 -59.28
N LYS F 206 6.75 -38.85 -60.18
CA LYS F 206 7.39 -38.56 -61.47
C LYS F 206 6.35 -38.12 -62.49
N HIS F 207 5.51 -37.14 -62.12
CA HIS F 207 4.45 -36.64 -62.97
C HIS F 207 4.72 -35.18 -63.32
N GLU F 208 4.27 -34.77 -64.51
CA GLU F 208 4.55 -33.41 -64.97
C GLU F 208 4.10 -32.35 -63.98
N CYS F 209 2.86 -32.46 -63.49
CA CYS F 209 2.26 -31.45 -62.64
C CYS F 209 2.26 -31.83 -61.15
N ALA F 210 3.21 -32.67 -60.71
CA ALA F 210 3.25 -33.04 -59.30
C ALA F 210 3.46 -31.84 -58.37
N SER F 211 3.87 -30.70 -58.91
CA SER F 211 4.11 -29.51 -58.09
C SER F 211 2.87 -29.12 -57.29
N PHE F 212 1.68 -29.54 -57.73
CA PHE F 212 0.47 -29.24 -56.98
C PHE F 212 0.57 -29.68 -55.52
N ARG F 213 1.54 -30.52 -55.18
CA ARG F 213 1.70 -30.96 -53.80
C ARG F 213 2.04 -29.81 -52.87
N TYR F 214 2.64 -28.72 -53.37
CA TYR F 214 3.15 -27.66 -52.51
C TYR F 214 2.10 -27.01 -51.64
N GLY F 215 0.85 -27.47 -51.74
CA GLY F 215 -0.23 -26.93 -50.94
C GLY F 215 -0.99 -28.03 -50.24
N THR F 216 -0.98 -29.21 -50.85
CA THR F 216 -1.65 -30.38 -50.29
C THR F 216 -0.73 -31.23 -49.42
N ILE F 217 0.57 -30.96 -49.42
CA ILE F 217 1.50 -31.78 -48.63
C ILE F 217 1.21 -31.67 -47.15
N VAL F 218 0.60 -30.58 -46.70
CA VAL F 218 0.25 -30.43 -45.29
C VAL F 218 -0.90 -31.33 -44.88
N SER F 219 -1.52 -32.03 -45.84
CA SER F 219 -2.56 -32.99 -45.51
C SER F 219 -2.00 -34.34 -45.10
N ARG F 220 -0.80 -34.68 -45.58
CA ARG F 220 -0.20 -35.96 -45.23
C ARG F 220 0.16 -36.02 -43.76
N PHE F 221 -0.33 -37.06 -43.08
CA PHE F 221 -0.09 -37.24 -41.65
C PHE F 221 -0.54 -36.01 -40.86
N LYS F 222 -1.61 -35.38 -41.32
CA LYS F 222 -2.18 -34.23 -40.61
C LYS F 222 -2.59 -34.64 -39.21
N ASP F 223 -2.19 -33.82 -38.22
CA ASP F 223 -2.46 -34.08 -36.80
C ASP F 223 -2.06 -35.49 -36.39
N CYS F 224 -0.91 -35.94 -36.86
CA CYS F 224 -0.28 -37.20 -36.48
C CYS F 224 1.12 -36.93 -35.93
N ALA F 225 1.23 -35.85 -35.16
CA ALA F 225 2.53 -35.38 -34.70
C ALA F 225 3.24 -36.41 -33.81
N ALA F 226 2.47 -37.14 -32.99
CA ALA F 226 3.09 -38.10 -32.07
C ALA F 226 3.88 -39.16 -32.84
N LEU F 227 3.33 -39.67 -33.93
CA LEU F 227 4.07 -40.61 -34.76
C LEU F 227 5.35 -39.97 -35.29
N ALA F 228 5.27 -38.72 -35.71
CA ALA F 228 6.45 -38.02 -36.21
C ALA F 228 7.50 -37.87 -35.11
N THR F 229 7.05 -37.66 -33.87
CA THR F 229 7.98 -37.53 -32.76
C THR F 229 8.63 -38.88 -32.43
N PHE F 230 7.86 -39.97 -32.59
CA PHE F 230 8.44 -41.30 -32.41
C PHE F 230 9.55 -41.54 -33.44
N GLY F 231 9.25 -41.25 -34.71
CA GLY F 231 10.27 -41.38 -35.74
C GLY F 231 11.47 -40.48 -35.52
N HIS F 232 11.22 -39.23 -35.13
CA HIS F 232 12.30 -38.28 -34.87
C HIS F 232 13.17 -38.74 -33.71
N LEU F 233 12.56 -39.27 -32.65
CA LEU F 233 13.33 -39.79 -31.53
C LEU F 233 14.17 -40.98 -31.95
N CYS F 234 13.59 -41.87 -32.77
CA CYS F 234 14.38 -42.99 -33.29
C CYS F 234 15.57 -42.48 -34.10
N LYS F 235 15.37 -41.46 -34.92
CA LYS F 235 16.48 -40.91 -35.71
C LYS F 235 17.53 -40.26 -34.82
N ILE F 236 17.10 -39.58 -33.75
CA ILE F 236 18.02 -38.80 -32.94
C ILE F 236 18.84 -39.69 -32.03
N THR F 237 18.22 -40.74 -31.46
CA THR F 237 18.96 -41.68 -30.64
C THR F 237 19.67 -42.73 -31.48
N GLY F 238 19.28 -42.90 -32.74
CA GLY F 238 19.85 -43.94 -33.56
C GLY F 238 19.47 -45.35 -33.16
N MET F 239 18.56 -45.49 -32.20
CA MET F 239 18.15 -46.80 -31.74
C MET F 239 17.03 -47.34 -32.60
N SER F 240 16.83 -48.66 -32.51
CA SER F 240 15.72 -49.29 -33.21
C SER F 240 14.39 -48.90 -32.56
N THR F 241 13.30 -49.14 -33.29
CA THR F 241 11.98 -48.89 -32.72
C THR F 241 11.75 -49.72 -31.47
N GLU F 242 12.29 -50.95 -31.44
CA GLU F 242 12.10 -51.83 -30.29
C GLU F 242 12.87 -51.33 -29.08
N ASP F 243 14.12 -50.87 -29.28
CA ASP F 243 14.88 -50.33 -28.16
C ASP F 243 14.24 -49.06 -27.60
N VAL F 244 13.85 -48.14 -28.49
CA VAL F 244 13.16 -46.94 -28.05
C VAL F 244 11.90 -47.30 -27.29
N THR F 245 11.16 -48.30 -27.76
CA THR F 245 9.99 -48.77 -27.03
C THR F 245 10.37 -49.28 -25.64
N THR F 246 11.47 -50.04 -25.55
CA THR F 246 11.91 -50.58 -24.28
C THR F 246 12.35 -49.49 -23.31
N TRP F 247 12.74 -48.32 -23.82
CA TRP F 247 13.16 -47.23 -22.94
C TRP F 247 11.99 -46.41 -22.40
N ILE F 248 10.75 -46.77 -22.71
CA ILE F 248 9.62 -46.07 -22.11
C ILE F 248 9.51 -46.48 -20.64
N LEU F 249 9.43 -45.49 -19.75
CA LEU F 249 9.55 -45.73 -18.32
C LEU F 249 8.39 -45.18 -17.51
N ASN F 250 7.32 -44.69 -18.15
CA ASN F 250 6.16 -44.19 -17.45
C ASN F 250 4.91 -44.90 -17.92
N ARG F 251 4.01 -45.18 -16.97
CA ARG F 251 2.80 -45.94 -17.26
C ARG F 251 1.97 -45.28 -18.37
N GLU F 252 1.78 -43.96 -18.27
CA GLU F 252 0.92 -43.27 -19.22
C GLU F 252 1.56 -43.18 -20.60
N VAL F 253 2.89 -43.07 -20.65
CA VAL F 253 3.57 -43.09 -21.94
C VAL F 253 3.43 -44.47 -22.58
N ALA F 254 3.48 -45.53 -21.78
CA ALA F 254 3.26 -46.86 -22.31
C ALA F 254 1.83 -47.00 -22.83
N ASP F 255 0.85 -46.47 -22.11
CA ASP F 255 -0.53 -46.50 -22.58
C ASP F 255 -0.66 -45.79 -23.93
N GLU F 256 -0.08 -44.59 -24.03
CA GLU F 256 -0.18 -43.83 -25.28
C GLU F 256 0.54 -44.55 -26.42
N MET F 257 1.66 -45.20 -26.13
CA MET F 257 2.37 -45.96 -27.15
C MET F 257 1.52 -47.14 -27.63
N VAL F 258 0.93 -47.87 -26.69
CA VAL F 258 0.03 -48.96 -27.07
C VAL F 258 -1.11 -48.43 -27.94
N GLN F 259 -1.65 -47.27 -27.58
CA GLN F 259 -2.71 -46.67 -28.38
C GLN F 259 -2.24 -46.37 -29.79
N MET F 260 -1.02 -45.85 -29.93
CA MET F 260 -0.51 -45.47 -31.24
C MET F 260 -0.11 -46.68 -32.09
N MET F 261 0.28 -47.79 -31.47
CA MET F 261 0.80 -48.93 -32.21
C MET F 261 -0.23 -50.03 -32.41
N LEU F 262 -1.52 -49.71 -32.24
CA LEU F 262 -2.54 -50.72 -32.46
C LEU F 262 -2.42 -51.29 -33.88
N PRO F 263 -2.36 -52.61 -34.05
CA PRO F 263 -2.01 -53.16 -35.37
C PRO F 263 -3.12 -53.00 -36.38
N GLY F 264 -2.87 -53.44 -37.61
CA GLY F 264 -3.80 -53.28 -38.71
C GLY F 264 -4.26 -51.86 -38.96
N GLN F 265 -3.31 -50.93 -39.01
CA GLN F 265 -3.60 -49.52 -39.29
C GLN F 265 -2.81 -48.99 -40.48
N GLU F 266 -1.95 -49.81 -41.09
CA GLU F 266 -1.23 -49.46 -42.31
C GLU F 266 -0.45 -48.16 -42.16
N ILE F 267 0.05 -47.89 -40.95
CA ILE F 267 0.80 -46.66 -40.73
C ILE F 267 2.19 -46.73 -41.36
N ASP F 268 2.73 -47.94 -41.55
CA ASP F 268 4.02 -48.11 -42.18
C ASP F 268 3.92 -48.49 -43.66
N LYS F 269 2.70 -48.59 -44.19
CA LYS F 269 2.53 -48.92 -45.59
C LYS F 269 2.88 -47.71 -46.45
N ALA F 270 3.38 -47.98 -47.66
CA ALA F 270 3.89 -46.92 -48.52
C ALA F 270 2.78 -45.91 -48.86
N ASP F 271 1.73 -46.37 -49.51
CA ASP F 271 0.65 -45.52 -50.00
C ASP F 271 -0.66 -45.99 -49.41
N SER F 272 -1.03 -45.43 -48.26
CA SER F 272 -2.23 -45.82 -47.54
C SER F 272 -3.12 -44.59 -47.33
N TYR F 273 -4.36 -44.87 -46.92
CA TYR F 273 -5.28 -43.80 -46.55
C TYR F 273 -4.98 -43.20 -45.18
N MET F 274 -4.22 -43.92 -44.36
CA MET F 274 -3.97 -43.48 -42.98
C MET F 274 -3.43 -42.05 -42.90
N PRO F 275 -2.43 -41.64 -43.69
CA PRO F 275 -1.90 -40.29 -43.54
C PRO F 275 -2.93 -39.20 -43.77
N TYR F 276 -4.06 -39.51 -44.40
CA TYR F 276 -5.10 -38.53 -44.68
C TYR F 276 -6.38 -38.86 -43.92
N LEU F 277 -6.25 -39.47 -42.74
CA LEU F 277 -7.43 -39.90 -41.99
C LEU F 277 -8.32 -38.72 -41.61
N ILE F 278 -7.75 -37.52 -41.46
CA ILE F 278 -8.55 -36.36 -41.07
C ILE F 278 -9.22 -35.72 -42.29
N ASP F 279 -8.44 -35.37 -43.30
CA ASP F 279 -8.99 -34.64 -44.44
C ASP F 279 -9.92 -35.50 -45.27
N PHE F 280 -9.70 -36.82 -45.31
CA PHE F 280 -10.64 -37.73 -45.95
C PHE F 280 -11.86 -38.01 -45.08
N GLY F 281 -11.95 -37.40 -43.91
CA GLY F 281 -13.05 -37.67 -43.00
C GLY F 281 -13.10 -39.08 -42.47
N LEU F 282 -11.95 -39.76 -42.40
CA LEU F 282 -11.93 -41.10 -41.83
C LEU F 282 -12.03 -41.07 -40.32
N SER F 283 -11.51 -40.01 -39.68
CA SER F 283 -11.55 -39.89 -38.23
C SER F 283 -11.73 -38.44 -37.84
N SER F 284 -12.49 -38.21 -36.77
CA SER F 284 -12.66 -36.87 -36.19
C SER F 284 -11.75 -36.65 -34.98
N LYS F 285 -11.16 -37.71 -34.43
CA LYS F 285 -10.23 -37.64 -33.30
C LYS F 285 -9.10 -38.61 -33.57
N SER F 286 -7.96 -38.08 -33.96
CA SER F 286 -6.83 -38.92 -34.35
C SER F 286 -6.25 -39.63 -33.13
N PRO F 287 -6.11 -40.96 -33.16
CA PRO F 287 -5.39 -41.64 -32.08
C PRO F 287 -3.89 -41.40 -32.12
N TYR F 288 -3.37 -40.87 -33.23
CA TYR F 288 -1.95 -40.62 -33.41
C TYR F 288 -1.59 -39.16 -33.18
N SER F 289 -2.54 -38.33 -32.76
CA SER F 289 -2.26 -36.93 -32.54
C SER F 289 -1.43 -36.74 -31.26
N SER F 290 -0.80 -35.57 -31.16
CA SER F 290 -0.07 -35.22 -29.95
C SER F 290 -0.99 -34.72 -28.84
N VAL F 291 -2.19 -34.24 -29.18
CA VAL F 291 -3.13 -33.84 -28.16
C VAL F 291 -3.64 -35.04 -27.38
N LYS F 292 -3.77 -36.19 -28.03
CA LYS F 292 -4.20 -37.42 -27.38
C LYS F 292 -3.03 -38.24 -26.86
N ASN F 293 -1.80 -37.80 -27.11
CA ASN F 293 -0.59 -38.44 -26.58
C ASN F 293 0.29 -37.38 -25.96
N PRO F 294 -0.21 -36.68 -24.93
CA PRO F 294 0.54 -35.56 -24.36
C PRO F 294 1.80 -36.00 -23.66
N ALA F 295 1.67 -37.00 -22.78
CA ALA F 295 2.83 -37.50 -22.04
C ALA F 295 3.91 -37.99 -22.99
N PHE F 296 3.55 -38.85 -23.94
CA PHE F 296 4.53 -39.37 -24.89
C PHE F 296 5.18 -38.24 -25.68
N HIS F 297 4.38 -37.31 -26.20
CA HIS F 297 4.92 -36.18 -26.95
C HIS F 297 5.95 -35.43 -26.11
N PHE F 298 5.57 -35.02 -24.91
CA PHE F 298 6.47 -34.27 -24.05
C PHE F 298 7.76 -35.05 -23.79
N TRP F 299 7.62 -36.31 -23.36
CA TRP F 299 8.79 -37.13 -23.06
C TRP F 299 9.73 -37.24 -24.25
N GLY F 300 9.19 -37.65 -25.39
CA GLY F 300 10.03 -37.84 -26.56
C GLY F 300 10.70 -36.55 -27.02
N GLN F 301 9.92 -35.47 -27.11
CA GLN F 301 10.48 -34.21 -27.58
C GLN F 301 11.55 -33.69 -26.63
N LEU F 302 11.33 -33.84 -25.32
CA LEU F 302 12.34 -33.43 -24.35
C LEU F 302 13.63 -34.23 -24.52
N THR F 303 13.50 -35.57 -24.60
CA THR F 303 14.67 -36.40 -24.85
C THR F 303 15.41 -35.94 -26.10
N ALA F 304 14.66 -35.73 -27.18
CA ALA F 304 15.28 -35.23 -28.42
C ALA F 304 16.02 -33.93 -28.18
N LEU F 305 15.42 -33.01 -27.43
CA LEU F 305 16.07 -31.73 -27.16
C LEU F 305 17.39 -31.93 -26.43
N LEU F 306 17.38 -32.75 -25.38
CA LEU F 306 18.63 -33.03 -24.68
C LEU F 306 19.68 -33.65 -25.58
N LEU F 307 19.27 -34.29 -26.67
CA LEU F 307 20.19 -34.83 -27.66
C LEU F 307 20.49 -33.84 -28.78
N ARG F 308 20.32 -32.53 -28.52
CA ARG F 308 20.72 -31.46 -29.41
C ARG F 308 19.80 -31.31 -30.63
N SER F 309 18.53 -31.69 -30.49
CA SER F 309 17.59 -31.51 -31.59
C SER F 309 17.20 -30.06 -31.76
N THR F 310 17.11 -29.61 -33.02
CA THR F 310 16.65 -28.26 -33.35
C THR F 310 15.14 -28.20 -33.59
N ARG F 311 14.54 -29.30 -34.05
CA ARG F 311 13.10 -29.30 -34.25
C ARG F 311 12.37 -29.28 -32.91
N ALA F 312 12.85 -30.04 -31.94
CA ALA F 312 12.22 -30.09 -30.63
C ALA F 312 12.26 -28.76 -29.90
N ARG F 313 13.17 -27.85 -30.28
CA ARG F 313 13.33 -26.60 -29.53
C ARG F 313 12.01 -25.90 -29.31
N ASN F 314 11.16 -25.82 -30.33
CA ASN F 314 9.94 -25.03 -30.28
C ASN F 314 8.69 -25.89 -30.15
N ALA F 315 8.84 -27.14 -29.74
CA ALA F 315 7.67 -27.99 -29.55
C ALA F 315 6.87 -27.52 -28.34
N ARG F 316 5.56 -27.53 -28.48
CA ARG F 316 4.68 -27.03 -27.42
C ARG F 316 4.72 -27.93 -26.20
N GLN F 317 4.59 -27.31 -25.03
CA GLN F 317 4.54 -28.04 -23.77
C GLN F 317 3.09 -28.28 -23.41
N PRO F 318 2.61 -29.52 -23.44
CA PRO F 318 1.20 -29.79 -23.12
C PRO F 318 0.91 -29.53 -21.65
N ASP F 319 -0.38 -29.55 -21.33
CA ASP F 319 -0.84 -29.36 -19.96
C ASP F 319 -1.32 -30.69 -19.39
N ASP F 320 -1.40 -30.74 -18.06
CA ASP F 320 -2.01 -31.86 -17.36
C ASP F 320 -1.23 -33.17 -17.58
N ILE F 321 0.09 -33.11 -17.35
CA ILE F 321 0.94 -34.29 -17.42
C ILE F 321 1.96 -34.24 -16.28
N GLU F 322 2.58 -35.40 -16.03
CA GLU F 322 3.58 -35.54 -14.96
C GLU F 322 4.90 -34.95 -15.44
N TYR F 323 5.06 -33.64 -15.25
CA TYR F 323 6.28 -32.98 -15.69
C TYR F 323 7.51 -33.57 -15.01
N THR F 324 7.48 -33.70 -13.67
CA THR F 324 8.68 -34.13 -12.96
C THR F 324 9.10 -35.55 -13.38
N SER F 325 8.16 -36.48 -13.36
CA SER F 325 8.49 -37.87 -13.66
C SER F 325 8.92 -38.03 -15.12
N LEU F 326 8.15 -37.43 -16.04
CA LEU F 326 8.52 -37.51 -17.45
C LEU F 326 9.88 -36.89 -17.71
N THR F 327 10.19 -35.77 -17.06
CA THR F 327 11.47 -35.11 -17.30
C THR F 327 12.62 -35.89 -16.71
N THR F 328 12.45 -36.49 -15.54
CA THR F 328 13.52 -37.33 -14.99
C THR F 328 13.76 -38.55 -15.87
N ALA F 329 12.68 -39.16 -16.38
CA ALA F 329 12.83 -40.30 -17.28
C ALA F 329 13.55 -39.90 -18.57
N GLY F 330 13.11 -38.79 -19.18
CA GLY F 330 13.78 -38.31 -20.38
C GLY F 330 15.23 -37.96 -20.13
N LEU F 331 15.52 -37.39 -18.95
CA LEU F 331 16.90 -37.09 -18.59
C LEU F 331 17.73 -38.36 -18.54
N LEU F 332 17.20 -39.40 -17.89
CA LEU F 332 17.92 -40.68 -17.85
C LEU F 332 18.18 -41.22 -19.25
N TYR F 333 17.15 -41.22 -20.10
CA TYR F 333 17.29 -41.72 -21.46
C TYR F 333 18.33 -40.94 -22.24
N ALA F 334 18.21 -39.61 -22.24
CA ALA F 334 19.13 -38.76 -22.99
C ALA F 334 20.56 -38.88 -22.46
N TYR F 335 20.72 -38.96 -21.13
CA TYR F 335 22.05 -39.12 -20.56
C TYR F 335 22.67 -40.45 -20.97
N ALA F 336 21.87 -41.51 -20.98
CA ALA F 336 22.37 -42.81 -21.44
C ALA F 336 22.81 -42.74 -22.89
N VAL F 337 21.97 -42.16 -23.75
CA VAL F 337 22.29 -42.12 -25.18
C VAL F 337 23.51 -41.23 -25.43
N GLY F 338 23.57 -40.06 -24.79
CA GLY F 338 24.63 -39.10 -25.02
C GLY F 338 25.93 -39.40 -24.32
N SER F 339 25.93 -40.31 -23.35
CA SER F 339 27.16 -40.73 -22.70
C SER F 339 27.73 -42.01 -23.30
N SER F 340 26.88 -42.87 -23.87
CA SER F 340 27.31 -44.10 -24.51
C SER F 340 27.30 -43.84 -26.02
N ALA F 341 28.41 -43.34 -26.54
CA ALA F 341 28.55 -43.12 -27.97
C ALA F 341 28.63 -44.45 -28.70
N ASP F 342 28.12 -44.47 -29.93
CA ASP F 342 28.20 -45.67 -30.77
C ASP F 342 29.65 -46.09 -30.92
N LEU F 343 30.42 -45.36 -31.73
CA LEU F 343 31.87 -45.53 -31.78
C LEU F 343 32.29 -46.97 -32.01
N ALA F 344 32.39 -47.37 -33.28
CA ALA F 344 32.93 -48.67 -33.64
C ALA F 344 33.55 -48.57 -35.03
N GLN F 345 34.71 -49.19 -35.21
CA GLN F 345 35.36 -49.14 -36.50
C GLN F 345 34.49 -49.83 -37.55
N GLN F 346 34.37 -49.18 -38.71
CA GLN F 346 33.52 -49.67 -39.80
C GLN F 346 34.31 -50.21 -40.97
N PHE F 347 35.41 -49.55 -41.35
CA PHE F 347 36.25 -49.98 -42.44
C PHE F 347 37.67 -50.20 -41.92
N CYS F 348 38.45 -50.97 -42.67
CA CYS F 348 39.79 -51.33 -42.24
C CYS F 348 40.62 -51.66 -43.47
N VAL F 349 41.90 -51.97 -43.22
CA VAL F 349 42.81 -52.43 -44.26
C VAL F 349 43.38 -53.77 -43.80
N GLY F 350 42.50 -54.65 -43.34
CA GLY F 350 42.90 -55.90 -42.73
C GLY F 350 43.32 -55.81 -41.27
N ASP F 351 43.14 -54.65 -40.63
CA ASP F 351 43.56 -54.43 -39.25
C ASP F 351 42.43 -53.74 -38.49
N ASN F 352 41.60 -54.54 -37.82
CA ASN F 352 40.48 -54.01 -37.06
C ASN F 352 40.82 -53.94 -35.58
N LYS F 353 39.97 -53.24 -34.83
CA LYS F 353 40.08 -53.17 -33.38
C LYS F 353 38.90 -53.90 -32.76
N TYR F 354 39.18 -54.97 -32.02
CA TYR F 354 38.16 -55.64 -31.24
C TYR F 354 38.04 -54.91 -29.90
N THR F 355 36.81 -54.66 -29.46
CA THR F 355 36.62 -53.76 -28.34
C THR F 355 36.52 -54.44 -26.98
N PRO F 356 36.16 -55.73 -26.91
CA PRO F 356 36.21 -56.41 -25.61
C PRO F 356 37.59 -56.97 -25.31
N ASP F 357 37.97 -56.89 -24.04
CA ASP F 357 39.23 -57.44 -23.55
C ASP F 357 39.04 -57.89 -22.11
N ASP F 358 38.68 -56.95 -21.25
CA ASP F 358 38.16 -57.30 -19.92
C ASP F 358 37.22 -56.21 -19.41
N SER F 359 36.59 -55.46 -20.30
CA SER F 359 35.80 -54.27 -19.97
C SER F 359 34.89 -54.48 -18.77
N THR F 360 35.32 -53.98 -17.61
CA THR F 360 34.51 -54.07 -16.40
C THR F 360 33.66 -52.82 -16.23
N GLY F 361 33.43 -52.41 -14.98
CA GLY F 361 32.52 -51.32 -14.71
C GLY F 361 33.16 -50.06 -14.16
N GLY F 362 34.06 -49.45 -14.92
CA GLY F 362 34.60 -48.15 -14.55
C GLY F 362 35.14 -48.13 -13.14
N LEU F 363 34.79 -47.09 -12.40
CA LEU F 363 35.25 -46.91 -11.01
C LEU F 363 34.22 -47.54 -10.09
N THR F 364 34.52 -48.74 -9.60
CA THR F 364 33.62 -49.52 -8.75
C THR F 364 32.18 -49.38 -9.19
N THR F 365 31.23 -49.50 -8.25
CA THR F 365 29.85 -49.23 -8.58
C THR F 365 29.65 -47.73 -8.76
N ASN F 366 28.39 -47.33 -9.01
CA ASN F 366 28.05 -45.94 -9.25
C ASN F 366 28.73 -45.42 -10.51
N ALA F 367 29.57 -46.24 -11.17
CA ALA F 367 30.27 -45.94 -12.40
C ALA F 367 29.31 -46.05 -13.58
N PRO F 368 29.49 -45.23 -14.60
CA PRO F 368 28.51 -45.19 -15.70
C PRO F 368 28.36 -46.56 -16.34
N PRO F 369 27.14 -46.92 -16.71
CA PRO F 369 26.88 -48.25 -17.29
C PRO F 369 27.57 -48.44 -18.64
N GLN F 370 27.46 -49.67 -19.13
CA GLN F 370 28.14 -50.13 -20.34
C GLN F 370 27.57 -49.44 -21.58
N GLY F 371 26.51 -50.02 -22.12
CA GLY F 371 25.88 -49.67 -23.38
C GLY F 371 24.63 -48.85 -23.17
N ARG F 372 23.59 -49.18 -23.94
CA ARG F 372 22.33 -48.45 -23.91
C ARG F 372 21.17 -49.40 -23.61
N ASP F 373 21.39 -50.36 -22.71
CA ASP F 373 20.34 -51.30 -22.34
C ASP F 373 19.57 -50.77 -21.13
N VAL F 374 18.25 -50.88 -21.20
CA VAL F 374 17.39 -50.26 -20.19
C VAL F 374 17.61 -50.88 -18.82
N VAL F 375 17.79 -52.21 -18.76
CA VAL F 375 17.85 -52.88 -17.47
C VAL F 375 19.08 -52.43 -16.68
N GLU F 376 20.25 -52.41 -17.33
CA GLU F 376 21.47 -52.00 -16.64
C GLU F 376 21.35 -50.57 -16.14
N TRP F 377 20.83 -49.66 -16.96
CA TRP F 377 20.70 -48.27 -16.54
C TRP F 377 19.67 -48.11 -15.44
N LEU F 378 18.60 -48.90 -15.45
CA LEU F 378 17.64 -48.84 -14.35
C LEU F 378 18.27 -49.29 -13.05
N GLY F 379 19.08 -50.34 -13.09
CA GLY F 379 19.79 -50.74 -11.89
C GLY F 379 20.78 -49.69 -11.43
N TRP F 380 21.49 -49.08 -12.37
CA TRP F 380 22.44 -48.02 -12.01
C TRP F 380 21.73 -46.82 -11.39
N PHE F 381 20.56 -46.46 -11.92
CA PHE F 381 19.78 -45.38 -11.33
C PHE F 381 19.29 -45.76 -9.95
N GLU F 382 18.93 -47.03 -9.76
CA GLU F 382 18.63 -47.52 -8.44
C GLU F 382 19.80 -47.27 -7.49
N ASP F 383 21.02 -47.56 -7.96
CA ASP F 383 22.22 -47.33 -7.15
C ASP F 383 22.39 -45.86 -6.77
N GLN F 384 21.74 -44.94 -7.49
CA GLN F 384 21.78 -43.52 -7.16
C GLN F 384 20.54 -43.08 -6.39
N ASN F 385 19.97 -43.96 -5.57
CA ASN F 385 18.72 -43.70 -4.88
C ASN F 385 17.72 -42.97 -5.76
N ARG F 386 17.63 -43.36 -7.03
CA ARG F 386 16.60 -42.85 -7.95
C ARG F 386 16.66 -41.33 -8.05
N LYS F 387 17.82 -40.74 -7.83
CA LYS F 387 17.96 -39.30 -7.90
C LYS F 387 19.06 -38.96 -8.91
N PRO F 388 18.84 -38.01 -9.79
CA PRO F 388 19.85 -37.70 -10.82
C PRO F 388 21.13 -37.21 -10.18
N THR F 389 22.26 -37.71 -10.71
CA THR F 389 23.55 -37.35 -10.17
C THR F 389 23.94 -35.93 -10.62
N PRO F 390 24.91 -35.32 -9.94
CA PRO F 390 25.42 -34.02 -10.42
C PRO F 390 25.95 -34.09 -11.84
N ASP F 391 26.51 -35.22 -12.26
CA ASP F 391 27.09 -35.31 -13.60
C ASP F 391 26.00 -35.23 -14.67
N MET F 392 24.90 -35.97 -14.50
CA MET F 392 23.81 -35.91 -15.48
C MET F 392 23.10 -34.56 -15.44
N MET F 393 22.96 -33.97 -14.25
CA MET F 393 22.36 -32.64 -14.17
C MET F 393 23.23 -31.60 -14.88
N GLN F 394 24.55 -31.70 -14.71
CA GLN F 394 25.45 -30.80 -15.41
C GLN F 394 25.43 -31.05 -16.91
N TYR F 395 25.24 -32.31 -17.32
CA TYR F 395 25.08 -32.62 -18.74
C TYR F 395 23.85 -31.92 -19.31
N ALA F 396 22.71 -32.03 -18.61
CA ALA F 396 21.50 -31.35 -19.07
C ALA F 396 21.71 -29.84 -19.11
N LYS F 397 22.38 -29.29 -18.10
CA LYS F 397 22.69 -27.86 -18.10
C LYS F 397 23.49 -27.47 -19.35
N ARG F 398 24.60 -28.16 -19.59
CA ARG F 398 25.40 -27.92 -20.79
C ARG F 398 24.55 -28.04 -22.05
N ALA F 399 23.57 -28.94 -22.04
CA ALA F 399 22.75 -29.15 -23.23
C ALA F 399 21.79 -27.99 -23.47
N VAL F 400 21.19 -27.45 -22.42
CA VAL F 400 20.12 -26.47 -22.60
C VAL F 400 20.60 -25.02 -22.64
N MET F 401 21.68 -24.70 -21.92
CA MET F 401 22.18 -23.33 -21.92
C MET F 401 22.61 -22.91 -23.32
N SER F 402 22.69 -21.59 -23.53
CA SER F 402 23.06 -21.03 -24.83
C SER F 402 22.01 -21.30 -25.90
N LEU F 403 20.75 -21.46 -25.49
CA LEU F 403 19.63 -21.57 -26.43
C LEU F 403 19.02 -20.18 -26.66
N GLN F 404 19.06 -19.73 -27.91
CA GLN F 404 18.56 -18.41 -28.27
C GLN F 404 17.06 -18.30 -27.97
N GLY F 405 16.60 -17.06 -27.90
CA GLY F 405 15.19 -16.69 -27.77
C GLY F 405 14.17 -17.82 -27.89
N LEU F 406 13.75 -18.35 -26.75
CA LEU F 406 12.77 -19.42 -26.69
C LEU F 406 11.38 -18.85 -26.42
N ARG F 407 10.38 -19.35 -27.15
CA ARG F 407 9.02 -18.88 -26.96
C ARG F 407 8.40 -19.54 -25.73
N GLU F 408 7.34 -18.93 -25.21
CA GLU F 408 6.64 -19.47 -24.05
C GLU F 408 5.77 -20.64 -24.46
N LYS F 409 5.52 -21.54 -23.50
CA LYS F 409 4.73 -22.76 -23.71
C LYS F 409 5.41 -23.76 -24.63
N THR F 410 6.71 -23.65 -24.85
CA THR F 410 7.45 -24.66 -25.57
C THR F 410 8.25 -25.52 -24.58
N ILE F 411 8.59 -26.73 -25.03
CA ILE F 411 9.40 -27.60 -24.18
C ILE F 411 10.83 -27.09 -24.12
N GLY F 412 11.26 -26.30 -25.10
CA GLY F 412 12.57 -25.70 -25.03
C GLY F 412 12.70 -24.71 -23.88
N LYS F 413 11.72 -23.80 -23.77
CA LYS F 413 11.72 -22.87 -22.65
C LYS F 413 11.61 -23.61 -21.32
N TYR F 414 10.77 -24.66 -21.27
CA TYR F 414 10.67 -25.46 -20.06
C TYR F 414 12.02 -26.04 -19.67
N ALA F 415 12.72 -26.64 -20.64
CA ALA F 415 14.02 -27.26 -20.34
C ALA F 415 15.04 -26.22 -19.91
N LYS F 416 15.05 -25.07 -20.57
CA LYS F 416 15.99 -24.01 -20.18
C LYS F 416 15.72 -23.53 -18.76
N SER F 417 14.45 -23.33 -18.41
CA SER F 417 14.10 -22.92 -17.06
C SER F 417 14.40 -24.02 -16.05
N GLU F 418 14.33 -25.28 -16.47
CA GLU F 418 14.50 -26.40 -15.54
C GLU F 418 15.96 -26.70 -15.23
N PHE F 419 16.83 -26.68 -16.24
CA PHE F 419 18.19 -27.17 -16.07
C PHE F 419 19.26 -26.09 -16.08
N ASP F 420 18.92 -24.85 -16.40
CA ASP F 420 19.87 -23.75 -16.37
C ASP F 420 19.45 -22.82 -15.23
N LYS F 421 20.23 -22.84 -14.15
CA LYS F 421 19.94 -22.05 -12.95
C LYS F 421 20.75 -22.57 -11.77
C15 DV4 G . -12.33 -8.58 -2.64
C20 DV4 G . -11.45 -6.31 1.42
C21 DV4 G . -10.02 -5.92 1.73
C22 DV4 G . -9.20 -7.18 1.54
C26 DV4 G . -7.69 -9.79 0.85
C01 DV4 G . -6.88 -3.48 -9.60
C02 DV4 G . -7.53 -4.58 -8.76
C05 DV4 G . -7.86 -7.02 -8.19
C06 DV4 G . -9.16 -7.50 -8.27
C07 DV4 G . -9.31 -8.46 -7.27
C08 DV4 G . -10.58 -9.28 -7.05
C11 DV4 G . -11.91 -8.82 -4.73
C12 DV4 G . -12.40 -7.57 -4.53
C14 DV4 G . -13.13 -6.19 -2.68
C16 DV4 G . -12.42 -8.99 -1.16
C19 DV4 G . -11.57 -6.87 0.01
C25 DV4 G . -7.86 -8.72 0.01
C27 DV4 G . -6.95 -10.72 0.18
C29 DV4 G . -5.91 -10.97 -2.00
C30 DV4 G . -7.21 -9.07 -1.15
C33 DV4 G . -7.85 -9.51 -5.63
C34 DV4 G . -7.27 -7.75 -7.19
N04 DV4 G . -7.25 -5.97 -9.00
N10 DV4 G . -11.60 -9.43 -6.01
N13 DV4 G . -12.63 -7.44 -3.25
N18 DV4 G . -12.07 -8.23 0.02
N24 DV4 G . -8.61 -7.49 0.25
N28 DV4 G . -6.67 -10.27 -1.01
N31 DV4 G . -11.92 -9.42 -3.56
N32 DV4 G . -8.14 -8.59 -6.69
O03 DV4 G . -8.27 -4.26 -7.91
O09 DV4 G . -10.79 -10.02 -7.94
O17 DV4 G . -12.83 -10.06 -0.98
O23 DV4 G . -9.11 -7.89 2.46
H202 DV4 G . -11.73 -6.95 2.04
H201 DV4 G . -12.00 -5.55 1.51
H212 DV4 G . -9.73 -5.25 1.12
H211 DV4 G . -9.94 -5.61 2.61
H261 DV4 G . -8.02 -9.86 1.72
H011 DV4 G . -6.25 -3.86 -10.18
H013 DV4 G . -6.46 -2.87 -9.03
H012 DV4 G . -7.55 -3.04 -10.09
H061 DV4 G . -9.82 -7.20 -8.84
H121 DV4 G . -12.52 -6.92 -5.18
H142 DV4 G . -13.17 -5.54 -3.35
H141 DV4 G . -12.57 -5.91 -1.99
H143 DV4 G . -13.99 -6.33 -2.33
H191 DV4 G . -12.16 -6.33 -0.46
H192 DV4 G . -10.73 -6.86 -0.40
H271 DV4 G . -6.68 -11.55 0.52
H293 DV4 G . -5.40 -10.36 -2.50
H292 DV4 G . -6.48 -11.44 -2.57
H291 DV4 G . -5.33 -11.58 -1.57
H301 DV4 G . -7.16 -8.54 -1.91
H331 DV4 G . -7.00 -9.31 -5.27
H333 DV4 G . -7.85 -10.39 -5.97
H332 DV4 G . -8.50 -9.43 -4.96
H341 DV4 G . -6.39 -7.65 -6.91
H041 DV4 G . -6.70 -6.19 -9.64
H101 DV4 G . -12.20 -10.01 -6.23
H181 DV4 G . -12.20 -8.61 0.79
H241 DV4 G . -8.73 -6.93 -0.40
U IUM H . -32.45 0.25 -42.92
U IUM I . -6.00 -26.42 11.46
U IUM J . 21.23 -52.90 -6.83
U IUM K . 10.60 -41.31 14.89
U IUM L . 3.25 -43.99 -13.50
U IUM M . -35.21 20.36 -18.73
U IUM N . 3.09 -2.42 29.85
U IUM O . 13.55 -21.51 32.97
U IUM P . -21.67 44.52 -3.77
U IUM Q . 24.79 18.05 34.74
U IUM R . 30.27 -2.66 40.76
U IUM S . 2.69 63.87 -2.84
U IUM T . 52.33 30.27 24.71
U IUM U . -13.88 -7.98 -66.60
U IUM V . 41.67 -51.89 -23.20
#